data_5OAO
#
_entry.id   5OAO
#
_entity_poly.entity_id   1
_entity_poly.type   'polypeptide(L)'
_entity_poly.pdbx_seq_one_letter_code
;TTRPKSPWMPFPTLFAAISHKVAENDMLLINADYQQLRDKKMTRAEFVRKLRVIVGDDLLRSTITTLQNQPKS
;
_entity_poly.pdbx_strand_id   A
#
# COMPACT_ATOMS: atom_id res chain seq x y z
N THR A 1 8.61 -9.45 -23.05
CA THR A 1 7.21 -9.08 -23.42
C THR A 1 6.23 -9.86 -22.58
N THR A 2 6.56 -11.14 -22.30
CA THR A 2 5.68 -11.96 -21.51
C THR A 2 6.41 -12.29 -20.25
N ARG A 3 5.83 -11.88 -19.09
CA ARG A 3 6.44 -12.14 -17.81
C ARG A 3 7.84 -11.57 -17.81
N PRO A 4 7.93 -10.26 -17.85
CA PRO A 4 9.22 -9.58 -17.86
C PRO A 4 9.91 -9.63 -16.54
N LYS A 5 11.26 -9.57 -16.56
CA LYS A 5 12.02 -9.62 -15.34
C LYS A 5 12.65 -8.26 -15.17
N SER A 6 12.46 -7.65 -13.98
CA SER A 6 13.03 -6.35 -13.74
C SER A 6 13.39 -6.30 -12.28
N PRO A 7 14.55 -5.75 -11.98
CA PRO A 7 15.02 -5.62 -10.60
C PRO A 7 14.07 -4.86 -9.71
N TRP A 8 13.40 -3.83 -10.28
CA TRP A 8 12.47 -3.05 -9.52
C TRP A 8 11.17 -3.80 -9.48
N MET A 9 10.54 -3.85 -8.28
CA MET A 9 9.29 -4.55 -8.14
C MET A 9 8.20 -3.62 -8.63
N PRO A 10 7.26 -4.14 -9.39
CA PRO A 10 6.14 -3.35 -9.90
C PRO A 10 5.33 -2.72 -8.82
N PHE A 11 5.15 -3.43 -7.69
CA PHE A 11 4.38 -2.91 -6.59
C PHE A 11 5.20 -1.85 -5.90
N PRO A 12 4.53 -0.88 -5.35
CA PRO A 12 5.19 0.22 -4.65
C PRO A 12 5.83 -0.18 -3.36
N THR A 13 6.68 0.72 -2.83
CA THR A 13 7.41 0.46 -1.60
C THR A 13 6.44 0.26 -0.46
N LEU A 14 5.37 1.08 -0.40
CA LEU A 14 4.41 0.97 0.67
C LEU A 14 3.79 -0.41 0.64
N PHE A 15 3.30 -0.82 -0.54
CA PHE A 15 2.68 -2.13 -0.69
C PHE A 15 3.65 -3.22 -0.33
N ALA A 16 4.93 -3.08 -0.74
CA ALA A 16 5.92 -4.10 -0.45
C ALA A 16 6.07 -4.26 1.04
N ALA A 17 6.04 -3.15 1.80
CA ALA A 17 6.21 -3.23 3.24
C ALA A 17 5.06 -3.99 3.85
N ILE A 18 3.83 -3.69 3.40
CA ILE A 18 2.64 -4.34 3.94
C ILE A 18 2.57 -5.76 3.47
N SER A 19 2.98 -6.03 2.20
CA SER A 19 2.89 -7.36 1.64
C SER A 19 3.70 -8.34 2.47
N HIS A 20 4.87 -7.91 2.96
CA HIS A 20 5.71 -8.80 3.73
C HIS A 20 5.17 -8.93 5.14
N LYS A 21 4.10 -8.18 5.48
CA LYS A 21 3.56 -8.25 6.82
C LYS A 21 2.10 -8.61 6.75
N VAL A 22 1.61 -9.10 5.59
CA VAL A 22 0.19 -9.39 5.48
C VAL A 22 0.02 -10.65 4.66
N ALA A 23 -1.16 -11.30 4.81
CA ALA A 23 -1.44 -12.51 4.08
C ALA A 23 -1.68 -12.15 2.63
N GLU A 24 -1.37 -13.12 1.73
CA GLU A 24 -1.53 -12.91 0.31
C GLU A 24 -2.99 -12.70 -0.03
N ASN A 25 -3.89 -13.43 0.66
CA ASN A 25 -5.32 -13.31 0.35
C ASN A 25 -5.75 -11.90 0.69
N ASP A 26 -5.26 -11.37 1.83
CA ASP A 26 -5.60 -10.04 2.25
C ASP A 26 -5.12 -9.05 1.21
N MET A 27 -3.94 -9.31 0.61
CA MET A 27 -3.41 -8.40 -0.38
C MET A 27 -4.26 -8.41 -1.61
N LEU A 28 -5.03 -9.51 -1.85
CA LEU A 28 -5.87 -9.57 -3.03
C LEU A 28 -6.90 -8.47 -2.95
N LEU A 29 -7.46 -8.26 -1.74
CA LEU A 29 -8.46 -7.23 -1.56
C LEU A 29 -7.80 -5.89 -1.68
N ILE A 30 -6.58 -5.76 -1.12
CA ILE A 30 -5.87 -4.50 -1.17
C ILE A 30 -5.58 -4.17 -2.62
N ASN A 31 -5.12 -5.18 -3.39
CA ASN A 31 -4.81 -4.96 -4.80
C ASN A 31 -6.06 -4.57 -5.53
N ALA A 32 -7.22 -5.19 -5.19
CA ALA A 32 -8.45 -4.86 -5.86
C ALA A 32 -8.80 -3.42 -5.60
N ASP A 33 -8.57 -2.95 -4.35
CA ASP A 33 -8.89 -1.59 -3.98
C ASP A 33 -7.98 -0.67 -4.76
N TYR A 34 -6.71 -1.09 -4.96
CA TYR A 34 -5.75 -0.29 -5.68
C TYR A 34 -6.25 -0.06 -7.09
N GLN A 35 -6.82 -1.10 -7.73
CA GLN A 35 -7.31 -0.96 -9.07
C GLN A 35 -8.43 0.07 -9.08
N GLN A 36 -9.29 0.04 -8.04
CA GLN A 36 -10.38 1.00 -7.95
C GLN A 36 -9.80 2.37 -7.82
N LEU A 37 -8.71 2.51 -7.03
CA LEU A 37 -8.08 3.79 -6.82
C LEU A 37 -7.52 4.29 -8.14
N ARG A 38 -6.85 3.40 -8.90
CA ARG A 38 -6.26 3.78 -10.17
C ARG A 38 -7.34 4.18 -11.14
N ASP A 39 -8.48 3.48 -11.11
CA ASP A 39 -9.57 3.78 -12.01
C ASP A 39 -10.31 5.01 -11.50
N LYS A 40 -9.91 5.52 -10.32
CA LYS A 40 -10.52 6.68 -9.73
C LYS A 40 -11.94 6.35 -9.35
N LYS A 41 -12.14 5.10 -8.88
CA LYS A 41 -13.43 4.64 -8.45
C LYS A 41 -13.42 4.66 -6.96
N MET A 42 -12.27 5.02 -6.37
CA MET A 42 -12.15 5.05 -4.94
C MET A 42 -11.46 6.34 -4.58
N THR A 43 -11.92 7.00 -3.50
CA THR A 43 -11.33 8.24 -3.06
C THR A 43 -10.04 7.88 -2.36
N ARG A 44 -9.03 8.79 -2.39
CA ARG A 44 -7.75 8.49 -1.76
C ARG A 44 -7.95 8.32 -0.27
N ALA A 45 -8.82 9.16 0.33
CA ALA A 45 -9.06 9.07 1.76
C ALA A 45 -9.66 7.73 2.07
N GLU A 46 -10.58 7.26 1.20
CA GLU A 46 -11.22 5.98 1.40
C GLU A 46 -10.19 4.89 1.29
N PHE A 47 -9.22 5.04 0.35
CA PHE A 47 -8.21 4.03 0.16
C PHE A 47 -7.38 3.92 1.41
N VAL A 48 -6.95 5.07 1.97
CA VAL A 48 -6.13 5.06 3.17
C VAL A 48 -6.93 4.48 4.30
N ARG A 49 -8.22 4.86 4.41
CA ARG A 49 -9.07 4.35 5.48
C ARG A 49 -9.15 2.86 5.39
N LYS A 50 -9.43 2.33 4.19
CA LYS A 50 -9.54 0.90 4.00
C LYS A 50 -8.20 0.25 4.20
N LEU A 51 -7.11 0.90 3.75
CA LEU A 51 -5.79 0.34 3.88
C LEU A 51 -5.46 0.20 5.35
N ARG A 52 -5.78 1.25 6.15
CA ARG A 52 -5.50 1.21 7.58
C ARG A 52 -6.29 0.10 8.20
N VAL A 53 -7.55 -0.09 7.76
CA VAL A 53 -8.39 -1.13 8.31
C VAL A 53 -7.79 -2.49 7.98
N ILE A 54 -7.28 -2.64 6.75
CA ILE A 54 -6.74 -3.92 6.31
C ILE A 54 -5.44 -4.22 7.02
N VAL A 55 -4.49 -3.26 7.04
CA VAL A 55 -3.20 -3.51 7.65
C VAL A 55 -3.30 -3.44 9.15
N GLY A 56 -4.16 -2.56 9.70
CA GLY A 56 -4.25 -2.43 11.14
C GLY A 56 -3.30 -1.35 11.56
N ASP A 57 -3.64 -0.61 12.63
CA ASP A 57 -2.78 0.45 13.11
C ASP A 57 -1.45 -0.14 13.55
N ASP A 58 -1.49 -1.30 14.22
CA ASP A 58 -0.28 -1.96 14.68
C ASP A 58 0.62 -2.31 13.52
N LEU A 59 0.08 -2.36 12.29
CA LEU A 59 0.90 -2.72 11.16
C LEU A 59 1.29 -1.46 10.46
N LEU A 60 0.38 -0.45 10.50
CA LEU A 60 0.63 0.82 9.86
C LEU A 60 1.82 1.46 10.53
N ARG A 61 1.88 1.40 11.87
CA ARG A 61 2.99 2.00 12.59
C ARG A 61 4.26 1.31 12.19
N SER A 62 4.21 -0.04 12.04
CA SER A 62 5.40 -0.77 11.64
C SER A 62 5.82 -0.32 10.27
N THR A 63 4.84 -0.14 9.34
CA THR A 63 5.17 0.27 8.00
C THR A 63 5.76 1.66 8.03
N ILE A 64 5.15 2.57 8.82
CA ILE A 64 5.64 3.93 8.93
C ILE A 64 7.03 3.90 9.48
N THR A 65 7.27 3.08 10.52
CA THR A 65 8.57 3.00 11.12
C THR A 65 9.56 2.52 10.09
N THR A 66 9.18 1.52 9.28
CA THR A 66 10.08 0.99 8.27
C THR A 66 10.38 2.07 7.27
N LEU A 67 9.35 2.84 6.85
CA LEU A 67 9.54 3.90 5.88
C LEU A 67 10.47 4.94 6.44
N GLN A 68 10.36 5.25 7.75
CA GLN A 68 11.23 6.23 8.35
C GLN A 68 12.66 5.74 8.27
N ASN A 69 12.88 4.43 8.52
CA ASN A 69 14.21 3.89 8.46
C ASN A 69 14.41 3.29 7.09
N GLN A 70 14.22 4.10 6.02
CA GLN A 70 14.38 3.61 4.69
C GLN A 70 15.23 4.63 3.96
N PRO A 71 16.53 4.47 4.02
CA PRO A 71 17.46 5.39 3.37
C PRO A 71 17.67 5.07 1.92
N LYS A 72 16.60 5.19 1.11
CA LYS A 72 16.70 4.90 -0.30
C LYS A 72 16.13 6.08 -1.02
N SER A 73 16.66 6.38 -2.21
CA SER A 73 16.17 7.50 -2.97
C SER A 73 16.56 7.28 -4.44
N THR A 1 -7.30 8.58 -18.30
CA THR A 1 -6.98 8.12 -19.68
C THR A 1 -5.57 8.48 -20.04
N THR A 2 -4.74 8.77 -19.02
CA THR A 2 -3.36 9.14 -19.27
C THR A 2 -2.56 7.87 -19.38
N ARG A 3 -1.41 7.95 -20.08
CA ARG A 3 -0.57 6.79 -20.24
C ARG A 3 0.02 6.39 -18.90
N PRO A 4 0.70 7.30 -18.20
CA PRO A 4 1.26 6.97 -16.90
C PRO A 4 0.22 6.89 -15.84
N LYS A 5 0.43 6.02 -14.82
CA LYS A 5 -0.53 5.89 -13.77
C LYS A 5 0.22 6.02 -12.48
N SER A 6 -0.39 6.77 -11.51
CA SER A 6 0.22 6.98 -10.21
C SER A 6 1.64 7.47 -10.37
N PRO A 7 1.78 8.64 -10.96
CA PRO A 7 3.11 9.21 -11.17
C PRO A 7 3.76 9.67 -9.90
N TRP A 8 2.93 9.95 -8.86
CA TRP A 8 3.46 10.40 -7.59
C TRP A 8 4.24 9.28 -6.97
N MET A 9 3.70 8.03 -7.03
CA MET A 9 4.37 6.90 -6.46
C MET A 9 4.47 5.84 -7.52
N PRO A 10 5.49 5.94 -8.35
CA PRO A 10 5.70 4.97 -9.43
C PRO A 10 6.13 3.63 -8.93
N PHE A 11 6.64 3.57 -7.69
CA PHE A 11 7.10 2.31 -7.14
C PHE A 11 6.24 2.05 -5.92
N PRO A 12 5.73 0.84 -5.82
CA PRO A 12 4.87 0.47 -4.70
C PRO A 12 5.64 0.11 -3.46
N THR A 13 6.32 1.12 -2.86
CA THR A 13 7.10 0.89 -1.67
C THR A 13 6.21 0.53 -0.52
N LEU A 14 5.07 1.24 -0.35
CA LEU A 14 4.18 0.97 0.76
C LEU A 14 3.62 -0.42 0.64
N PHE A 15 3.16 -0.78 -0.58
CA PHE A 15 2.57 -2.08 -0.79
C PHE A 15 3.59 -3.15 -0.51
N ALA A 16 4.85 -2.96 -0.94
CA ALA A 16 5.87 -3.95 -0.69
C ALA A 16 6.07 -4.13 0.80
N ALA A 17 6.04 -3.02 1.55
CA ALA A 17 6.25 -3.10 2.98
C ALA A 17 5.11 -3.84 3.63
N ILE A 18 3.87 -3.50 3.22
CA ILE A 18 2.69 -4.12 3.78
C ILE A 18 2.59 -5.56 3.33
N SER A 19 2.95 -5.84 2.06
CA SER A 19 2.83 -7.16 1.49
C SER A 19 3.65 -8.16 2.29
N HIS A 20 4.83 -7.73 2.78
CA HIS A 20 5.70 -8.62 3.52
C HIS A 20 5.02 -9.17 4.76
N LYS A 21 4.22 -8.34 5.48
CA LYS A 21 3.62 -8.81 6.72
C LYS A 21 2.16 -9.17 6.51
N VAL A 22 1.47 -8.49 5.58
CA VAL A 22 0.06 -8.76 5.36
C VAL A 22 -0.12 -10.13 4.74
N ALA A 23 -1.32 -10.72 4.95
CA ALA A 23 -1.63 -12.02 4.39
C ALA A 23 -1.84 -11.84 2.91
N GLU A 24 -1.59 -12.92 2.14
CA GLU A 24 -1.73 -12.85 0.70
C GLU A 24 -3.17 -12.59 0.32
N ASN A 25 -4.14 -13.20 1.03
CA ASN A 25 -5.53 -12.99 0.68
C ASN A 25 -5.93 -11.57 0.98
N ASP A 26 -5.40 -11.02 2.10
CA ASP A 26 -5.70 -9.66 2.48
C ASP A 26 -5.14 -8.73 1.43
N MET A 27 -3.96 -9.09 0.89
CA MET A 27 -3.30 -8.28 -0.11
C MET A 27 -4.14 -8.24 -1.36
N LEU A 28 -4.94 -9.31 -1.62
CA LEU A 28 -5.77 -9.35 -2.81
C LEU A 28 -6.76 -8.24 -2.75
N LEU A 29 -7.33 -8.00 -1.55
CA LEU A 29 -8.33 -6.98 -1.40
C LEU A 29 -7.67 -5.63 -1.56
N ILE A 30 -6.44 -5.49 -1.02
CA ILE A 30 -5.73 -4.24 -1.10
C ILE A 30 -5.47 -3.95 -2.56
N ASN A 31 -5.00 -4.97 -3.32
CA ASN A 31 -4.72 -4.79 -4.73
C ASN A 31 -5.98 -4.41 -5.46
N ALA A 32 -7.12 -5.08 -5.14
CA ALA A 32 -8.37 -4.80 -5.81
C ALA A 32 -8.77 -3.36 -5.53
N ASP A 33 -8.56 -2.89 -4.29
CA ASP A 33 -8.94 -1.53 -3.94
C ASP A 33 -8.08 -0.57 -4.71
N TYR A 34 -6.79 -0.92 -4.88
CA TYR A 34 -5.87 -0.05 -5.59
C TYR A 34 -6.34 0.10 -7.03
N GLN A 35 -6.88 -0.98 -7.63
CA GLN A 35 -7.35 -0.90 -9.01
C GLN A 35 -8.50 0.08 -9.05
N GLN A 36 -9.36 0.07 -8.01
CA GLN A 36 -10.49 0.98 -7.96
C GLN A 36 -9.96 2.39 -7.93
N LEU A 37 -8.86 2.60 -7.17
CA LEU A 37 -8.27 3.91 -7.06
C LEU A 37 -7.75 4.36 -8.41
N ARG A 38 -7.07 3.45 -9.15
CA ARG A 38 -6.52 3.81 -10.44
C ARG A 38 -7.63 4.15 -11.40
N ASP A 39 -8.76 3.41 -11.33
CA ASP A 39 -9.86 3.65 -12.21
C ASP A 39 -10.64 4.86 -11.74
N LYS A 40 -10.25 5.41 -10.56
CA LYS A 40 -10.92 6.57 -10.01
C LYS A 40 -12.32 6.18 -9.65
N LYS A 41 -12.46 4.94 -9.15
CA LYS A 41 -13.75 4.42 -8.75
C LYS A 41 -13.83 4.52 -7.26
N MET A 42 -12.72 4.96 -6.63
CA MET A 42 -12.70 5.06 -5.19
C MET A 42 -11.88 6.27 -4.84
N THR A 43 -12.29 6.97 -3.76
CA THR A 43 -11.60 8.18 -3.33
C THR A 43 -10.32 7.77 -2.64
N ARG A 44 -9.30 8.66 -2.68
CA ARG A 44 -8.02 8.38 -2.07
C ARG A 44 -8.20 8.21 -0.57
N ALA A 45 -9.08 9.03 0.04
CA ALA A 45 -9.31 8.95 1.46
C ALA A 45 -9.86 7.58 1.78
N GLU A 46 -10.76 7.07 0.91
CA GLU A 46 -11.35 5.77 1.13
C GLU A 46 -10.28 4.72 1.02
N PHE A 47 -9.31 4.92 0.10
CA PHE A 47 -8.24 3.95 -0.07
C PHE A 47 -7.44 3.88 1.21
N VAL A 48 -7.07 5.05 1.76
CA VAL A 48 -6.30 5.09 2.99
C VAL A 48 -7.09 4.46 4.10
N ARG A 49 -8.40 4.79 4.17
CA ARG A 49 -9.25 4.25 5.21
C ARG A 49 -9.25 2.74 5.15
N LYS A 50 -9.47 2.19 3.95
CA LYS A 50 -9.51 0.75 3.80
C LYS A 50 -8.14 0.17 4.01
N LEU A 51 -7.08 0.88 3.56
CA LEU A 51 -5.73 0.39 3.71
C LEU A 51 -5.42 0.28 5.18
N ARG A 52 -5.80 1.31 5.96
CA ARG A 52 -5.53 1.30 7.39
C ARG A 52 -6.27 0.15 8.03
N VAL A 53 -7.51 -0.10 7.59
CA VAL A 53 -8.31 -1.17 8.15
C VAL A 53 -7.66 -2.49 7.84
N ILE A 54 -7.16 -2.66 6.59
CA ILE A 54 -6.58 -3.91 6.17
C ILE A 54 -5.25 -4.10 6.86
N VAL A 55 -4.38 -3.06 6.80
CA VAL A 55 -3.06 -3.13 7.38
C VAL A 55 -3.13 -3.27 8.87
N GLY A 56 -4.01 -2.48 9.53
CA GLY A 56 -4.07 -2.51 10.97
C GLY A 56 -3.12 -1.46 11.47
N ASP A 57 -3.54 -0.66 12.45
CA ASP A 57 -2.69 0.40 12.97
C ASP A 57 -1.44 -0.20 13.57
N ASP A 58 -1.58 -1.32 14.31
CA ASP A 58 -0.43 -1.97 14.92
C ASP A 58 0.55 -2.44 13.88
N LEU A 59 0.10 -2.61 12.61
CA LEU A 59 0.99 -3.09 11.58
C LEU A 59 1.48 -1.88 10.81
N LEU A 60 0.62 -0.84 10.72
CA LEU A 60 0.95 0.37 10.00
C LEU A 60 2.12 1.02 10.68
N ARG A 61 2.15 0.99 12.03
CA ARG A 61 3.24 1.60 12.76
C ARG A 61 4.53 0.94 12.36
N SER A 62 4.51 -0.40 12.19
CA SER A 62 5.72 -1.10 11.79
C SER A 62 6.14 -0.62 10.43
N THR A 63 5.17 -0.45 9.50
CA THR A 63 5.48 0.02 8.15
C THR A 63 6.07 1.40 8.24
N ILE A 64 5.45 2.29 9.05
CA ILE A 64 5.93 3.65 9.20
C ILE A 64 7.33 3.62 9.76
N THR A 65 7.56 2.76 10.77
CA THR A 65 8.87 2.67 11.40
C THR A 65 9.89 2.27 10.36
N THR A 66 9.56 1.30 9.48
CA THR A 66 10.49 0.87 8.46
C THR A 66 10.76 2.01 7.52
N LEU A 67 9.71 2.76 7.14
CA LEU A 67 9.86 3.87 6.22
C LEU A 67 10.79 4.91 6.82
N GLN A 68 10.67 5.17 8.13
CA GLN A 68 11.52 6.16 8.77
C GLN A 68 12.96 5.75 8.65
N ASN A 69 13.26 4.44 8.79
CA ASN A 69 14.63 3.99 8.70
C ASN A 69 14.97 3.63 7.27
N GLN A 70 14.05 3.93 6.31
CA GLN A 70 14.31 3.61 4.93
C GLN A 70 14.61 4.91 4.22
N PRO A 71 15.87 5.10 3.86
CA PRO A 71 16.28 6.30 3.16
C PRO A 71 16.01 6.23 1.68
N LYS A 72 14.71 6.17 1.32
CA LYS A 72 14.33 6.10 -0.07
C LYS A 72 14.77 7.36 -0.76
N SER A 73 14.57 8.52 -0.10
CA SER A 73 14.97 9.77 -0.71
C SER A 73 16.50 9.85 -0.65
N THR A 1 8.84 -11.68 -24.91
CA THR A 1 10.11 -11.24 -24.24
C THR A 1 10.10 -11.64 -22.80
N THR A 2 8.90 -11.62 -22.17
CA THR A 2 8.79 -11.99 -20.78
C THR A 2 7.40 -12.50 -20.58
N ARG A 3 7.23 -13.40 -19.59
CA ARG A 3 5.92 -13.94 -19.31
C ARG A 3 5.13 -12.89 -18.58
N PRO A 4 3.84 -12.91 -18.78
CA PRO A 4 2.95 -11.95 -18.14
C PRO A 4 2.59 -12.36 -16.75
N LYS A 5 3.56 -12.26 -15.82
CA LYS A 5 3.32 -12.63 -14.45
C LYS A 5 3.62 -11.43 -13.61
N SER A 6 2.87 -11.28 -12.50
CA SER A 6 3.08 -10.15 -11.61
C SER A 6 4.37 -10.39 -10.88
N PRO A 7 5.05 -9.32 -10.54
CA PRO A 7 6.32 -9.42 -9.84
C PRO A 7 6.16 -9.85 -8.40
N TRP A 8 7.17 -10.57 -7.88
CA TRP A 8 7.13 -11.04 -6.51
C TRP A 8 7.27 -9.84 -5.61
N MET A 9 8.11 -8.87 -6.02
CA MET A 9 8.33 -7.69 -5.21
C MET A 9 7.54 -6.57 -5.85
N PRO A 10 6.56 -6.04 -5.14
CA PRO A 10 5.75 -4.96 -5.64
C PRO A 10 6.50 -3.66 -5.71
N PHE A 11 6.12 -2.79 -6.66
CA PHE A 11 6.80 -1.52 -6.84
C PHE A 11 6.59 -0.62 -5.62
N PRO A 12 5.35 -0.44 -5.17
CA PRO A 12 5.10 0.42 -4.01
C PRO A 12 5.81 -0.01 -2.76
N THR A 13 6.34 0.97 -2.01
CA THR A 13 7.07 0.68 -0.80
C THR A 13 6.11 0.22 0.27
N LEU A 14 4.89 0.80 0.31
CA LEU A 14 3.91 0.41 1.30
C LEU A 14 3.53 -1.02 1.09
N PHE A 15 3.22 -1.39 -0.18
CA PHE A 15 2.81 -2.74 -0.49
C PHE A 15 3.90 -3.70 -0.11
N ALA A 16 5.17 -3.35 -0.41
CA ALA A 16 6.26 -4.23 -0.08
C ALA A 16 6.36 -4.45 1.41
N ALA A 17 6.16 -3.39 2.22
CA ALA A 17 6.28 -3.54 3.66
C ALA A 17 5.14 -4.36 4.19
N ILE A 18 3.92 -4.07 3.71
CA ILE A 18 2.73 -4.74 4.16
C ILE A 18 2.67 -6.16 3.65
N SER A 19 3.09 -6.41 2.40
CA SER A 19 3.00 -7.75 1.82
C SER A 19 3.75 -8.74 2.68
N HIS A 20 4.91 -8.34 3.21
CA HIS A 20 5.70 -9.24 4.03
C HIS A 20 4.91 -9.63 5.27
N LYS A 21 4.18 -8.67 5.87
CA LYS A 21 3.46 -8.93 7.10
C LYS A 21 1.98 -9.00 6.87
N VAL A 22 1.51 -9.57 5.74
CA VAL A 22 0.09 -9.64 5.52
C VAL A 22 -0.21 -10.89 4.73
N ALA A 23 -1.48 -11.37 4.83
CA ALA A 23 -1.88 -12.56 4.12
C ALA A 23 -2.03 -12.22 2.66
N GLU A 24 -1.77 -13.22 1.79
CA GLU A 24 -1.86 -13.04 0.36
C GLU A 24 -3.28 -12.73 -0.04
N ASN A 25 -4.28 -13.36 0.63
CA ASN A 25 -5.66 -13.13 0.27
C ASN A 25 -5.99 -11.69 0.56
N ASP A 26 -5.45 -11.16 1.67
CA ASP A 26 -5.70 -9.79 2.05
C ASP A 26 -5.16 -8.87 0.98
N MET A 27 -4.01 -9.24 0.36
CA MET A 27 -3.41 -8.41 -0.66
C MET A 27 -4.32 -8.39 -1.86
N LEU A 28 -5.12 -9.45 -2.07
CA LEU A 28 -6.00 -9.49 -3.23
C LEU A 28 -7.00 -8.37 -3.09
N LEU A 29 -7.52 -8.15 -1.87
CA LEU A 29 -8.48 -7.10 -1.64
C LEU A 29 -7.80 -5.77 -1.77
N ILE A 30 -6.56 -5.67 -1.24
CA ILE A 30 -5.83 -4.42 -1.30
C ILE A 30 -5.56 -4.08 -2.74
N ASN A 31 -5.13 -5.09 -3.54
CA ASN A 31 -4.85 -4.87 -4.94
C ASN A 31 -6.11 -4.45 -5.64
N ALA A 32 -7.26 -5.07 -5.31
CA ALA A 32 -8.51 -4.71 -5.93
C ALA A 32 -8.85 -3.28 -5.61
N ASP A 33 -8.58 -2.86 -4.35
CA ASP A 33 -8.89 -1.50 -3.95
C ASP A 33 -7.97 -0.57 -4.71
N TYR A 34 -6.70 -1.00 -4.91
CA TYR A 34 -5.74 -0.20 -5.62
C TYR A 34 -6.23 0.01 -7.03
N GLN A 35 -6.81 -1.04 -7.65
CA GLN A 35 -7.31 -0.94 -8.99
C GLN A 35 -8.42 0.09 -9.02
N GLN A 36 -9.27 0.07 -7.98
CA GLN A 36 -10.37 1.02 -7.88
C GLN A 36 -9.78 2.41 -7.77
N LEU A 37 -8.69 2.55 -7.01
CA LEU A 37 -8.05 3.84 -6.83
C LEU A 37 -7.53 4.33 -8.16
N ARG A 38 -6.87 3.43 -8.94
CA ARG A 38 -6.32 3.82 -10.23
C ARG A 38 -7.43 4.22 -11.16
N ASP A 39 -8.57 3.49 -11.10
CA ASP A 39 -9.68 3.79 -11.98
C ASP A 39 -10.42 5.00 -11.45
N LYS A 40 -9.99 5.51 -10.27
CA LYS A 40 -10.62 6.68 -9.67
C LYS A 40 -12.02 6.32 -9.28
N LYS A 41 -12.20 5.07 -8.81
CA LYS A 41 -13.48 4.60 -8.39
C LYS A 41 -13.47 4.62 -6.88
N MET A 42 -12.31 4.99 -6.30
CA MET A 42 -12.18 5.03 -4.87
C MET A 42 -11.44 6.30 -4.54
N THR A 43 -11.86 6.97 -3.44
CA THR A 43 -11.22 8.19 -3.02
C THR A 43 -9.93 7.80 -2.35
N ARG A 44 -8.89 8.68 -2.42
CA ARG A 44 -7.61 8.36 -1.83
C ARG A 44 -7.78 8.19 -0.34
N ALA A 45 -8.59 9.07 0.29
CA ALA A 45 -8.81 8.98 1.71
C ALA A 45 -9.44 7.65 2.04
N GLU A 46 -10.39 7.21 1.19
CA GLU A 46 -11.06 5.94 1.41
C GLU A 46 -10.07 4.83 1.28
N PHE A 47 -9.12 4.95 0.32
CA PHE A 47 -8.13 3.92 0.10
C PHE A 47 -7.29 3.81 1.35
N VAL A 48 -6.82 4.96 1.88
CA VAL A 48 -5.99 4.95 3.07
C VAL A 48 -6.79 4.38 4.22
N ARG A 49 -8.06 4.79 4.35
CA ARG A 49 -8.91 4.31 5.43
C ARG A 49 -9.00 2.80 5.36
N LYS A 50 -9.30 2.27 4.16
CA LYS A 50 -9.43 0.85 3.99
C LYS A 50 -8.09 0.19 4.17
N LEU A 51 -7.00 0.82 3.70
CA LEU A 51 -5.69 0.25 3.83
C LEU A 51 -5.36 0.11 5.29
N ARG A 52 -5.66 1.17 6.09
CA ARG A 52 -5.37 1.14 7.51
C ARG A 52 -6.16 0.02 8.15
N VAL A 53 -7.42 -0.17 7.72
CA VAL A 53 -8.26 -1.21 8.28
C VAL A 53 -7.66 -2.56 7.93
N ILE A 54 -7.16 -2.72 6.69
CA ILE A 54 -6.63 -3.99 6.25
C ILE A 54 -5.34 -4.30 6.96
N VAL A 55 -4.39 -3.34 6.99
CA VAL A 55 -3.10 -3.60 7.60
C VAL A 55 -3.19 -3.53 9.10
N GLY A 56 -4.06 -2.66 9.65
CA GLY A 56 -4.16 -2.55 11.10
C GLY A 56 -3.23 -1.45 11.53
N ASP A 57 -3.59 -0.72 12.60
CA ASP A 57 -2.75 0.37 13.07
C ASP A 57 -1.42 -0.19 13.52
N ASP A 58 -1.43 -1.37 14.19
CA ASP A 58 -0.20 -1.99 14.65
C ASP A 58 0.72 -2.31 13.49
N LEU A 59 0.19 -2.36 12.25
CA LEU A 59 1.04 -2.70 11.13
C LEU A 59 1.36 -1.41 10.42
N LEU A 60 0.42 -0.44 10.50
CA LEU A 60 0.62 0.84 9.87
C LEU A 60 1.79 1.52 10.53
N ARG A 61 1.83 1.47 11.88
CA ARG A 61 2.91 2.10 12.60
C ARG A 61 4.21 1.45 12.23
N SER A 62 4.21 0.11 12.08
CA SER A 62 5.43 -0.59 11.71
C SER A 62 5.83 -0.16 10.32
N THR A 63 4.85 -0.01 9.41
CA THR A 63 5.15 0.40 8.04
C THR A 63 5.70 1.80 8.06
N ILE A 64 5.06 2.70 8.84
CA ILE A 64 5.52 4.08 8.92
C ILE A 64 6.93 4.10 9.48
N THR A 65 7.17 3.30 10.52
CA THR A 65 8.49 3.25 11.14
C THR A 65 9.49 2.80 10.10
N THR A 66 9.13 1.80 9.26
CA THR A 66 10.03 1.31 8.25
C THR A 66 10.29 2.41 7.24
N LEU A 67 9.23 3.14 6.84
CA LEU A 67 9.37 4.20 5.85
C LEU A 67 10.28 5.28 6.39
N GLN A 68 10.18 5.60 7.70
CA GLN A 68 11.02 6.62 8.27
C GLN A 68 12.47 6.23 8.14
N ASN A 69 12.79 4.93 8.30
CA ASN A 69 14.16 4.50 8.21
C ASN A 69 14.53 4.28 6.77
N GLN A 70 14.13 3.11 6.20
CA GLN A 70 14.46 2.78 4.81
C GLN A 70 15.96 2.83 4.65
N PRO A 71 16.65 1.90 5.28
CA PRO A 71 18.11 1.86 5.20
C PRO A 71 18.61 1.42 3.85
N LYS A 72 19.83 1.86 3.50
CA LYS A 72 20.39 1.50 2.23
C LYS A 72 21.04 0.15 2.37
N SER A 73 20.66 -0.79 1.49
CA SER A 73 21.23 -2.11 1.55
C SER A 73 22.61 -2.06 0.90
N THR A 1 21.57 -8.15 5.98
CA THR A 1 22.33 -7.78 4.75
C THR A 1 22.16 -8.83 3.68
N THR A 2 21.28 -9.82 3.93
CA THR A 2 21.04 -10.87 2.97
C THR A 2 20.15 -10.33 1.89
N ARG A 3 20.11 -11.03 0.74
CA ARG A 3 19.29 -10.60 -0.36
C ARG A 3 17.84 -10.84 0.01
N PRO A 4 16.97 -10.00 -0.48
CA PRO A 4 15.55 -10.10 -0.20
C PRO A 4 14.86 -11.07 -1.11
N LYS A 5 14.97 -12.38 -0.80
CA LYS A 5 14.34 -13.38 -1.61
C LYS A 5 12.87 -13.34 -1.31
N SER A 6 12.06 -13.13 -2.38
CA SER A 6 10.63 -13.07 -2.19
C SER A 6 10.02 -13.37 -3.53
N PRO A 7 8.96 -14.16 -3.54
CA PRO A 7 8.29 -14.51 -4.77
C PRO A 7 7.59 -13.34 -5.41
N TRP A 8 7.20 -12.36 -4.58
CA TRP A 8 6.54 -11.19 -5.09
C TRP A 8 7.28 -10.00 -4.54
N MET A 9 7.46 -8.97 -5.39
CA MET A 9 8.17 -7.79 -4.96
C MET A 9 7.45 -6.61 -5.55
N PRO A 10 6.46 -6.11 -4.82
CA PRO A 10 5.68 -4.97 -5.27
C PRO A 10 6.52 -3.73 -5.47
N PHE A 11 6.19 -2.95 -6.53
CA PHE A 11 6.94 -1.74 -6.81
C PHE A 11 6.79 -0.75 -5.68
N PRO A 12 5.57 -0.48 -5.21
CA PRO A 12 5.38 0.48 -4.12
C PRO A 12 6.08 0.06 -2.85
N THR A 13 6.68 1.04 -2.15
CA THR A 13 7.39 0.76 -0.93
C THR A 13 6.43 0.40 0.16
N LEU A 14 5.23 1.04 0.16
CA LEU A 14 4.27 0.75 1.20
C LEU A 14 3.74 -0.65 1.00
N PHE A 15 3.32 -0.98 -0.24
CA PHE A 15 2.79 -2.29 -0.52
C PHE A 15 3.81 -3.35 -0.19
N ALA A 16 5.08 -3.12 -0.56
CA ALA A 16 6.11 -4.09 -0.27
C ALA A 16 6.24 -4.29 1.22
N ALA A 17 6.16 -3.19 2.00
CA ALA A 17 6.31 -3.30 3.44
C ALA A 17 5.14 -4.07 4.02
N ILE A 18 3.91 -3.75 3.56
CA ILE A 18 2.73 -4.41 4.07
C ILE A 18 2.69 -5.85 3.60
N SER A 19 3.10 -6.09 2.32
CA SER A 19 3.05 -7.43 1.76
C SER A 19 3.85 -8.39 2.58
N HIS A 20 5.00 -7.94 3.11
CA HIS A 20 5.84 -8.82 3.90
C HIS A 20 5.11 -9.26 5.15
N LYS A 21 4.31 -8.36 5.76
CA LYS A 21 3.63 -8.69 6.99
C LYS A 21 2.14 -8.78 6.78
N VAL A 22 1.68 -9.31 5.63
CA VAL A 22 0.25 -9.41 5.42
C VAL A 22 -0.03 -10.68 4.66
N ALA A 23 -1.27 -11.21 4.81
CA ALA A 23 -1.65 -12.42 4.13
C ALA A 23 -1.83 -12.11 2.67
N GLU A 24 -1.57 -13.12 1.81
CA GLU A 24 -1.68 -12.96 0.38
C GLU A 24 -3.12 -12.67 0.02
N ASN A 25 -4.07 -13.36 0.68
CA ASN A 25 -5.48 -13.17 0.37
C ASN A 25 -5.87 -11.76 0.70
N ASP A 26 -5.35 -11.22 1.82
CA ASP A 26 -5.66 -9.87 2.22
C ASP A 26 -5.20 -8.90 1.17
N MET A 27 -4.04 -9.18 0.54
CA MET A 27 -3.52 -8.30 -0.48
C MET A 27 -4.41 -8.31 -1.69
N LEU A 28 -5.20 -9.40 -1.90
CA LEU A 28 -6.06 -9.46 -3.05
C LEU A 28 -7.07 -8.35 -2.96
N LEU A 29 -7.62 -8.11 -1.75
CA LEU A 29 -8.60 -7.06 -1.56
C LEU A 29 -7.92 -5.73 -1.72
N ILE A 30 -6.69 -5.61 -1.19
CA ILE A 30 -5.96 -4.36 -1.28
C ILE A 30 -5.70 -4.05 -2.74
N ASN A 31 -5.25 -5.06 -3.51
CA ASN A 31 -4.97 -4.87 -4.92
C ASN A 31 -6.23 -4.49 -5.65
N ALA A 32 -7.37 -5.12 -5.28
CA ALA A 32 -8.62 -4.82 -5.93
C ALA A 32 -8.98 -3.38 -5.69
N ASP A 33 -8.74 -2.89 -4.44
CA ASP A 33 -9.06 -1.53 -4.11
C ASP A 33 -8.14 -0.61 -4.87
N TYR A 34 -6.87 -1.03 -5.05
CA TYR A 34 -5.90 -0.22 -5.77
C TYR A 34 -6.37 -0.01 -7.18
N GLN A 35 -6.95 -1.06 -7.81
CA GLN A 35 -7.44 -0.92 -9.18
C GLN A 35 -8.55 0.10 -9.18
N GLN A 36 -9.41 0.08 -8.14
CA GLN A 36 -10.50 1.02 -8.04
C GLN A 36 -9.91 2.40 -7.90
N LEU A 37 -8.80 2.54 -7.14
CA LEU A 37 -8.16 3.82 -6.95
C LEU A 37 -7.64 4.32 -8.28
N ARG A 38 -7.00 3.42 -9.07
CA ARG A 38 -6.44 3.79 -10.36
C ARG A 38 -7.56 4.22 -11.28
N ASP A 39 -8.71 3.53 -11.20
CA ASP A 39 -9.83 3.84 -12.05
C ASP A 39 -10.53 5.07 -11.55
N LYS A 40 -10.07 5.61 -10.39
CA LYS A 40 -10.67 6.80 -9.81
C LYS A 40 -12.06 6.45 -9.36
N LYS A 41 -12.22 5.20 -8.89
CA LYS A 41 -13.49 4.73 -8.42
C LYS A 41 -13.44 4.69 -6.92
N MET A 42 -12.25 5.01 -6.35
CA MET A 42 -12.10 4.99 -4.92
C MET A 42 -11.49 6.31 -4.52
N THR A 43 -12.01 6.90 -3.41
CA THR A 43 -11.48 8.16 -2.93
C THR A 43 -10.15 7.84 -2.31
N ARG A 44 -9.17 8.78 -2.40
CA ARG A 44 -7.86 8.51 -1.86
C ARG A 44 -7.95 8.32 -0.37
N ALA A 45 -8.77 9.16 0.31
CA ALA A 45 -8.93 9.06 1.74
C ALA A 45 -9.58 7.75 2.08
N GLU A 46 -10.56 7.33 1.26
CA GLU A 46 -11.27 6.10 1.50
C GLU A 46 -10.31 4.94 1.30
N PHE A 47 -9.42 5.06 0.29
CA PHE A 47 -8.46 4.00 0.02
C PHE A 47 -7.56 3.85 1.22
N VAL A 48 -7.05 4.98 1.74
CA VAL A 48 -6.16 4.96 2.88
C VAL A 48 -6.90 4.38 4.06
N ARG A 49 -8.18 4.76 4.25
CA ARG A 49 -8.96 4.25 5.36
C ARG A 49 -9.02 2.75 5.28
N LYS A 50 -9.36 2.21 4.10
CA LYS A 50 -9.45 0.78 3.93
C LYS A 50 -8.10 0.15 4.08
N LEU A 51 -7.04 0.80 3.57
CA LEU A 51 -5.70 0.26 3.65
C LEU A 51 -5.32 0.13 5.11
N ARG A 52 -5.61 1.19 5.91
CA ARG A 52 -5.27 1.17 7.32
C ARG A 52 -6.04 0.08 8.01
N VAL A 53 -7.32 -0.11 7.62
CA VAL A 53 -8.14 -1.14 8.23
C VAL A 53 -7.55 -2.51 7.91
N ILE A 54 -7.09 -2.69 6.66
CA ILE A 54 -6.57 -3.98 6.24
C ILE A 54 -5.25 -4.28 6.93
N VAL A 55 -4.30 -3.32 6.93
CA VAL A 55 -3.01 -3.57 7.54
C VAL A 55 -3.11 -3.50 9.04
N GLY A 56 -3.98 -2.62 9.58
CA GLY A 56 -4.08 -2.49 11.02
C GLY A 56 -3.16 -1.41 11.45
N ASP A 57 -3.58 -0.59 12.44
CA ASP A 57 -2.75 0.50 12.92
C ASP A 57 -1.48 -0.04 13.53
N ASP A 58 -1.59 -1.17 14.28
CA ASP A 58 -0.44 -1.78 14.92
C ASP A 58 0.59 -2.20 13.90
N LEU A 59 0.18 -2.38 12.62
CA LEU A 59 1.13 -2.82 11.63
C LEU A 59 1.52 -1.63 10.80
N LEU A 60 0.60 -0.67 10.67
CA LEU A 60 0.86 0.52 9.91
C LEU A 60 1.99 1.25 10.58
N ARG A 61 1.98 1.26 11.93
CA ARG A 61 3.02 1.94 12.69
C ARG A 61 4.35 1.32 12.34
N SER A 62 4.40 -0.04 12.26
CA SER A 62 5.64 -0.71 11.93
C SER A 62 6.07 -0.30 10.54
N THR A 63 5.10 -0.23 9.59
CA THR A 63 5.43 0.15 8.23
C THR A 63 5.98 1.56 8.22
N ILE A 64 5.29 2.48 8.93
CA ILE A 64 5.72 3.86 8.98
C ILE A 64 7.09 3.94 9.60
N THR A 65 7.29 3.20 10.71
CA THR A 65 8.57 3.22 11.40
C THR A 65 9.65 2.73 10.47
N THR A 66 9.37 1.65 9.71
CA THR A 66 10.36 1.11 8.81
C THR A 66 10.68 2.12 7.74
N LEU A 67 9.63 2.79 7.19
CA LEU A 67 9.83 3.76 6.12
C LEU A 67 10.69 4.89 6.63
N GLN A 68 10.51 5.31 7.89
CA GLN A 68 11.29 6.40 8.44
C GLN A 68 12.75 6.01 8.44
N ASN A 69 13.05 4.72 8.71
CA ASN A 69 14.42 4.27 8.76
C ASN A 69 14.93 3.99 7.36
N GLN A 70 14.08 4.15 6.31
CA GLN A 70 14.53 3.90 4.97
C GLN A 70 15.13 5.19 4.45
N PRO A 71 16.11 5.06 3.57
CA PRO A 71 16.76 6.21 3.00
C PRO A 71 15.98 6.80 1.85
N LYS A 72 14.80 7.38 2.16
CA LYS A 72 13.97 7.97 1.16
C LYS A 72 14.70 9.15 0.55
N SER A 73 15.40 9.92 1.41
CA SER A 73 16.15 11.07 0.94
C SER A 73 15.18 12.02 0.23
N THR A 1 -0.75 30.02 1.60
CA THR A 1 -1.74 30.49 0.60
C THR A 1 -2.10 29.41 -0.36
N THR A 2 -1.54 28.19 -0.15
CA THR A 2 -1.83 27.10 -1.02
C THR A 2 -2.10 25.88 -0.19
N ARG A 3 -3.11 25.09 -0.62
CA ARG A 3 -3.46 23.89 0.08
C ARG A 3 -2.69 22.75 -0.53
N PRO A 4 -1.83 22.12 0.26
CA PRO A 4 -1.03 20.98 -0.22
C PRO A 4 -1.87 19.83 -0.68
N LYS A 5 -1.39 19.11 -1.72
CA LYS A 5 -2.13 17.98 -2.24
C LYS A 5 -1.19 16.81 -2.24
N SER A 6 -1.74 15.60 -2.01
CA SER A 6 -0.91 14.41 -2.00
C SER A 6 -0.57 14.07 -3.42
N PRO A 7 0.60 13.49 -3.61
CA PRO A 7 1.06 13.09 -4.93
C PRO A 7 0.34 11.90 -5.48
N TRP A 8 0.25 11.83 -6.82
CA TRP A 8 -0.42 10.73 -7.47
C TRP A 8 0.61 9.67 -7.79
N MET A 9 1.90 9.94 -7.47
CA MET A 9 2.95 9.00 -7.76
C MET A 9 2.80 7.82 -6.83
N PRO A 10 2.67 6.63 -7.38
CA PRO A 10 2.53 5.40 -6.59
C PRO A 10 3.74 5.14 -5.73
N PHE A 11 3.51 4.51 -4.55
CA PHE A 11 4.60 4.21 -3.66
C PHE A 11 4.59 2.72 -3.41
N PRO A 12 5.28 1.98 -4.25
CA PRO A 12 5.36 0.53 -4.11
C PRO A 12 6.12 0.10 -2.89
N THR A 13 6.93 1.05 -2.34
CA THR A 13 7.71 0.77 -1.16
C THR A 13 6.76 0.52 -0.02
N LEU A 14 5.68 1.34 0.05
CA LEU A 14 4.72 1.20 1.12
C LEU A 14 4.07 -0.16 1.03
N PHE A 15 3.59 -0.54 -0.19
CA PHE A 15 2.96 -1.82 -0.38
C PHE A 15 3.91 -2.93 -0.05
N ALA A 16 5.19 -2.80 -0.48
CA ALA A 16 6.16 -3.84 -0.20
C ALA A 16 6.31 -4.02 1.30
N ALA A 17 6.28 -2.92 2.06
CA ALA A 17 6.44 -3.02 3.50
C ALA A 17 5.27 -3.79 4.09
N ILE A 18 4.04 -3.48 3.62
CA ILE A 18 2.85 -4.15 4.13
C ILE A 18 2.84 -5.58 3.65
N SER A 19 3.29 -5.82 2.40
CA SER A 19 3.28 -7.14 1.81
C SER A 19 4.03 -8.11 2.69
N HIS A 20 5.14 -7.69 3.28
CA HIS A 20 5.93 -8.58 4.10
C HIS A 20 5.13 -8.99 5.32
N LYS A 21 4.33 -8.07 5.89
CA LYS A 21 3.59 -8.38 7.11
C LYS A 21 2.11 -8.50 6.84
N VAL A 22 1.71 -9.07 5.69
CA VAL A 22 0.29 -9.18 5.43
C VAL A 22 0.06 -10.46 4.67
N ALA A 23 -1.16 -11.05 4.84
CA ALA A 23 -1.50 -12.27 4.16
C ALA A 23 -1.74 -11.96 2.71
N GLU A 24 -1.48 -12.95 1.83
CA GLU A 24 -1.66 -12.76 0.41
C GLU A 24 -3.13 -12.57 0.09
N ASN A 25 -4.04 -13.20 0.88
CA ASN A 25 -5.46 -13.07 0.62
C ASN A 25 -5.86 -11.64 0.89
N ASP A 26 -5.29 -11.06 1.96
CA ASP A 26 -5.58 -9.69 2.33
C ASP A 26 -5.16 -8.77 1.21
N MET A 27 -4.03 -9.10 0.54
CA MET A 27 -3.53 -8.26 -0.53
C MET A 27 -4.48 -8.29 -1.69
N LEU A 28 -5.29 -9.37 -1.82
CA LEU A 28 -6.20 -9.45 -2.94
C LEU A 28 -7.19 -8.31 -2.85
N LEU A 29 -7.66 -8.01 -1.62
CA LEU A 29 -8.59 -6.92 -1.43
C LEU A 29 -7.88 -5.62 -1.69
N ILE A 30 -6.61 -5.53 -1.24
CA ILE A 30 -5.84 -4.31 -1.42
C ILE A 30 -5.67 -4.06 -2.90
N ASN A 31 -5.33 -5.13 -3.66
CA ASN A 31 -5.12 -5.01 -5.09
C ASN A 31 -6.41 -4.61 -5.74
N ALA A 32 -7.56 -5.18 -5.29
CA ALA A 32 -8.83 -4.87 -5.89
C ALA A 32 -9.14 -3.41 -5.66
N ASP A 33 -8.82 -2.89 -4.46
CA ASP A 33 -9.10 -1.52 -4.14
C ASP A 33 -8.20 -0.64 -4.98
N TYR A 34 -6.96 -1.11 -5.21
CA TYR A 34 -5.99 -0.35 -5.99
C TYR A 34 -6.54 -0.15 -7.39
N GLN A 35 -7.18 -1.19 -7.96
CA GLN A 35 -7.73 -1.06 -9.31
C GLN A 35 -8.81 -0.01 -9.29
N GLN A 36 -9.62 0.02 -8.21
CA GLN A 36 -10.68 1.00 -8.11
C GLN A 36 -10.06 2.37 -7.99
N LEU A 37 -8.94 2.48 -7.26
CA LEU A 37 -8.27 3.75 -7.10
C LEU A 37 -7.78 4.23 -8.45
N ARG A 38 -7.16 3.32 -9.24
CA ARG A 38 -6.65 3.69 -10.56
C ARG A 38 -7.78 4.13 -11.45
N ASP A 39 -8.93 3.45 -11.34
CA ASP A 39 -10.07 3.78 -12.18
C ASP A 39 -10.75 5.02 -11.64
N LYS A 40 -10.26 5.55 -10.50
CA LYS A 40 -10.83 6.73 -9.89
C LYS A 40 -12.22 6.40 -9.45
N LYS A 41 -12.40 5.15 -8.95
CA LYS A 41 -13.68 4.70 -8.49
C LYS A 41 -13.64 4.70 -6.97
N MET A 42 -12.45 5.03 -6.42
CA MET A 42 -12.30 5.04 -4.98
C MET A 42 -11.61 6.33 -4.62
N THR A 43 -12.07 6.98 -3.52
CA THR A 43 -11.48 8.22 -3.08
C THR A 43 -10.15 7.89 -2.44
N ARG A 44 -9.19 8.84 -2.47
CA ARG A 44 -7.88 8.60 -1.91
C ARG A 44 -8.02 8.33 -0.43
N ALA A 45 -8.85 9.13 0.27
CA ALA A 45 -9.03 8.96 1.70
C ALA A 45 -9.59 7.59 1.98
N GLU A 46 -10.55 7.14 1.13
CA GLU A 46 -11.16 5.84 1.31
C GLU A 46 -10.12 4.77 1.12
N PHE A 47 -9.20 4.97 0.15
CA PHE A 47 -8.17 3.98 -0.12
C PHE A 47 -7.28 3.87 1.08
N VAL A 48 -6.85 5.03 1.63
CA VAL A 48 -5.97 5.04 2.79
C VAL A 48 -6.69 4.38 3.95
N ARG A 49 -7.98 4.71 4.14
CA ARG A 49 -8.73 4.14 5.24
C ARG A 49 -8.80 2.64 5.09
N LYS A 50 -9.09 2.14 3.87
CA LYS A 50 -9.18 0.72 3.64
C LYS A 50 -7.84 0.08 3.88
N LEU A 51 -6.74 0.73 3.44
CA LEU A 51 -5.42 0.15 3.62
C LEU A 51 -5.11 0.08 5.09
N ARG A 52 -5.43 1.14 5.85
CA ARG A 52 -5.16 1.14 7.27
C ARG A 52 -5.95 0.05 7.94
N VAL A 53 -7.21 -0.16 7.50
CA VAL A 53 -8.03 -1.19 8.09
C VAL A 53 -7.45 -2.55 7.78
N ILE A 54 -6.96 -2.72 6.53
CA ILE A 54 -6.42 -4.01 6.11
C ILE A 54 -5.13 -4.32 6.85
N VAL A 55 -4.20 -3.35 6.91
CA VAL A 55 -2.93 -3.59 7.56
C VAL A 55 -3.09 -3.54 9.06
N GLY A 56 -3.99 -2.68 9.58
CA GLY A 56 -4.14 -2.55 11.01
C GLY A 56 -3.21 -1.48 11.49
N ASP A 57 -3.64 -0.67 12.47
CA ASP A 57 -2.80 0.41 12.97
C ASP A 57 -1.57 -0.17 13.62
N ASP A 58 -1.72 -1.27 14.39
CA ASP A 58 -0.60 -1.91 15.07
C ASP A 58 0.45 -2.35 14.08
N LEU A 59 0.10 -2.53 12.80
CA LEU A 59 1.08 -2.98 11.83
C LEU A 59 1.51 -1.81 11.02
N LEU A 60 0.60 -0.82 10.88
CA LEU A 60 0.90 0.37 10.13
C LEU A 60 2.04 1.09 10.80
N ARG A 61 2.05 1.09 12.16
CA ARG A 61 3.10 1.75 12.88
C ARG A 61 4.41 1.10 12.55
N SER A 62 4.44 -0.25 12.44
CA SER A 62 5.67 -0.94 12.09
C SER A 62 6.10 -0.50 10.71
N THR A 63 5.13 -0.42 9.77
CA THR A 63 5.44 -0.02 8.41
C THR A 63 5.98 1.39 8.42
N ILE A 64 5.31 2.30 9.16
CA ILE A 64 5.76 3.69 9.23
C ILE A 64 7.14 3.73 9.82
N THR A 65 7.37 2.95 10.89
CA THR A 65 8.68 2.94 11.54
C THR A 65 9.71 2.49 10.55
N THR A 66 9.40 1.46 9.75
CA THR A 66 10.36 0.96 8.78
C THR A 66 10.63 2.03 7.75
N LEU A 67 9.56 2.72 7.29
CA LEU A 67 9.71 3.76 6.28
C LEU A 67 10.56 4.89 6.82
N GLN A 68 10.40 5.22 8.12
CA GLN A 68 11.15 6.30 8.71
C GLN A 68 12.64 6.01 8.60
N ASN A 69 13.04 4.73 8.77
CA ASN A 69 14.44 4.41 8.66
C ASN A 69 14.74 4.19 7.20
N GLN A 70 14.19 3.09 6.64
CA GLN A 70 14.38 2.75 5.24
C GLN A 70 15.86 2.72 4.91
N PRO A 71 16.55 1.74 5.44
CA PRO A 71 17.98 1.60 5.21
C PRO A 71 18.31 1.17 3.83
N LYS A 72 19.49 1.58 3.32
CA LYS A 72 19.89 1.22 1.98
C LYS A 72 20.09 -0.27 1.93
N SER A 73 20.67 -0.85 3.00
CA SER A 73 20.89 -2.28 3.02
C SER A 73 19.55 -2.95 3.30
N THR A 1 -15.57 14.19 -9.25
CA THR A 1 -15.45 14.11 -7.76
C THR A 1 -14.05 13.79 -7.35
N THR A 2 -13.16 13.58 -8.35
CA THR A 2 -11.78 13.27 -8.05
C THR A 2 -10.95 14.32 -8.72
N ARG A 3 -10.09 15.00 -7.94
CA ARG A 3 -9.26 16.03 -8.51
C ARG A 3 -8.05 16.22 -7.63
N PRO A 4 -7.10 15.32 -7.74
CA PRO A 4 -5.88 15.40 -6.94
C PRO A 4 -4.96 16.47 -7.42
N LYS A 5 -4.25 17.12 -6.47
CA LYS A 5 -3.33 18.18 -6.85
C LYS A 5 -1.93 17.66 -6.67
N SER A 6 -1.78 16.46 -6.07
CA SER A 6 -0.47 15.91 -5.86
C SER A 6 -0.64 14.42 -5.78
N PRO A 7 0.27 13.69 -6.40
CA PRO A 7 0.22 12.23 -6.38
C PRO A 7 0.57 11.67 -5.04
N TRP A 8 0.00 10.49 -4.71
CA TRP A 8 0.27 9.87 -3.44
C TRP A 8 0.73 8.47 -3.72
N MET A 9 1.69 7.99 -2.90
CA MET A 9 2.21 6.64 -3.04
C MET A 9 2.77 6.45 -4.44
N PRO A 10 3.80 7.20 -4.77
CA PRO A 10 4.42 7.12 -6.09
C PRO A 10 5.19 5.85 -6.29
N PHE A 11 5.58 5.18 -5.19
CA PHE A 11 6.33 3.96 -5.29
C PHE A 11 5.68 2.95 -4.38
N PRO A 12 5.84 1.69 -4.70
CA PRO A 12 5.26 0.62 -3.91
C PRO A 12 6.09 0.24 -2.71
N THR A 13 6.76 1.24 -2.09
CA THR A 13 7.57 0.97 -0.93
C THR A 13 6.64 0.66 0.21
N LEU A 14 5.48 1.33 0.25
CA LEU A 14 4.52 1.10 1.29
C LEU A 14 3.96 -0.30 1.15
N PHE A 15 3.55 -0.67 -0.08
CA PHE A 15 3.00 -1.99 -0.32
C PHE A 15 3.99 -3.05 0.05
N ALA A 16 5.28 -2.87 -0.34
CA ALA A 16 6.29 -3.85 -0.05
C ALA A 16 6.42 -4.05 1.44
N ALA A 17 6.31 -2.97 2.23
CA ALA A 17 6.45 -3.07 3.66
C ALA A 17 5.32 -3.90 4.24
N ILE A 18 4.09 -3.62 3.78
CA ILE A 18 2.92 -4.31 4.27
C ILE A 18 2.88 -5.72 3.76
N SER A 19 3.32 -5.96 2.51
CA SER A 19 3.27 -7.28 1.92
C SER A 19 4.02 -8.27 2.78
N HIS A 20 5.14 -7.85 3.38
CA HIS A 20 5.90 -8.74 4.22
C HIS A 20 5.08 -9.14 5.43
N LYS A 21 4.30 -8.19 5.98
CA LYS A 21 3.53 -8.46 7.18
C LYS A 21 2.06 -8.55 6.89
N VAL A 22 1.65 -9.15 5.75
CA VAL A 22 0.24 -9.24 5.48
C VAL A 22 -0.03 -10.51 4.74
N ALA A 23 -1.28 -11.03 4.88
CA ALA A 23 -1.66 -12.25 4.22
C ALA A 23 -1.85 -11.96 2.76
N GLU A 24 -1.61 -13.00 1.92
CA GLU A 24 -1.75 -12.87 0.49
C GLU A 24 -3.18 -12.57 0.13
N ASN A 25 -4.14 -13.21 0.85
CA ASN A 25 -5.54 -13.01 0.54
C ASN A 25 -5.91 -11.57 0.83
N ASP A 26 -5.36 -11.02 1.94
CA ASP A 26 -5.65 -9.65 2.32
C ASP A 26 -5.18 -8.72 1.23
N MET A 27 -4.03 -9.02 0.61
CA MET A 27 -3.49 -8.18 -0.44
C MET A 27 -4.41 -8.21 -1.64
N LEU A 28 -5.21 -9.28 -1.80
CA LEU A 28 -6.09 -9.36 -2.95
C LEU A 28 -7.09 -8.23 -2.88
N LEU A 29 -7.60 -7.95 -1.66
CA LEU A 29 -8.57 -6.89 -1.50
C LEU A 29 -7.88 -5.57 -1.70
N ILE A 30 -6.64 -5.45 -1.19
CA ILE A 30 -5.89 -4.21 -1.32
C ILE A 30 -5.65 -3.94 -2.79
N ASN A 31 -5.21 -4.97 -3.53
CA ASN A 31 -4.94 -4.82 -4.94
C ASN A 31 -6.20 -4.47 -5.67
N ALA A 32 -7.34 -5.09 -5.27
CA ALA A 32 -8.60 -4.80 -5.93
C ALA A 32 -8.96 -3.36 -5.72
N ASP A 33 -8.70 -2.84 -4.50
CA ASP A 33 -9.02 -1.46 -4.19
C ASP A 33 -8.11 -0.57 -5.01
N TYR A 34 -6.85 -1.00 -5.19
CA TYR A 34 -5.90 -0.21 -5.96
C TYR A 34 -6.42 -0.02 -7.36
N GLN A 35 -6.99 -1.08 -7.96
CA GLN A 35 -7.51 -0.98 -9.31
C GLN A 35 -8.64 0.02 -9.33
N GLN A 36 -9.46 0.01 -8.26
CA GLN A 36 -10.57 0.94 -8.16
C GLN A 36 -10.01 2.33 -8.03
N LEU A 37 -8.92 2.48 -7.27
CA LEU A 37 -8.31 3.78 -7.08
C LEU A 37 -7.75 4.28 -8.39
N ARG A 38 -7.06 3.39 -9.16
CA ARG A 38 -6.47 3.82 -10.42
C ARG A 38 -7.56 4.12 -11.41
N ASP A 39 -8.74 3.50 -11.24
CA ASP A 39 -9.85 3.74 -12.15
C ASP A 39 -10.59 4.97 -11.68
N LYS A 40 -10.16 5.54 -10.53
CA LYS A 40 -10.79 6.72 -9.97
C LYS A 40 -12.18 6.36 -9.56
N LYS A 41 -12.34 5.12 -9.05
CA LYS A 41 -13.62 4.64 -8.59
C LYS A 41 -13.58 4.61 -7.09
N MET A 42 -12.40 4.93 -6.50
CA MET A 42 -12.26 4.92 -5.07
C MET A 42 -11.70 6.25 -4.67
N THR A 43 -12.25 6.83 -3.57
CA THR A 43 -11.77 8.12 -3.10
C THR A 43 -10.47 7.85 -2.42
N ARG A 44 -9.53 8.83 -2.43
CA ARG A 44 -8.24 8.62 -1.81
C ARG A 44 -8.41 8.39 -0.34
N ALA A 45 -9.32 9.17 0.30
CA ALA A 45 -9.54 9.03 1.73
C ALA A 45 -10.09 7.64 2.01
N GLU A 46 -11.00 7.15 1.14
CA GLU A 46 -11.58 5.85 1.33
C GLU A 46 -10.52 4.79 1.15
N PHE A 47 -9.60 5.00 0.18
CA PHE A 47 -8.57 4.03 -0.08
C PHE A 47 -7.69 3.92 1.15
N VAL A 48 -7.27 5.09 1.69
CA VAL A 48 -6.41 5.11 2.86
C VAL A 48 -7.13 4.47 4.01
N ARG A 49 -8.43 4.81 4.20
CA ARG A 49 -9.19 4.25 5.30
C ARG A 49 -9.23 2.75 5.19
N LYS A 50 -9.53 2.22 3.98
CA LYS A 50 -9.59 0.79 3.79
C LYS A 50 -8.21 0.20 3.98
N LEU A 51 -7.16 0.89 3.50
CA LEU A 51 -5.81 0.39 3.62
C LEU A 51 -5.45 0.29 5.08
N ARG A 52 -5.78 1.33 5.88
CA ARG A 52 -5.46 1.32 7.29
C ARG A 52 -6.18 0.19 7.97
N VAL A 53 -7.45 -0.05 7.57
CA VAL A 53 -8.23 -1.13 8.17
C VAL A 53 -7.58 -2.45 7.84
N ILE A 54 -7.09 -2.60 6.59
CA ILE A 54 -6.49 -3.85 6.17
C ILE A 54 -5.15 -4.04 6.84
N VAL A 55 -4.30 -2.99 6.81
CA VAL A 55 -2.98 -3.06 7.37
C VAL A 55 -3.04 -3.22 8.87
N GLY A 56 -3.90 -2.44 9.56
CA GLY A 56 -3.94 -2.50 11.00
C GLY A 56 -2.98 -1.47 11.50
N ASP A 57 -3.38 -0.72 12.57
CA ASP A 57 -2.52 0.31 13.11
C ASP A 57 -1.25 -0.30 13.65
N ASP A 58 -1.37 -1.44 14.35
CA ASP A 58 -0.21 -2.11 14.92
C ASP A 58 0.78 -2.50 13.84
N LEU A 59 0.34 -2.59 12.58
CA LEU A 59 1.25 -2.99 11.53
C LEU A 59 1.64 -1.77 10.75
N LEU A 60 0.74 -0.77 10.73
CA LEU A 60 1.00 0.46 10.03
C LEU A 60 2.15 1.14 10.71
N ARG A 61 2.18 1.10 12.06
CA ARG A 61 3.24 1.73 12.81
C ARG A 61 4.54 1.10 12.42
N SER A 62 4.58 -0.25 12.33
CA SER A 62 5.79 -0.94 11.96
C SER A 62 6.17 -0.52 10.57
N THR A 63 5.18 -0.44 9.66
CA THR A 63 5.45 -0.05 8.29
C THR A 63 6.02 1.35 8.26
N ILE A 64 5.40 2.29 9.00
CA ILE A 64 5.87 3.66 9.03
C ILE A 64 7.26 3.69 9.58
N THR A 65 7.50 2.93 10.67
CA THR A 65 8.80 2.91 11.30
C THR A 65 9.82 2.40 10.32
N THR A 66 9.49 1.34 9.55
CA THR A 66 10.42 0.77 8.60
C THR A 66 10.70 1.76 7.51
N LEU A 67 9.64 2.44 7.00
CA LEU A 67 9.82 3.40 5.92
C LEU A 67 10.70 4.54 6.39
N GLN A 68 10.52 4.99 7.64
CA GLN A 68 11.34 6.07 8.15
C GLN A 68 12.77 5.64 8.20
N ASN A 69 13.03 4.38 8.59
CA ASN A 69 14.40 3.91 8.68
C ASN A 69 14.82 3.33 7.36
N GLN A 70 14.91 4.18 6.31
CA GLN A 70 15.35 3.70 5.02
C GLN A 70 16.47 4.61 4.58
N PRO A 71 17.39 4.07 3.82
CA PRO A 71 18.53 4.83 3.33
C PRO A 71 18.16 5.79 2.23
N LYS A 72 18.97 6.86 2.08
CA LYS A 72 18.69 7.84 1.05
C LYS A 72 19.06 7.24 -0.27
N SER A 73 18.25 7.52 -1.30
CA SER A 73 18.50 6.99 -2.63
C SER A 73 18.53 5.46 -2.54
N THR A 1 2.31 -12.69 -18.61
CA THR A 1 3.49 -12.79 -19.51
C THR A 1 3.06 -12.73 -20.95
N THR A 2 1.75 -12.89 -21.20
CA THR A 2 1.23 -12.84 -22.55
C THR A 2 1.27 -11.42 -23.01
N ARG A 3 1.22 -10.46 -22.07
CA ARG A 3 1.25 -9.06 -22.44
C ARG A 3 2.32 -8.41 -21.61
N PRO A 4 2.95 -7.39 -22.16
CA PRO A 4 4.00 -6.67 -21.48
C PRO A 4 3.47 -5.60 -20.57
N LYS A 5 2.80 -6.00 -19.48
CA LYS A 5 2.24 -5.04 -18.57
C LYS A 5 2.74 -5.39 -17.20
N SER A 6 2.95 -4.37 -16.35
CA SER A 6 3.43 -4.61 -15.02
C SER A 6 2.76 -3.60 -14.12
N PRO A 7 2.58 -3.94 -12.87
CA PRO A 7 1.96 -3.05 -11.92
C PRO A 7 2.85 -1.91 -11.51
N TRP A 8 2.24 -0.77 -11.15
CA TRP A 8 3.02 0.38 -10.74
C TRP A 8 2.23 1.05 -9.65
N MET A 9 2.92 1.37 -8.54
CA MET A 9 2.25 2.02 -7.44
C MET A 9 3.14 3.16 -7.01
N PRO A 10 2.55 4.22 -6.51
CA PRO A 10 3.31 5.40 -6.06
C PRO A 10 4.28 5.11 -4.96
N PHE A 11 3.87 4.27 -3.97
CA PHE A 11 4.75 3.97 -2.86
C PHE A 11 4.75 2.48 -2.68
N PRO A 12 5.49 1.77 -3.51
CA PRO A 12 5.57 0.32 -3.43
C PRO A 12 6.32 -0.14 -2.22
N THR A 13 7.12 0.78 -1.64
CA THR A 13 7.90 0.46 -0.46
C THR A 13 6.95 0.18 0.67
N LEU A 14 5.87 0.99 0.78
CA LEU A 14 4.91 0.79 1.84
C LEU A 14 4.27 -0.55 1.68
N PHE A 15 3.77 -0.86 0.46
CA PHE A 15 3.12 -2.12 0.20
C PHE A 15 4.08 -3.27 0.44
N ALA A 16 5.35 -3.11 0.02
CA ALA A 16 6.34 -4.15 0.23
C ALA A 16 6.49 -4.44 1.71
N ALA A 17 6.41 -3.37 2.54
CA ALA A 17 6.55 -3.55 3.98
C ALA A 17 5.41 -4.38 4.50
N ILE A 18 4.18 -4.06 4.03
CA ILE A 18 2.98 -4.74 4.47
C ILE A 18 2.93 -6.13 3.89
N SER A 19 3.38 -6.30 2.63
CA SER A 19 3.32 -7.60 1.96
C SER A 19 4.05 -8.63 2.78
N HIS A 20 5.17 -8.26 3.40
CA HIS A 20 5.93 -9.20 4.20
C HIS A 20 5.09 -9.69 5.36
N LYS A 21 4.27 -8.79 5.96
CA LYS A 21 3.50 -9.17 7.12
C LYS A 21 2.03 -9.18 6.81
N VAL A 22 1.63 -9.65 5.62
CA VAL A 22 0.21 -9.67 5.32
C VAL A 22 -0.09 -10.91 4.52
N ALA A 23 -1.34 -11.41 4.65
CA ALA A 23 -1.75 -12.60 3.93
C ALA A 23 -1.94 -12.25 2.49
N GLU A 24 -1.68 -13.23 1.61
CA GLU A 24 -1.82 -13.04 0.18
C GLU A 24 -3.26 -12.77 -0.16
N ASN A 25 -4.21 -13.42 0.54
CA ASN A 25 -5.61 -13.24 0.25
C ASN A 25 -5.98 -11.80 0.57
N ASP A 26 -5.43 -11.28 1.67
CA ASP A 26 -5.71 -9.92 2.08
C ASP A 26 -5.22 -8.97 1.00
N MET A 27 -4.07 -9.29 0.37
CA MET A 27 -3.52 -8.44 -0.65
C MET A 27 -4.41 -8.45 -1.87
N LEU A 28 -5.21 -9.52 -2.05
CA LEU A 28 -6.09 -9.57 -3.20
C LEU A 28 -7.09 -8.44 -3.09
N LEU A 29 -7.61 -8.20 -1.87
CA LEU A 29 -8.58 -7.14 -1.67
C LEU A 29 -7.89 -5.81 -1.85
N ILE A 30 -6.63 -5.70 -1.35
CA ILE A 30 -5.88 -4.47 -1.46
C ILE A 30 -5.66 -4.17 -2.92
N ASN A 31 -5.25 -5.20 -3.69
CA ASN A 31 -5.00 -5.02 -5.11
C ASN A 31 -6.28 -4.65 -5.80
N ALA A 32 -7.43 -5.25 -5.40
CA ALA A 32 -8.70 -4.95 -6.02
C ALA A 32 -9.05 -3.51 -5.76
N ASP A 33 -8.76 -3.02 -4.53
CA ASP A 33 -9.08 -1.65 -4.18
C ASP A 33 -8.27 -0.72 -5.03
N TYR A 34 -7.00 -1.10 -5.33
CA TYR A 34 -6.14 -0.27 -6.14
C TYR A 34 -6.75 -0.06 -7.50
N GLN A 35 -7.44 -1.08 -8.06
CA GLN A 35 -8.05 -0.93 -9.37
C GLN A 35 -9.10 0.15 -9.33
N GLN A 36 -9.82 0.24 -8.19
CA GLN A 36 -10.85 1.24 -8.04
C GLN A 36 -10.22 2.60 -8.15
N LEU A 37 -8.98 2.75 -7.61
CA LEU A 37 -8.30 4.03 -7.68
C LEU A 37 -7.89 4.30 -9.10
N ARG A 38 -7.53 3.26 -9.88
CA ARG A 38 -7.11 3.45 -11.25
C ARG A 38 -8.25 4.03 -12.04
N ASP A 39 -9.48 3.56 -11.77
CA ASP A 39 -10.63 4.03 -12.50
C ASP A 39 -11.19 5.25 -11.81
N LYS A 40 -10.56 5.68 -10.69
CA LYS A 40 -11.02 6.84 -9.95
C LYS A 40 -12.42 6.56 -9.48
N LYS A 41 -12.65 5.32 -9.00
CA LYS A 41 -13.94 4.92 -8.53
C LYS A 41 -13.95 5.00 -7.03
N MET A 42 -12.78 5.31 -6.44
CA MET A 42 -12.70 5.37 -5.00
C MET A 42 -11.80 6.52 -4.64
N THR A 43 -12.13 7.22 -3.52
CA THR A 43 -11.36 8.35 -3.07
C THR A 43 -10.05 7.85 -2.53
N ARG A 44 -8.96 8.63 -2.70
CA ARG A 44 -7.65 8.24 -2.25
C ARG A 44 -7.67 8.10 -0.74
N ALA A 45 -8.37 9.03 -0.05
CA ALA A 45 -8.44 8.97 1.40
C ALA A 45 -9.13 7.70 1.80
N GLU A 46 -10.17 7.31 1.05
CA GLU A 46 -10.90 6.09 1.34
C GLU A 46 -9.97 4.91 1.17
N PHE A 47 -9.08 4.98 0.15
CA PHE A 47 -8.15 3.90 -0.11
C PHE A 47 -7.23 3.76 1.09
N VAL A 48 -6.70 4.89 1.58
CA VAL A 48 -5.80 4.88 2.71
C VAL A 48 -6.54 4.35 3.92
N ARG A 49 -7.80 4.78 4.09
CA ARG A 49 -8.60 4.33 5.22
C ARG A 49 -8.70 2.84 5.20
N LYS A 50 -9.04 2.26 4.02
CA LYS A 50 -9.17 0.83 3.90
C LYS A 50 -7.84 0.17 4.17
N LEU A 51 -6.72 0.77 3.72
CA LEU A 51 -5.43 0.15 3.95
C LEU A 51 -5.17 0.07 5.43
N ARG A 52 -5.55 1.12 6.19
CA ARG A 52 -5.32 1.12 7.62
C ARG A 52 -6.10 0.00 8.24
N VAL A 53 -7.34 -0.23 7.77
CA VAL A 53 -8.16 -1.28 8.30
C VAL A 53 -7.54 -2.62 7.97
N ILE A 54 -7.01 -2.76 6.75
CA ILE A 54 -6.44 -4.01 6.31
C ILE A 54 -5.14 -4.31 7.03
N VAL A 55 -4.22 -3.33 7.09
CA VAL A 55 -2.94 -3.57 7.73
C VAL A 55 -3.05 -3.49 9.23
N GLY A 56 -3.94 -2.62 9.76
CA GLY A 56 -4.06 -2.48 11.19
C GLY A 56 -3.12 -1.39 11.62
N ASP A 57 -3.49 -0.67 12.69
CA ASP A 57 -2.67 0.42 13.18
C ASP A 57 -1.34 -0.13 13.66
N ASP A 58 -1.35 -1.31 14.31
CA ASP A 58 -0.12 -1.91 14.80
C ASP A 58 0.82 -2.24 13.65
N LEU A 59 0.30 -2.32 12.41
CA LEU A 59 1.16 -2.67 11.31
C LEU A 59 1.51 -1.41 10.58
N LEU A 60 0.57 -0.44 10.58
CA LEU A 60 0.81 0.82 9.91
C LEU A 60 1.93 1.52 10.62
N ARG A 61 1.91 1.50 11.98
CA ARG A 61 2.94 2.17 12.75
C ARG A 61 4.27 1.51 12.45
N SER A 62 4.27 0.16 12.36
CA SER A 62 5.51 -0.55 12.06
C SER A 62 6.00 -0.14 10.69
N THR A 63 5.07 -0.03 9.71
CA THR A 63 5.45 0.35 8.37
C THR A 63 6.00 1.75 8.38
N ILE A 64 5.33 2.66 9.12
CA ILE A 64 5.79 4.04 9.20
C ILE A 64 7.16 4.06 9.82
N THR A 65 7.37 3.25 10.86
CA THR A 65 8.65 3.20 11.54
C THR A 65 9.71 2.77 10.55
N THR A 66 9.41 1.76 9.71
CA THR A 66 10.38 1.29 8.74
C THR A 66 10.63 2.38 7.73
N LEU A 67 9.56 3.07 7.28
CA LEU A 67 9.71 4.13 6.30
C LEU A 67 10.57 5.23 6.85
N GLN A 68 10.40 5.57 8.15
CA GLN A 68 11.20 6.61 8.75
C GLN A 68 12.63 6.18 8.76
N ASN A 69 12.89 4.89 9.06
CA ASN A 69 14.24 4.40 9.09
C ASN A 69 14.59 3.82 7.74
N GLN A 70 14.52 4.66 6.69
CA GLN A 70 14.84 4.20 5.35
C GLN A 70 16.17 4.80 4.95
N PRO A 71 16.26 6.13 4.85
CA PRO A 71 17.50 6.77 4.46
C PRO A 71 18.57 6.69 5.51
N LYS A 72 18.16 6.52 6.79
CA LYS A 72 19.12 6.44 7.86
C LYS A 72 18.47 5.69 8.97
N SER A 73 19.29 5.14 9.89
CA SER A 73 18.74 4.39 11.01
C SER A 73 18.31 5.40 12.07
N THR A 1 -8.53 24.12 -15.30
CA THR A 1 -9.32 24.58 -14.11
C THR A 1 -10.24 23.49 -13.64
N THR A 2 -10.63 22.58 -14.57
CA THR A 2 -11.52 21.50 -14.22
C THR A 2 -10.82 20.62 -13.22
N ARG A 3 -9.53 20.31 -13.48
CA ARG A 3 -8.78 19.48 -12.57
C ARG A 3 -7.46 20.15 -12.34
N PRO A 4 -6.92 19.99 -11.16
CA PRO A 4 -5.64 20.56 -10.80
C PRO A 4 -4.49 19.76 -11.35
N LYS A 5 -3.32 20.41 -11.53
CA LYS A 5 -2.18 19.71 -12.04
C LYS A 5 -1.43 19.17 -10.84
N SER A 6 -1.94 18.06 -10.29
CA SER A 6 -1.32 17.45 -9.14
C SER A 6 -1.22 15.97 -9.42
N PRO A 7 -0.16 15.58 -10.10
CA PRO A 7 0.06 14.17 -10.44
C PRO A 7 0.11 13.28 -9.23
N TRP A 8 -0.48 12.08 -9.35
CA TRP A 8 -0.49 11.15 -8.25
C TRP A 8 0.39 10.00 -8.62
N MET A 9 1.21 9.53 -7.68
CA MET A 9 2.09 8.42 -7.95
C MET A 9 2.17 7.59 -6.71
N PRO A 10 1.41 6.51 -6.66
CA PRO A 10 1.43 5.61 -5.52
C PRO A 10 2.80 5.05 -5.26
N PHE A 11 3.18 4.95 -3.97
CA PHE A 11 4.49 4.46 -3.64
C PHE A 11 4.39 2.98 -3.40
N PRO A 12 5.14 2.21 -4.17
CA PRO A 12 5.15 0.76 -4.03
C PRO A 12 5.88 0.32 -2.80
N THR A 13 6.61 1.28 -2.17
CA THR A 13 7.36 1.00 -0.98
C THR A 13 6.40 0.59 0.11
N LEU A 14 5.26 1.31 0.22
CA LEU A 14 4.29 1.00 1.25
C LEU A 14 3.76 -0.39 1.02
N PHE A 15 3.38 -0.71 -0.24
CA PHE A 15 2.84 -2.01 -0.55
C PHE A 15 3.84 -3.08 -0.22
N ALA A 16 5.12 -2.86 -0.59
CA ALA A 16 6.15 -3.84 -0.31
C ALA A 16 6.27 -4.05 1.18
N ALA A 17 6.18 -2.96 1.98
CA ALA A 17 6.32 -3.09 3.42
C ALA A 17 5.16 -3.89 3.97
N ILE A 18 3.93 -3.60 3.50
CA ILE A 18 2.76 -4.29 3.98
C ILE A 18 2.75 -5.70 3.48
N SER A 19 3.19 -5.92 2.21
CA SER A 19 3.16 -7.25 1.61
C SER A 19 3.95 -8.23 2.45
N HIS A 20 5.08 -7.78 3.03
CA HIS A 20 5.89 -8.65 3.83
C HIS A 20 5.11 -9.14 5.03
N LYS A 21 4.30 -8.25 5.64
CA LYS A 21 3.56 -8.61 6.84
C LYS A 21 2.08 -8.70 6.57
N VAL A 22 1.66 -9.22 5.41
CA VAL A 22 0.24 -9.32 5.16
C VAL A 22 -0.03 -10.60 4.41
N ALA A 23 -1.25 -11.15 4.61
CA ALA A 23 -1.63 -12.37 3.95
C ALA A 23 -1.91 -12.06 2.50
N GLU A 24 -1.71 -13.08 1.63
CA GLU A 24 -1.92 -12.92 0.21
C GLU A 24 -3.40 -12.67 -0.05
N ASN A 25 -4.29 -13.33 0.72
CA ASN A 25 -5.71 -13.16 0.52
C ASN A 25 -6.06 -11.73 0.83
N ASP A 26 -5.48 -11.19 1.91
CA ASP A 26 -5.73 -9.82 2.30
C ASP A 26 -5.29 -8.89 1.19
N MET A 27 -4.16 -9.22 0.52
CA MET A 27 -3.65 -8.38 -0.53
C MET A 27 -4.60 -8.41 -1.71
N LEU A 28 -5.42 -9.47 -1.85
CA LEU A 28 -6.34 -9.54 -2.98
C LEU A 28 -7.31 -8.39 -2.85
N LEU A 29 -7.79 -8.12 -1.62
CA LEU A 29 -8.73 -7.04 -1.42
C LEU A 29 -8.02 -5.72 -1.65
N ILE A 30 -6.76 -5.63 -1.20
CA ILE A 30 -5.99 -4.42 -1.36
C ILE A 30 -5.80 -4.17 -2.85
N ASN A 31 -5.45 -5.23 -3.60
CA ASN A 31 -5.23 -5.10 -5.02
C ASN A 31 -6.51 -4.68 -5.69
N ALA A 32 -7.66 -5.25 -5.25
CA ALA A 32 -8.93 -4.90 -5.86
C ALA A 32 -9.22 -3.45 -5.60
N ASP A 33 -8.89 -2.96 -4.38
CA ASP A 33 -9.14 -1.57 -4.04
C ASP A 33 -8.24 -0.69 -4.87
N TYR A 34 -7.00 -1.16 -5.11
CA TYR A 34 -6.04 -0.41 -5.89
C TYR A 34 -6.61 -0.17 -7.27
N GLN A 35 -7.26 -1.19 -7.87
CA GLN A 35 -7.84 -1.03 -9.19
C GLN A 35 -8.92 0.03 -9.14
N GLN A 36 -9.70 0.04 -8.04
CA GLN A 36 -10.76 1.03 -7.90
C GLN A 36 -10.13 2.40 -7.86
N LEU A 37 -8.99 2.51 -7.17
CA LEU A 37 -8.31 3.79 -7.05
C LEU A 37 -7.82 4.23 -8.41
N ARG A 38 -7.24 3.28 -9.20
CA ARG A 38 -6.72 3.62 -10.52
C ARG A 38 -7.85 4.08 -11.41
N ASP A 39 -9.02 3.43 -11.29
CA ASP A 39 -10.15 3.78 -12.12
C ASP A 39 -10.83 5.01 -11.57
N LYS A 40 -10.33 5.51 -10.41
CA LYS A 40 -10.90 6.68 -9.77
C LYS A 40 -12.30 6.37 -9.37
N LYS A 41 -12.53 5.12 -8.93
CA LYS A 41 -13.83 4.68 -8.50
C LYS A 41 -13.85 4.76 -7.00
N MET A 42 -12.70 5.10 -6.39
CA MET A 42 -12.62 5.17 -4.96
C MET A 42 -11.74 6.34 -4.62
N THR A 43 -12.10 7.06 -3.53
CA THR A 43 -11.36 8.24 -3.12
C THR A 43 -10.04 7.79 -2.54
N ARG A 44 -9.00 8.66 -2.65
CA ARG A 44 -7.68 8.33 -2.16
C ARG A 44 -7.75 8.14 -0.66
N ALA A 45 -8.53 9.01 0.03
CA ALA A 45 -8.65 8.91 1.47
C ALA A 45 -9.27 7.58 1.81
N GLU A 46 -10.26 7.15 1.01
CA GLU A 46 -10.93 5.88 1.26
C GLU A 46 -9.94 4.76 1.07
N PHE A 47 -9.02 4.90 0.09
CA PHE A 47 -8.03 3.86 -0.15
C PHE A 47 -7.16 3.74 1.07
N VAL A 48 -6.67 4.88 1.59
CA VAL A 48 -5.82 4.87 2.76
C VAL A 48 -6.58 4.33 3.94
N ARG A 49 -7.86 4.72 4.08
CA ARG A 49 -8.67 4.25 5.18
C ARG A 49 -8.75 2.75 5.15
N LYS A 50 -9.08 2.19 3.97
CA LYS A 50 -9.19 0.76 3.84
C LYS A 50 -7.85 0.12 4.02
N LEU A 51 -6.77 0.76 3.51
CA LEU A 51 -5.45 0.19 3.63
C LEU A 51 -5.09 0.08 5.09
N ARG A 52 -5.38 1.15 5.87
CA ARG A 52 -5.07 1.14 7.28
C ARG A 52 -5.87 0.06 7.97
N VAL A 53 -7.15 -0.11 7.57
CA VAL A 53 -7.99 -1.13 8.17
C VAL A 53 -7.43 -2.50 7.85
N ILE A 54 -6.96 -2.69 6.61
CA ILE A 54 -6.47 -3.99 6.18
C ILE A 54 -5.17 -4.31 6.88
N VAL A 55 -4.21 -3.36 6.89
CA VAL A 55 -2.93 -3.62 7.50
C VAL A 55 -3.03 -3.55 9.01
N GLY A 56 -3.94 -2.70 9.55
CA GLY A 56 -4.06 -2.58 10.99
C GLY A 56 -3.16 -1.47 11.44
N ASP A 57 -3.63 -0.67 12.43
CA ASP A 57 -2.81 0.43 12.92
C ASP A 57 -1.55 -0.12 13.55
N ASP A 58 -1.69 -1.22 14.31
CA ASP A 58 -0.55 -1.85 14.96
C ASP A 58 0.49 -2.29 13.97
N LEU A 59 0.11 -2.45 12.70
CA LEU A 59 1.05 -2.90 11.71
C LEU A 59 1.48 -1.71 10.90
N LEU A 60 0.60 -0.70 10.79
CA LEU A 60 0.88 0.50 10.05
C LEU A 60 2.05 1.20 10.70
N ARG A 61 2.07 1.19 12.05
CA ARG A 61 3.14 1.83 12.78
C ARG A 61 4.45 1.19 12.40
N SER A 62 4.46 -0.16 12.22
CA SER A 62 5.69 -0.83 11.83
C SER A 62 6.11 -0.31 10.47
N THR A 63 5.15 -0.15 9.54
CA THR A 63 5.47 0.35 8.22
C THR A 63 6.02 1.76 8.33
N ILE A 64 5.36 2.60 9.15
CA ILE A 64 5.79 3.98 9.33
C ILE A 64 7.19 3.98 9.90
N THR A 65 7.43 3.11 10.91
CA THR A 65 8.73 3.05 11.54
C THR A 65 9.76 2.66 10.51
N THR A 66 9.43 1.70 9.62
CA THR A 66 10.37 1.27 8.61
C THR A 66 10.65 2.41 7.68
N LEU A 67 9.61 3.18 7.30
CA LEU A 67 9.80 4.31 6.40
C LEU A 67 10.72 5.32 7.05
N GLN A 68 10.57 5.55 8.36
CA GLN A 68 11.42 6.51 9.04
C GLN A 68 12.85 6.03 8.98
N ASN A 69 13.06 4.71 9.21
CA ASN A 69 14.41 4.18 9.18
C ASN A 69 14.63 3.54 7.84
N GLN A 70 14.54 4.34 6.75
CA GLN A 70 14.75 3.82 5.43
C GLN A 70 15.78 4.71 4.77
N PRO A 71 17.04 4.31 4.87
CA PRO A 71 18.12 5.08 4.27
C PRO A 71 18.00 5.25 2.80
N LYS A 72 18.37 6.46 2.29
CA LYS A 72 18.29 6.75 0.88
C LYS A 72 16.86 6.60 0.43
N SER A 73 15.91 7.05 1.27
CA SER A 73 14.50 6.95 0.93
C SER A 73 14.18 5.49 0.62
N THR A 1 6.32 -7.91 -26.05
CA THR A 1 7.54 -8.57 -25.53
C THR A 1 8.78 -7.81 -25.94
N THR A 2 8.60 -6.76 -26.77
CA THR A 2 9.73 -5.97 -27.22
C THR A 2 10.06 -4.98 -26.13
N ARG A 3 10.66 -5.49 -25.03
CA ARG A 3 11.05 -4.66 -23.91
C ARG A 3 9.89 -3.81 -23.46
N PRO A 4 8.89 -4.45 -22.89
CA PRO A 4 7.70 -3.76 -22.44
C PRO A 4 7.96 -2.86 -21.26
N LYS A 5 7.17 -1.77 -21.15
CA LYS A 5 7.34 -0.85 -20.06
C LYS A 5 6.71 -1.46 -18.84
N SER A 6 7.36 -1.25 -17.67
CA SER A 6 6.84 -1.79 -16.44
C SER A 6 5.77 -0.84 -15.96
N PRO A 7 4.82 -1.35 -15.23
CA PRO A 7 3.73 -0.54 -14.68
C PRO A 7 4.21 0.56 -13.80
N TRP A 8 3.53 1.72 -13.85
CA TRP A 8 3.93 2.85 -13.03
C TRP A 8 3.39 2.61 -11.65
N MET A 9 4.22 2.88 -10.63
CA MET A 9 3.80 2.68 -9.27
C MET A 9 4.24 3.91 -8.49
N PRO A 10 3.47 4.28 -7.50
CA PRO A 10 3.75 5.45 -6.69
C PRO A 10 4.57 5.19 -5.46
N PHE A 11 4.03 4.40 -4.51
CA PHE A 11 4.74 4.14 -3.27
C PHE A 11 4.75 2.66 -3.01
N PRO A 12 5.58 1.95 -3.73
CA PRO A 12 5.70 0.51 -3.56
C PRO A 12 6.40 0.12 -2.30
N THR A 13 7.12 1.10 -1.69
CA THR A 13 7.84 0.85 -0.47
C THR A 13 6.88 0.48 0.62
N LEU A 14 5.74 1.20 0.73
CA LEU A 14 4.78 0.91 1.76
C LEU A 14 4.22 -0.47 1.54
N PHE A 15 3.80 -0.77 0.28
CA PHE A 15 3.24 -2.06 -0.02
C PHE A 15 4.23 -3.16 0.26
N ALA A 16 5.51 -2.92 -0.06
CA ALA A 16 6.53 -3.92 0.21
C ALA A 16 6.54 -4.20 1.69
N ALA A 17 6.34 -3.14 2.51
CA ALA A 17 6.32 -3.30 3.95
C ALA A 17 5.07 -4.03 4.35
N ILE A 18 3.92 -3.74 3.69
CA ILE A 18 2.67 -4.38 4.05
C ILE A 18 2.75 -5.84 3.69
N SER A 19 3.36 -6.15 2.52
CA SER A 19 3.44 -7.51 2.03
C SER A 19 4.11 -8.41 3.04
N HIS A 20 5.15 -7.89 3.74
CA HIS A 20 5.85 -8.69 4.72
C HIS A 20 4.90 -9.08 5.83
N LYS A 21 4.02 -8.16 6.27
CA LYS A 21 3.12 -8.44 7.37
C LYS A 21 1.69 -8.57 6.91
N VAL A 22 1.44 -9.17 5.74
CA VAL A 22 0.06 -9.29 5.30
C VAL A 22 -0.10 -10.59 4.57
N ALA A 23 -1.33 -11.15 4.61
CA ALA A 23 -1.61 -12.41 3.95
C ALA A 23 -1.79 -12.14 2.48
N GLU A 24 -1.55 -13.18 1.65
CA GLU A 24 -1.67 -13.04 0.21
C GLU A 24 -3.11 -12.77 -0.14
N ASN A 25 -4.06 -13.42 0.57
CA ASN A 25 -5.47 -13.24 0.26
C ASN A 25 -5.85 -11.80 0.57
N ASP A 26 -5.30 -11.27 1.68
CA ASP A 26 -5.59 -9.92 2.08
C ASP A 26 -5.12 -8.96 0.99
N MET A 27 -3.98 -9.28 0.35
CA MET A 27 -3.46 -8.42 -0.68
C MET A 27 -4.38 -8.44 -1.88
N LEU A 28 -5.17 -9.50 -2.05
CA LEU A 28 -6.07 -9.57 -3.19
C LEU A 28 -7.06 -8.46 -3.07
N LEU A 29 -7.57 -8.22 -1.84
CA LEU A 29 -8.54 -7.18 -1.64
C LEU A 29 -7.88 -5.84 -1.80
N ILE A 30 -6.63 -5.71 -1.30
CA ILE A 30 -5.91 -4.47 -1.41
C ILE A 30 -5.70 -4.14 -2.86
N ASN A 31 -5.26 -5.15 -3.64
CA ASN A 31 -5.02 -4.95 -5.06
C ASN A 31 -6.32 -4.59 -5.76
N ALA A 32 -7.44 -5.23 -5.37
CA ALA A 32 -8.71 -4.95 -6.01
C ALA A 32 -9.11 -3.52 -5.72
N ASP A 33 -8.87 -3.05 -4.48
CA ASP A 33 -9.24 -1.70 -4.12
C ASP A 33 -8.38 -0.74 -4.90
N TYR A 34 -7.10 -1.10 -5.12
CA TYR A 34 -6.18 -0.25 -5.84
C TYR A 34 -6.70 -0.02 -7.24
N GLN A 35 -7.33 -1.05 -7.86
CA GLN A 35 -7.85 -0.91 -9.20
C GLN A 35 -8.95 0.15 -9.18
N GLN A 36 -9.75 0.16 -8.10
CA GLN A 36 -10.82 1.14 -7.98
C GLN A 36 -10.20 2.52 -7.94
N LEU A 37 -9.06 2.65 -7.24
CA LEU A 37 -8.39 3.93 -7.14
C LEU A 37 -7.91 4.36 -8.50
N ARG A 38 -7.33 3.42 -9.30
CA ARG A 38 -6.84 3.77 -10.62
C ARG A 38 -7.97 4.21 -11.50
N ASP A 39 -9.14 3.55 -11.38
CA ASP A 39 -10.27 3.89 -12.21
C ASP A 39 -10.95 5.11 -11.65
N LYS A 40 -10.46 5.62 -10.49
CA LYS A 40 -11.04 6.78 -9.85
C LYS A 40 -12.44 6.45 -9.44
N LYS A 41 -12.63 5.21 -8.97
CA LYS A 41 -13.92 4.75 -8.52
C LYS A 41 -13.93 4.82 -7.02
N MET A 42 -12.78 5.16 -6.42
CA MET A 42 -12.71 5.23 -4.99
C MET A 42 -11.80 6.38 -4.64
N THR A 43 -12.14 7.11 -3.55
CA THR A 43 -11.36 8.25 -3.12
C THR A 43 -10.04 7.76 -2.58
N ARG A 44 -8.96 8.56 -2.75
CA ARG A 44 -7.64 8.17 -2.28
C ARG A 44 -7.67 8.05 -0.79
N ALA A 45 -8.36 8.98 -0.09
CA ALA A 45 -8.43 8.94 1.35
C ALA A 45 -9.12 7.66 1.76
N GLU A 46 -10.17 7.27 0.99
CA GLU A 46 -10.90 6.06 1.29
C GLU A 46 -9.97 4.88 1.10
N PHE A 47 -9.09 4.95 0.08
CA PHE A 47 -8.16 3.87 -0.20
C PHE A 47 -7.25 3.74 0.99
N VAL A 48 -6.70 4.88 1.48
CA VAL A 48 -5.79 4.85 2.61
C VAL A 48 -6.53 4.29 3.81
N ARG A 49 -7.80 4.70 4.00
CA ARG A 49 -8.57 4.22 5.13
C ARG A 49 -8.66 2.71 5.06
N LYS A 50 -8.96 2.17 3.86
CA LYS A 50 -9.07 0.73 3.71
C LYS A 50 -7.74 0.08 3.99
N LEU A 51 -6.62 0.72 3.57
CA LEU A 51 -5.32 0.13 3.80
C LEU A 51 -5.06 0.04 5.27
N ARG A 52 -5.44 1.11 6.03
CA ARG A 52 -5.22 1.11 7.47
C ARG A 52 -6.03 0.01 8.10
N VAL A 53 -7.27 -0.18 7.61
CA VAL A 53 -8.12 -1.22 8.16
C VAL A 53 -7.54 -2.58 7.86
N ILE A 54 -7.02 -2.76 6.63
CA ILE A 54 -6.49 -4.04 6.22
C ILE A 54 -5.19 -4.34 6.95
N VAL A 55 -4.24 -3.39 6.97
CA VAL A 55 -2.97 -3.64 7.61
C VAL A 55 -3.09 -3.55 9.11
N GLY A 56 -3.96 -2.66 9.63
CA GLY A 56 -4.07 -2.51 11.06
C GLY A 56 -3.14 -1.41 11.48
N ASP A 57 -3.59 -0.57 12.46
CA ASP A 57 -2.75 0.52 12.92
C ASP A 57 -1.51 -0.04 13.56
N ASP A 58 -1.63 -1.15 14.31
CA ASP A 58 -0.49 -1.76 14.97
C ASP A 58 0.56 -2.19 13.96
N LEU A 59 0.17 -2.36 12.69
CA LEU A 59 1.13 -2.80 11.70
C LEU A 59 1.54 -1.61 10.88
N LEU A 60 0.63 -0.63 10.77
CA LEU A 60 0.90 0.57 10.03
C LEU A 60 2.05 1.26 10.71
N ARG A 61 2.04 1.24 12.07
CA ARG A 61 3.09 1.87 12.84
C ARG A 61 4.41 1.25 12.46
N SER A 62 4.44 -0.10 12.32
CA SER A 62 5.67 -0.78 11.94
C SER A 62 6.08 -0.31 10.57
N THR A 63 5.10 -0.19 9.64
CA THR A 63 5.42 0.26 8.28
C THR A 63 5.97 1.65 8.34
N ILE A 64 5.34 2.54 9.14
CA ILE A 64 5.78 3.91 9.27
C ILE A 64 7.19 3.90 9.82
N THR A 65 7.45 3.03 10.81
CA THR A 65 8.76 2.96 11.42
C THR A 65 9.77 2.60 10.35
N THR A 66 9.43 1.65 9.45
CA THR A 66 10.35 1.25 8.40
C THR A 66 10.56 2.42 7.47
N LEU A 67 9.47 3.17 7.16
CA LEU A 67 9.59 4.31 6.26
C LEU A 67 10.51 5.32 6.88
N GLN A 68 10.41 5.53 8.21
CA GLN A 68 11.25 6.50 8.89
C GLN A 68 12.69 6.06 8.80
N ASN A 69 12.96 4.74 8.97
CA ASN A 69 14.32 4.27 8.91
C ASN A 69 14.40 3.21 7.85
N GLN A 70 14.71 3.64 6.60
CA GLN A 70 14.82 2.70 5.50
C GLN A 70 16.27 2.33 5.37
N PRO A 71 16.53 1.12 4.92
CA PRO A 71 17.89 0.63 4.75
C PRO A 71 18.63 1.31 3.62
N LYS A 72 17.87 1.90 2.68
CA LYS A 72 18.50 2.58 1.58
C LYS A 72 17.57 3.66 1.12
N SER A 73 18.09 4.64 0.38
CA SER A 73 17.26 5.72 -0.09
C SER A 73 16.42 5.19 -1.26
N THR A 1 -1.78 2.56 -23.62
CA THR A 1 -1.44 3.98 -23.91
C THR A 1 0.04 4.16 -24.02
N THR A 2 0.81 3.13 -23.62
CA THR A 2 2.25 3.22 -23.69
C THR A 2 2.76 1.81 -23.65
N ARG A 3 3.89 1.56 -24.34
CA ARG A 3 4.46 0.24 -24.35
C ARG A 3 5.97 0.34 -24.24
N PRO A 4 6.63 1.01 -25.20
CA PRO A 4 8.08 1.13 -25.16
C PRO A 4 8.59 2.01 -24.07
N LYS A 5 7.70 2.85 -23.49
CA LYS A 5 8.11 3.73 -22.43
C LYS A 5 7.32 3.35 -21.21
N SER A 6 7.99 3.37 -20.04
CA SER A 6 7.32 3.02 -18.81
C SER A 6 7.92 3.87 -17.72
N PRO A 7 7.46 5.10 -17.63
CA PRO A 7 7.95 6.03 -16.63
C PRO A 7 7.22 5.90 -15.32
N TRP A 8 7.18 4.68 -14.77
CA TRP A 8 6.50 4.45 -13.53
C TRP A 8 7.03 3.17 -12.97
N MET A 9 7.22 3.12 -11.63
CA MET A 9 7.72 1.92 -11.01
C MET A 9 6.56 1.33 -10.25
N PRO A 10 6.06 0.20 -10.70
CA PRO A 10 4.95 -0.46 -10.06
C PRO A 10 5.37 -1.32 -8.90
N PHE A 11 6.01 -0.69 -7.90
CA PHE A 11 6.45 -1.41 -6.74
C PHE A 11 6.38 -0.47 -5.57
N PRO A 12 5.20 -0.29 -5.03
CA PRO A 12 4.99 0.61 -3.90
C PRO A 12 5.75 0.20 -2.68
N THR A 13 6.29 1.19 -1.95
CA THR A 13 7.06 0.91 -0.76
C THR A 13 6.14 0.41 0.33
N LEU A 14 4.92 0.99 0.41
CA LEU A 14 3.98 0.59 1.43
C LEU A 14 3.57 -0.84 1.20
N PHE A 15 3.24 -1.19 -0.05
CA PHE A 15 2.82 -2.56 -0.37
C PHE A 15 3.90 -3.52 0.00
N ALA A 16 5.16 -3.19 -0.30
CA ALA A 16 6.25 -4.09 0.01
C ALA A 16 6.34 -4.32 1.51
N ALA A 17 6.16 -3.24 2.32
CA ALA A 17 6.25 -3.37 3.75
C ALA A 17 5.08 -4.16 4.28
N ILE A 18 3.86 -3.84 3.77
CA ILE A 18 2.65 -4.49 4.22
C ILE A 18 2.64 -5.94 3.77
N SER A 19 3.15 -6.22 2.54
CA SER A 19 3.13 -7.57 2.00
C SER A 19 3.80 -8.53 2.95
N HIS A 20 4.91 -8.11 3.58
CA HIS A 20 5.62 -8.98 4.50
C HIS A 20 4.73 -9.32 5.67
N LYS A 21 3.93 -8.35 6.15
CA LYS A 21 3.10 -8.56 7.32
C LYS A 21 1.65 -8.69 6.94
N VAL A 22 1.32 -9.34 5.81
CA VAL A 22 -0.08 -9.45 5.46
C VAL A 22 -0.28 -10.73 4.70
N ALA A 23 -1.53 -11.28 4.75
CA ALA A 23 -1.84 -12.50 4.06
C ALA A 23 -1.98 -12.19 2.59
N GLU A 24 -1.69 -13.20 1.74
CA GLU A 24 -1.77 -13.04 0.31
C GLU A 24 -3.21 -12.77 -0.10
N ASN A 25 -4.18 -13.46 0.54
CA ASN A 25 -5.57 -13.29 0.17
C ASN A 25 -5.99 -11.87 0.48
N ASP A 26 -5.49 -11.33 1.61
CA ASP A 26 -5.83 -9.98 2.01
C ASP A 26 -5.34 -9.01 0.95
N MET A 27 -4.18 -9.29 0.33
CA MET A 27 -3.64 -8.40 -0.67
C MET A 27 -4.53 -8.41 -1.88
N LEU A 28 -5.30 -9.49 -2.11
CA LEU A 28 -6.15 -9.55 -3.27
C LEU A 28 -7.17 -8.44 -3.17
N LEU A 29 -7.69 -8.22 -1.95
CA LEU A 29 -8.68 -7.18 -1.75
C LEU A 29 -8.01 -5.84 -1.89
N ILE A 30 -6.76 -5.73 -1.37
CA ILE A 30 -6.04 -4.49 -1.45
C ILE A 30 -5.80 -4.15 -2.91
N ASN A 31 -5.37 -5.15 -3.70
CA ASN A 31 -5.11 -4.94 -5.11
C ASN A 31 -6.39 -4.54 -5.80
N ALA A 32 -7.52 -5.16 -5.41
CA ALA A 32 -8.79 -4.83 -6.04
C ALA A 32 -9.12 -3.39 -5.75
N ASP A 33 -8.84 -2.93 -4.51
CA ASP A 33 -9.13 -1.57 -4.13
C ASP A 33 -8.25 -0.64 -4.92
N TYR A 34 -6.98 -1.05 -5.14
CA TYR A 34 -6.04 -0.23 -5.87
C TYR A 34 -6.58 0.01 -7.27
N GLN A 35 -7.22 -1.00 -7.88
CA GLN A 35 -7.78 -0.84 -9.21
C GLN A 35 -8.86 0.22 -9.16
N GLN A 36 -9.65 0.22 -8.07
CA GLN A 36 -10.72 1.19 -7.93
C GLN A 36 -10.11 2.57 -7.86
N LEU A 37 -8.98 2.69 -7.15
CA LEU A 37 -8.30 3.97 -7.01
C LEU A 37 -7.81 4.43 -8.37
N ARG A 38 -7.21 3.52 -9.16
CA ARG A 38 -6.69 3.88 -10.47
C ARG A 38 -7.82 4.31 -11.37
N ASP A 39 -8.97 3.61 -11.26
CA ASP A 39 -10.11 3.94 -12.10
C ASP A 39 -10.80 5.16 -11.56
N LYS A 40 -10.34 5.68 -10.40
CA LYS A 40 -10.93 6.84 -9.78
C LYS A 40 -12.34 6.50 -9.39
N LYS A 41 -12.53 5.26 -8.91
CA LYS A 41 -13.83 4.81 -8.48
C LYS A 41 -13.84 4.85 -6.98
N MET A 42 -12.69 5.21 -6.38
CA MET A 42 -12.61 5.27 -4.95
C MET A 42 -11.70 6.40 -4.58
N THR A 43 -12.03 7.10 -3.47
CA THR A 43 -11.25 8.24 -3.04
C THR A 43 -9.94 7.75 -2.49
N ARG A 44 -8.87 8.57 -2.65
CA ARG A 44 -7.55 8.19 -2.16
C ARG A 44 -7.61 8.04 -0.66
N ALA A 45 -8.33 8.95 0.03
CA ALA A 45 -8.42 8.88 1.47
C ALA A 45 -9.08 7.58 1.85
N GLU A 46 -10.10 7.16 1.08
CA GLU A 46 -10.79 5.92 1.36
C GLU A 46 -9.84 4.77 1.15
N PHE A 47 -8.94 4.89 0.14
CA PHE A 47 -7.98 3.84 -0.14
C PHE A 47 -7.07 3.70 1.05
N VAL A 48 -6.55 4.84 1.56
CA VAL A 48 -5.64 4.83 2.68
C VAL A 48 -6.36 4.27 3.89
N ARG A 49 -7.64 4.68 4.07
CA ARG A 49 -8.42 4.22 5.20
C ARG A 49 -8.52 2.72 5.16
N LYS A 50 -8.83 2.16 3.99
CA LYS A 50 -8.95 0.72 3.85
C LYS A 50 -7.63 0.06 4.10
N LEU A 51 -6.51 0.66 3.67
CA LEU A 51 -5.21 0.05 3.89
C LEU A 51 -4.96 -0.03 5.37
N ARG A 52 -5.34 1.02 6.12
CA ARG A 52 -5.11 1.04 7.55
C ARG A 52 -5.92 -0.06 8.19
N VAL A 53 -7.16 -0.25 7.74
CA VAL A 53 -8.01 -1.28 8.30
C VAL A 53 -7.45 -2.64 7.97
N ILE A 54 -6.97 -2.82 6.72
CA ILE A 54 -6.47 -4.11 6.29
C ILE A 54 -5.18 -4.45 6.99
N VAL A 55 -4.20 -3.50 7.01
CA VAL A 55 -2.92 -3.79 7.62
C VAL A 55 -3.02 -3.70 9.13
N GLY A 56 -3.89 -2.81 9.66
CA GLY A 56 -3.99 -2.65 11.09
C GLY A 56 -3.08 -1.52 11.49
N ASP A 57 -3.53 -0.69 12.46
CA ASP A 57 -2.73 0.44 12.90
C ASP A 57 -1.44 -0.06 13.52
N ASP A 58 -1.53 -1.17 14.30
CA ASP A 58 -0.37 -1.73 14.96
C ASP A 58 0.66 -2.18 13.95
N LEU A 59 0.26 -2.38 12.68
CA LEU A 59 1.21 -2.85 11.69
C LEU A 59 1.60 -1.67 10.86
N LEU A 60 0.69 -0.68 10.74
CA LEU A 60 0.95 0.51 9.97
C LEU A 60 2.08 1.25 10.63
N ARG A 61 2.07 1.28 11.98
CA ARG A 61 3.09 1.97 12.72
C ARG A 61 4.43 1.38 12.37
N SER A 62 4.50 0.04 12.26
CA SER A 62 5.76 -0.60 11.90
C SER A 62 6.19 -0.14 10.54
N THR A 63 5.23 -0.07 9.58
CA THR A 63 5.54 0.36 8.22
C THR A 63 6.03 1.78 8.26
N ILE A 64 5.32 2.66 9.00
CA ILE A 64 5.70 4.06 9.09
C ILE A 64 7.06 4.17 9.70
N THR A 65 7.31 3.39 10.77
CA THR A 65 8.59 3.43 11.46
C THR A 65 9.68 3.04 10.50
N THR A 66 9.43 2.00 9.66
CA THR A 66 10.44 1.55 8.72
C THR A 66 10.68 2.64 7.70
N LEU A 67 9.60 3.30 7.22
CA LEU A 67 9.74 4.34 6.22
C LEU A 67 10.51 5.50 6.79
N GLN A 68 10.28 5.84 8.07
CA GLN A 68 10.98 6.95 8.70
C GLN A 68 12.47 6.69 8.71
N ASN A 69 12.89 5.43 8.95
CA ASN A 69 14.31 5.13 9.01
C ASN A 69 14.79 4.63 7.67
N GLN A 70 13.95 4.74 6.62
CA GLN A 70 14.35 4.27 5.31
C GLN A 70 15.44 5.18 4.76
N PRO A 71 15.20 6.49 4.68
CA PRO A 71 16.20 7.41 4.16
C PRO A 71 17.32 7.65 5.11
N LYS A 72 18.50 8.01 4.56
CA LYS A 72 19.65 8.27 5.40
C LYS A 72 19.61 9.74 5.74
N SER A 73 19.60 10.04 7.05
CA SER A 73 19.56 11.43 7.47
C SER A 73 20.02 11.48 8.94
N THR A 1 4.25 14.34 -23.20
CA THR A 1 4.33 12.88 -23.53
C THR A 1 5.69 12.33 -23.18
N THR A 2 6.60 13.22 -22.75
CA THR A 2 7.94 12.80 -22.39
C THR A 2 7.98 12.67 -20.89
N ARG A 3 6.85 13.03 -20.22
CA ARG A 3 6.77 12.95 -18.77
C ARG A 3 7.89 13.76 -18.16
N PRO A 4 7.85 15.06 -18.34
CA PRO A 4 8.87 15.96 -17.81
C PRO A 4 8.81 16.10 -16.32
N LYS A 5 7.64 15.76 -15.73
CA LYS A 5 7.50 15.86 -14.31
C LYS A 5 6.48 14.83 -13.91
N SER A 6 6.46 14.48 -12.60
CA SER A 6 5.52 13.49 -12.13
C SER A 6 4.84 14.06 -10.92
N PRO A 7 3.72 14.73 -11.13
CA PRO A 7 2.96 15.34 -10.04
C PRO A 7 2.52 14.34 -9.00
N TRP A 8 2.18 13.11 -9.44
CA TRP A 8 1.76 12.09 -8.53
C TRP A 8 2.42 10.82 -8.98
N MET A 9 2.98 10.05 -8.03
CA MET A 9 3.66 8.83 -8.37
C MET A 9 3.16 7.77 -7.42
N PRO A 10 3.24 6.53 -7.85
CA PRO A 10 2.81 5.41 -7.02
C PRO A 10 3.77 5.13 -5.90
N PHE A 11 3.29 4.44 -4.85
CA PHE A 11 4.13 4.14 -3.73
C PHE A 11 4.06 2.66 -3.45
N PRO A 12 4.76 1.88 -4.26
CA PRO A 12 4.78 0.43 -4.11
C PRO A 12 5.55 0.01 -2.88
N THR A 13 6.30 0.95 -2.30
CA THR A 13 7.08 0.68 -1.12
C THR A 13 6.16 0.29 0.00
N LEU A 14 5.02 1.03 0.14
CA LEU A 14 4.10 0.73 1.21
C LEU A 14 3.55 -0.66 1.03
N PHE A 15 3.11 -0.99 -0.21
CA PHE A 15 2.55 -2.29 -0.49
C PHE A 15 3.57 -3.36 -0.19
N ALA A 16 4.84 -3.15 -0.60
CA ALA A 16 5.86 -4.13 -0.36
C ALA A 16 6.05 -4.34 1.13
N ALA A 17 6.00 -3.24 1.92
CA ALA A 17 6.20 -3.36 3.35
C ALA A 17 5.06 -4.14 3.97
N ILE A 18 3.83 -3.82 3.53
CA ILE A 18 2.64 -4.45 4.07
C ILE A 18 2.55 -5.88 3.61
N SER A 19 2.91 -6.17 2.33
CA SER A 19 2.80 -7.52 1.80
C SER A 19 3.75 -8.44 2.54
N HIS A 20 4.78 -7.89 3.18
CA HIS A 20 5.75 -8.70 3.88
C HIS A 20 5.10 -9.45 5.03
N LYS A 21 4.17 -8.79 5.76
CA LYS A 21 3.59 -9.43 6.93
C LYS A 21 2.14 -9.76 6.68
N VAL A 22 1.42 -8.96 5.87
CA VAL A 22 0.01 -9.21 5.63
C VAL A 22 -0.16 -10.47 4.82
N ALA A 23 -1.36 -11.11 4.95
CA ALA A 23 -1.63 -12.32 4.24
C ALA A 23 -1.82 -12.01 2.78
N GLU A 24 -1.52 -12.99 1.92
CA GLU A 24 -1.63 -12.82 0.48
C GLU A 24 -3.07 -12.57 0.11
N ASN A 25 -4.02 -13.25 0.78
CA ASN A 25 -5.43 -13.09 0.46
C ASN A 25 -5.82 -11.66 0.73
N ASP A 26 -5.29 -11.10 1.85
CA ASP A 26 -5.60 -9.74 2.22
C ASP A 26 -5.13 -8.81 1.14
N MET A 27 -3.97 -9.12 0.50
CA MET A 27 -3.44 -8.26 -0.54
C MET A 27 -4.36 -8.28 -1.73
N LEU A 28 -5.16 -9.36 -1.91
CA LEU A 28 -6.05 -9.42 -3.05
C LEU A 28 -7.06 -8.31 -2.93
N LEU A 29 -7.58 -8.08 -1.70
CA LEU A 29 -8.55 -7.03 -1.51
C LEU A 29 -7.88 -5.70 -1.66
N ILE A 30 -6.64 -5.57 -1.13
CA ILE A 30 -5.91 -4.33 -1.22
C ILE A 30 -5.65 -4.01 -2.67
N ASN A 31 -5.19 -5.03 -3.45
CA ASN A 31 -4.90 -4.84 -4.85
C ASN A 31 -6.17 -4.47 -5.58
N ALA A 32 -7.30 -5.10 -5.22
CA ALA A 32 -8.56 -4.81 -5.89
C ALA A 32 -8.92 -3.36 -5.65
N ASP A 33 -8.69 -2.86 -4.41
CA ASP A 33 -9.01 -1.50 -4.09
C ASP A 33 -8.08 -0.60 -4.86
N TYR A 34 -6.82 -1.03 -5.03
CA TYR A 34 -5.82 -0.24 -5.74
C TYR A 34 -6.27 -0.06 -7.18
N GLN A 35 -6.84 -1.12 -7.81
CA GLN A 35 -7.29 -1.00 -9.17
C GLN A 35 -8.41 0.01 -9.22
N GLN A 36 -9.28 -0.01 -8.20
CA GLN A 36 -10.38 0.93 -8.12
C GLN A 36 -9.80 2.32 -7.99
N LEU A 37 -8.70 2.46 -7.22
CA LEU A 37 -8.07 3.75 -7.04
C LEU A 37 -7.55 4.24 -8.38
N ARG A 38 -6.90 3.35 -9.16
CA ARG A 38 -6.36 3.74 -10.45
C ARG A 38 -7.49 4.14 -11.37
N ASP A 39 -8.62 3.42 -11.29
CA ASP A 39 -9.75 3.71 -12.15
C ASP A 39 -10.46 4.95 -11.65
N LYS A 40 -10.01 5.50 -10.49
CA LYS A 40 -10.61 6.69 -9.92
C LYS A 40 -11.99 6.33 -9.48
N LYS A 41 -12.15 5.09 -8.98
CA LYS A 41 -13.43 4.62 -8.49
C LYS A 41 -13.36 4.60 -7.00
N MET A 42 -12.16 4.91 -6.44
CA MET A 42 -11.99 4.90 -5.01
C MET A 42 -11.37 6.23 -4.63
N THR A 43 -11.88 6.84 -3.53
CA THR A 43 -11.34 8.10 -3.08
C THR A 43 -10.04 7.77 -2.41
N ARG A 44 -9.04 8.69 -2.49
CA ARG A 44 -7.74 8.40 -1.90
C ARG A 44 -7.88 8.27 -0.41
N ALA A 45 -8.70 9.15 0.21
CA ALA A 45 -8.89 9.10 1.64
C ALA A 45 -9.56 7.80 2.01
N GLU A 46 -10.54 7.37 1.18
CA GLU A 46 -11.27 6.15 1.44
C GLU A 46 -10.31 4.98 1.28
N PHE A 47 -9.40 5.06 0.29
CA PHE A 47 -8.44 4.00 0.07
C PHE A 47 -7.58 3.86 1.29
N VAL A 48 -7.07 5.01 1.81
CA VAL A 48 -6.22 5.00 2.97
C VAL A 48 -6.98 4.43 4.14
N ARG A 49 -8.26 4.83 4.29
CA ARG A 49 -9.07 4.34 5.39
C ARG A 49 -9.15 2.83 5.33
N LYS A 50 -9.47 2.29 4.15
CA LYS A 50 -9.58 0.86 3.98
C LYS A 50 -8.22 0.22 4.18
N LEU A 51 -7.14 0.89 3.71
CA LEU A 51 -5.81 0.33 3.85
C LEU A 51 -5.49 0.22 5.32
N ARG A 52 -5.83 1.27 6.10
CA ARG A 52 -5.55 1.26 7.53
C ARG A 52 -6.29 0.11 8.18
N VAL A 53 -7.54 -0.12 7.75
CA VAL A 53 -8.34 -1.19 8.31
C VAL A 53 -7.72 -2.53 7.98
N ILE A 54 -7.22 -2.67 6.74
CA ILE A 54 -6.65 -3.94 6.29
C ILE A 54 -5.35 -4.21 7.00
N VAL A 55 -4.42 -3.23 7.01
CA VAL A 55 -3.13 -3.45 7.61
C VAL A 55 -3.20 -3.40 9.11
N GLY A 56 -4.07 -2.55 9.68
CA GLY A 56 -4.14 -2.43 11.12
C GLY A 56 -3.13 -1.41 11.56
N ASP A 57 -3.44 -0.70 12.67
CA ASP A 57 -2.54 0.31 13.16
C ASP A 57 -1.24 -0.34 13.61
N ASP A 58 -1.32 -1.54 14.23
CA ASP A 58 -0.12 -2.23 14.69
C ASP A 58 0.78 -2.58 13.53
N LEU A 59 0.27 -2.63 12.29
CA LEU A 59 1.12 -3.00 11.18
C LEU A 59 1.51 -1.74 10.46
N LEU A 60 0.62 -0.73 10.47
CA LEU A 60 0.88 0.52 9.82
C LEU A 60 2.04 1.18 10.53
N ARG A 61 2.06 1.07 11.88
CA ARG A 61 3.12 1.69 12.65
C ARG A 61 4.44 1.09 12.23
N SER A 62 4.49 -0.25 12.06
CA SER A 62 5.71 -0.90 11.64
C SER A 62 6.12 -0.38 10.28
N THR A 63 5.13 -0.22 9.36
CA THR A 63 5.42 0.27 8.03
C THR A 63 5.97 1.67 8.13
N ILE A 64 5.33 2.52 8.96
CA ILE A 64 5.78 3.89 9.13
C ILE A 64 7.18 3.90 9.67
N THR A 65 7.46 3.02 10.65
CA THR A 65 8.77 2.96 11.26
C THR A 65 9.79 2.65 10.20
N THR A 66 9.48 1.70 9.28
CA THR A 66 10.42 1.34 8.24
C THR A 66 10.62 2.53 7.34
N LEU A 67 9.52 3.25 7.02
CA LEU A 67 9.61 4.40 6.14
C LEU A 67 10.48 5.46 6.77
N GLN A 68 10.36 5.65 8.10
CA GLN A 68 11.14 6.66 8.78
C GLN A 68 12.61 6.37 8.64
N ASN A 69 13.01 5.08 8.71
CA ASN A 69 14.41 4.75 8.61
C ASN A 69 14.75 4.42 7.17
N GLN A 70 13.87 4.78 6.22
CA GLN A 70 14.15 4.49 4.81
C GLN A 70 15.23 5.43 4.31
N PRO A 71 15.05 6.74 4.45
CA PRO A 71 16.03 7.69 3.97
C PRO A 71 17.15 7.94 4.93
N LYS A 72 18.06 6.94 5.07
CA LYS A 72 19.16 7.09 5.96
C LYS A 72 20.15 8.03 5.33
N SER A 73 20.75 8.92 6.15
CA SER A 73 21.71 9.86 5.62
C SER A 73 23.02 9.12 5.36
N THR A 1 21.74 0.27 6.30
CA THR A 1 23.09 -0.37 6.42
C THR A 1 23.37 -1.25 5.23
N THR A 2 22.30 -1.65 4.52
CA THR A 2 22.48 -2.50 3.35
C THR A 2 22.80 -1.61 2.18
N ARG A 3 23.45 -2.18 1.16
CA ARG A 3 23.80 -1.41 0.00
C ARG A 3 23.71 -2.35 -1.18
N PRO A 4 22.55 -2.44 -1.78
CA PRO A 4 22.34 -3.32 -2.92
C PRO A 4 23.03 -2.83 -4.15
N LYS A 5 23.49 -3.79 -5.00
CA LYS A 5 24.19 -3.42 -6.21
C LYS A 5 23.25 -2.69 -7.12
N SER A 6 21.98 -3.14 -7.19
CA SER A 6 21.03 -2.50 -8.07
C SER A 6 19.77 -2.26 -7.28
N PRO A 7 19.66 -1.09 -6.69
CA PRO A 7 18.47 -0.73 -5.92
C PRO A 7 17.27 -0.48 -6.78
N TRP A 8 17.52 -0.15 -8.07
CA TRP A 8 16.45 0.14 -9.01
C TRP A 8 15.68 1.33 -8.50
N MET A 9 14.35 1.32 -8.69
CA MET A 9 13.53 2.43 -8.25
C MET A 9 12.17 1.86 -8.00
N PRO A 10 11.98 1.26 -6.83
CA PRO A 10 10.71 0.66 -6.49
C PRO A 10 9.63 1.67 -6.24
N PHE A 11 8.43 1.41 -6.77
CA PHE A 11 7.32 2.31 -6.60
C PHE A 11 6.48 1.86 -5.42
N PRO A 12 6.05 0.59 -5.39
CA PRO A 12 5.24 0.10 -4.30
C PRO A 12 6.04 -0.29 -3.09
N THR A 13 6.81 0.68 -2.55
CA THR A 13 7.62 0.43 -1.38
C THR A 13 6.72 0.18 -0.20
N LEU A 14 5.65 0.99 -0.07
CA LEU A 14 4.75 0.84 1.06
C LEU A 14 4.06 -0.49 0.97
N PHE A 15 3.54 -0.84 -0.23
CA PHE A 15 2.87 -2.10 -0.42
C PHE A 15 3.80 -3.24 -0.12
N ALA A 16 5.07 -3.14 -0.57
CA ALA A 16 6.02 -4.20 -0.32
C ALA A 16 6.19 -4.38 1.18
N ALA A 17 6.22 -3.25 1.93
CA ALA A 17 6.40 -3.33 3.37
C ALA A 17 5.20 -4.01 3.99
N ILE A 18 3.98 -3.63 3.56
CA ILE A 18 2.76 -4.20 4.10
C ILE A 18 2.63 -5.64 3.66
N SER A 19 2.98 -5.93 2.39
CA SER A 19 2.84 -7.27 1.83
C SER A 19 3.64 -8.26 2.62
N HIS A 20 4.83 -7.85 3.11
CA HIS A 20 5.67 -8.76 3.86
C HIS A 20 4.97 -9.26 5.11
N LYS A 21 4.21 -8.38 5.80
CA LYS A 21 3.57 -8.80 7.04
C LYS A 21 2.15 -9.25 6.78
N VAL A 22 1.42 -8.57 5.86
CA VAL A 22 0.04 -8.91 5.60
C VAL A 22 -0.03 -10.20 4.83
N ALA A 23 -1.21 -10.88 4.91
CA ALA A 23 -1.40 -12.13 4.22
C ALA A 23 -1.57 -11.83 2.75
N GLU A 24 -1.24 -12.83 1.90
CA GLU A 24 -1.34 -12.66 0.47
C GLU A 24 -2.78 -12.48 0.07
N ASN A 25 -3.72 -13.20 0.73
CA ASN A 25 -5.12 -13.09 0.38
C ASN A 25 -5.58 -11.69 0.68
N ASP A 26 -5.11 -11.14 1.81
CA ASP A 26 -5.48 -9.80 2.21
C ASP A 26 -5.01 -8.83 1.15
N MET A 27 -3.84 -9.08 0.54
CA MET A 27 -3.31 -8.20 -0.48
C MET A 27 -4.19 -8.22 -1.69
N LEU A 28 -4.96 -9.31 -1.90
CA LEU A 28 -5.82 -9.39 -3.06
C LEU A 28 -6.84 -8.30 -2.98
N LEU A 29 -7.39 -8.07 -1.76
CA LEU A 29 -8.38 -7.03 -1.58
C LEU A 29 -7.71 -5.69 -1.76
N ILE A 30 -6.47 -5.56 -1.25
CA ILE A 30 -5.75 -4.31 -1.36
C ILE A 30 -5.52 -4.00 -2.82
N ASN A 31 -5.08 -5.02 -3.60
CA ASN A 31 -4.82 -4.83 -5.01
C ASN A 31 -6.10 -4.46 -5.71
N ALA A 32 -7.23 -5.10 -5.33
CA ALA A 32 -8.49 -4.81 -5.97
C ALA A 32 -8.87 -3.37 -5.70
N ASP A 33 -8.62 -2.89 -4.46
CA ASP A 33 -8.96 -1.53 -4.11
C ASP A 33 -8.08 -0.59 -4.89
N TYR A 34 -6.81 -0.99 -5.10
CA TYR A 34 -5.87 -0.16 -5.84
C TYR A 34 -6.41 0.05 -7.24
N GLN A 35 -6.98 -1.00 -7.86
CA GLN A 35 -7.52 -0.86 -9.20
C GLN A 35 -8.64 0.13 -9.17
N GLN A 36 -9.47 0.08 -8.10
CA GLN A 36 -10.58 1.01 -7.97
C GLN A 36 -10.03 2.41 -7.87
N LEU A 37 -8.91 2.57 -7.13
CA LEU A 37 -8.30 3.86 -6.97
C LEU A 37 -7.81 4.36 -8.31
N ARG A 38 -7.17 3.47 -9.11
CA ARG A 38 -6.65 3.86 -10.40
C ARG A 38 -7.78 4.26 -11.31
N ASP A 39 -8.93 3.55 -11.21
CA ASP A 39 -10.06 3.84 -12.06
C ASP A 39 -10.79 5.05 -11.52
N LYS A 40 -10.35 5.57 -10.34
CA LYS A 40 -10.98 6.72 -9.73
C LYS A 40 -12.36 6.32 -9.30
N LYS A 41 -12.50 5.06 -8.83
CA LYS A 41 -13.76 4.55 -8.37
C LYS A 41 -13.73 4.56 -6.87
N MET A 42 -12.57 4.93 -6.29
CA MET A 42 -12.44 4.96 -4.86
C MET A 42 -11.77 6.25 -4.49
N THR A 43 -12.25 6.88 -3.39
CA THR A 43 -11.67 8.13 -2.93
C THR A 43 -10.31 7.81 -2.38
N ARG A 44 -9.34 8.75 -2.52
CA ARG A 44 -8.00 8.49 -2.04
C ARG A 44 -8.03 8.32 -0.55
N ALA A 45 -8.83 9.15 0.16
CA ALA A 45 -8.93 9.05 1.60
C ALA A 45 -9.51 7.70 1.95
N GLU A 46 -10.51 7.25 1.16
CA GLU A 46 -11.13 5.97 1.42
C GLU A 46 -10.12 4.88 1.22
N PHE A 47 -9.25 5.03 0.19
CA PHE A 47 -8.25 4.02 -0.10
C PHE A 47 -7.31 3.92 1.08
N VAL A 48 -6.84 5.07 1.59
CA VAL A 48 -5.93 5.08 2.71
C VAL A 48 -6.62 4.45 3.89
N ARG A 49 -7.91 4.80 4.11
CA ARG A 49 -8.65 4.25 5.23
C ARG A 49 -8.73 2.75 5.09
N LYS A 50 -9.01 2.25 3.86
CA LYS A 50 -9.11 0.83 3.64
C LYS A 50 -7.78 0.18 3.94
N LEU A 51 -6.66 0.84 3.54
CA LEU A 51 -5.35 0.27 3.78
C LEU A 51 -5.12 0.17 5.27
N ARG A 52 -5.54 1.21 6.03
CA ARG A 52 -5.34 1.21 7.46
C ARG A 52 -6.13 0.09 8.08
N VAL A 53 -7.36 -0.13 7.59
CA VAL A 53 -8.20 -1.19 8.11
C VAL A 53 -7.58 -2.53 7.81
N ILE A 54 -7.04 -2.69 6.58
CA ILE A 54 -6.47 -3.96 6.16
C ILE A 54 -5.19 -4.25 6.91
N VAL A 55 -4.26 -3.27 6.95
CA VAL A 55 -2.99 -3.49 7.61
C VAL A 55 -3.15 -3.44 9.11
N GLY A 56 -4.06 -2.59 9.63
CA GLY A 56 -4.20 -2.46 11.07
C GLY A 56 -3.32 -1.35 11.52
N ASP A 57 -3.79 -0.52 12.47
CA ASP A 57 -2.99 0.60 12.95
C ASP A 57 -1.74 0.09 13.62
N ASP A 58 -1.87 -0.99 14.43
CA ASP A 58 -0.74 -1.56 15.13
C ASP A 58 0.31 -2.04 14.17
N LEU A 59 -0.04 -2.28 12.91
CA LEU A 59 0.94 -2.78 11.96
C LEU A 59 1.36 -1.65 11.09
N LEU A 60 0.46 -0.67 10.89
CA LEU A 60 0.75 0.48 10.08
C LEU A 60 1.89 1.22 10.72
N ARG A 61 1.86 1.31 12.06
CA ARG A 61 2.89 2.01 12.79
C ARG A 61 4.22 1.34 12.50
N SER A 62 4.25 0.00 12.52
CA SER A 62 5.48 -0.71 12.24
C SER A 62 5.92 -0.43 10.83
N THR A 63 4.95 -0.42 9.87
CA THR A 63 5.29 -0.15 8.49
C THR A 63 5.85 1.24 8.37
N ILE A 64 5.18 2.23 9.01
CA ILE A 64 5.63 3.61 8.95
C ILE A 64 7.00 3.71 9.55
N THR A 65 7.22 3.03 10.69
CA THR A 65 8.50 3.07 11.36
C THR A 65 9.55 2.50 10.44
N THR A 66 9.22 1.38 9.74
CA THR A 66 10.19 0.75 8.86
C THR A 66 10.46 1.68 7.69
N LEU A 67 9.40 2.31 7.13
CA LEU A 67 9.56 3.20 5.99
C LEU A 67 10.44 4.35 6.36
N GLN A 68 10.32 4.88 7.60
CA GLN A 68 11.14 5.99 8.01
C GLN A 68 12.59 5.58 7.96
N ASN A 69 12.89 4.29 8.23
CA ASN A 69 14.26 3.84 8.21
C ASN A 69 14.71 3.55 6.79
N GLN A 70 13.82 3.71 5.78
CA GLN A 70 14.24 3.45 4.42
C GLN A 70 13.59 4.46 3.51
N PRO A 71 14.08 5.69 3.56
CA PRO A 71 13.54 6.78 2.74
C PRO A 71 13.66 6.50 1.27
N LYS A 72 12.63 6.91 0.49
CA LYS A 72 12.65 6.69 -0.94
C LYS A 72 13.79 7.47 -1.53
N SER A 73 14.01 8.70 -1.01
CA SER A 73 15.09 9.52 -1.52
C SER A 73 16.40 8.93 -0.99
N THR A 1 -6.09 -8.01 -16.89
CA THR A 1 -5.10 -9.13 -16.96
C THR A 1 -4.47 -9.17 -18.32
N THR A 2 -5.26 -8.83 -19.36
CA THR A 2 -4.75 -8.84 -20.71
C THR A 2 -4.76 -7.42 -21.21
N ARG A 3 -5.14 -6.48 -20.33
CA ARG A 3 -5.19 -5.08 -20.70
C ARG A 3 -4.04 -4.40 -20.01
N PRO A 4 -3.09 -3.89 -20.80
CA PRO A 4 -1.93 -3.19 -20.24
C PRO A 4 -2.32 -2.01 -19.41
N LYS A 5 -1.59 -1.79 -18.29
CA LYS A 5 -1.91 -0.68 -17.42
C LYS A 5 -0.63 0.06 -17.18
N SER A 6 -0.73 1.39 -16.97
CA SER A 6 0.43 2.20 -16.74
C SER A 6 0.88 1.97 -15.32
N PRO A 7 2.17 2.11 -15.10
CA PRO A 7 2.75 1.94 -13.78
C PRO A 7 2.61 3.16 -12.93
N TRP A 8 1.42 3.31 -12.30
CA TRP A 8 1.17 4.46 -11.45
C TRP A 8 2.09 4.39 -10.25
N MET A 9 2.34 3.17 -9.73
CA MET A 9 3.21 3.03 -8.59
C MET A 9 4.20 1.95 -8.93
N PRO A 10 5.27 2.35 -9.61
CA PRO A 10 6.31 1.41 -10.02
C PRO A 10 7.16 0.91 -8.89
N PHE A 11 7.19 1.65 -7.76
CA PHE A 11 8.00 1.23 -6.65
C PHE A 11 7.13 1.35 -5.42
N PRO A 12 6.35 0.33 -5.16
CA PRO A 12 5.44 0.31 -4.02
C PRO A 12 6.11 -0.09 -2.74
N THR A 13 6.80 0.87 -2.11
CA THR A 13 7.53 0.62 -0.88
C THR A 13 6.57 0.29 0.24
N LEU A 14 5.47 1.05 0.37
CA LEU A 14 4.53 0.81 1.45
C LEU A 14 3.93 -0.56 1.31
N PHE A 15 3.45 -0.90 0.10
CA PHE A 15 2.83 -2.20 -0.12
C PHE A 15 3.82 -3.29 0.17
N ALA A 16 5.09 -3.10 -0.23
CA ALA A 16 6.10 -4.11 0.03
C ALA A 16 6.22 -4.31 1.53
N ALA A 17 6.15 -3.22 2.31
CA ALA A 17 6.27 -3.32 3.75
C ALA A 17 5.10 -4.10 4.30
N ILE A 18 3.88 -3.81 3.81
CA ILE A 18 2.69 -4.48 4.29
C ILE A 18 2.68 -5.91 3.81
N SER A 19 3.14 -6.15 2.56
CA SER A 19 3.13 -7.48 1.99
C SER A 19 3.90 -8.44 2.85
N HIS A 20 5.02 -7.98 3.44
CA HIS A 20 5.83 -8.83 4.27
C HIS A 20 5.03 -9.30 5.46
N LYS A 21 4.20 -8.42 6.04
CA LYS A 21 3.44 -8.78 7.23
C LYS A 21 1.97 -8.87 6.94
N VAL A 22 1.57 -9.39 5.77
CA VAL A 22 0.15 -9.50 5.48
C VAL A 22 -0.08 -10.76 4.70
N ALA A 23 -1.31 -11.30 4.80
CA ALA A 23 -1.67 -12.51 4.09
C ALA A 23 -1.80 -12.18 2.63
N GLU A 24 -1.50 -13.18 1.77
CA GLU A 24 -1.58 -13.01 0.35
C GLU A 24 -3.01 -12.74 -0.06
N ASN A 25 -3.98 -13.43 0.59
CA ASN A 25 -5.37 -13.25 0.23
C ASN A 25 -5.79 -11.85 0.56
N ASP A 26 -5.30 -11.32 1.70
CA ASP A 26 -5.64 -9.97 2.11
C ASP A 26 -5.15 -8.99 1.07
N MET A 27 -3.98 -9.26 0.47
CA MET A 27 -3.43 -8.35 -0.52
C MET A 27 -4.28 -8.37 -1.75
N LEU A 28 -5.04 -9.47 -1.99
CA LEU A 28 -5.88 -9.54 -3.17
C LEU A 28 -6.91 -8.45 -3.10
N LEU A 29 -7.49 -8.23 -1.90
CA LEU A 29 -8.49 -7.20 -1.73
C LEU A 29 -7.83 -5.86 -1.86
N ILE A 30 -6.61 -5.71 -1.29
CA ILE A 30 -5.90 -4.45 -1.35
C ILE A 30 -5.61 -4.11 -2.79
N ASN A 31 -5.11 -5.11 -3.57
CA ASN A 31 -4.79 -4.88 -4.96
C ASN A 31 -6.04 -4.53 -5.72
N ALA A 32 -7.18 -5.21 -5.40
CA ALA A 32 -8.42 -4.94 -6.08
C ALA A 32 -8.85 -3.53 -5.80
N ASP A 33 -8.66 -3.07 -4.54
CA ASP A 33 -9.06 -1.72 -4.17
C ASP A 33 -8.23 -0.73 -4.95
N TYR A 34 -6.92 -1.04 -5.15
CA TYR A 34 -6.05 -0.13 -5.86
C TYR A 34 -6.57 0.06 -7.27
N GLN A 35 -7.15 -0.99 -7.88
CA GLN A 35 -7.65 -0.87 -9.23
C GLN A 35 -8.78 0.13 -9.23
N GLN A 36 -9.62 0.10 -8.17
CA GLN A 36 -10.72 1.03 -8.07
C GLN A 36 -10.17 2.43 -8.04
N LEU A 37 -9.04 2.61 -7.34
CA LEU A 37 -8.43 3.92 -7.24
C LEU A 37 -7.94 4.37 -8.61
N ARG A 38 -7.34 3.43 -9.39
CA ARG A 38 -6.82 3.78 -10.71
C ARG A 38 -7.94 4.22 -11.60
N ASP A 39 -9.12 3.56 -11.49
CA ASP A 39 -10.24 3.91 -12.33
C ASP A 39 -10.95 5.11 -11.74
N LYS A 40 -10.44 5.61 -10.58
CA LYS A 40 -11.02 6.76 -9.93
C LYS A 40 -12.42 6.42 -9.51
N LYS A 41 -12.61 5.17 -9.03
CA LYS A 41 -13.90 4.73 -8.59
C LYS A 41 -13.98 4.97 -7.12
N MET A 42 -12.82 5.21 -6.48
CA MET A 42 -12.81 5.44 -5.06
C MET A 42 -11.98 6.67 -4.78
N THR A 43 -12.27 7.32 -3.63
CA THR A 43 -11.53 8.49 -3.23
C THR A 43 -10.24 8.01 -2.62
N ARG A 44 -9.17 8.84 -2.71
CA ARG A 44 -7.88 8.46 -2.19
C ARG A 44 -8.00 8.24 -0.70
N ALA A 45 -8.78 9.10 -0.01
CA ALA A 45 -8.94 8.97 1.42
C ALA A 45 -9.58 7.64 1.74
N GLU A 46 -10.56 7.22 0.90
CA GLU A 46 -11.25 5.97 1.14
C GLU A 46 -10.27 4.84 0.99
N PHE A 47 -9.34 4.93 0.01
CA PHE A 47 -8.38 3.87 -0.20
C PHE A 47 -7.52 3.74 1.03
N VAL A 48 -7.01 4.89 1.53
CA VAL A 48 -6.15 4.88 2.70
C VAL A 48 -6.92 4.34 3.88
N ARG A 49 -8.19 4.76 4.03
CA ARG A 49 -9.00 4.31 5.14
C ARG A 49 -9.09 2.81 5.14
N LYS A 50 -9.43 2.22 3.97
CA LYS A 50 -9.57 0.77 3.90
C LYS A 50 -8.22 0.12 4.02
N LEU A 51 -7.16 0.74 3.48
CA LEU A 51 -5.83 0.16 3.54
C LEU A 51 -5.41 0.06 4.99
N ARG A 52 -5.66 1.14 5.77
CA ARG A 52 -5.29 1.16 7.17
C ARG A 52 -6.07 0.10 7.90
N VAL A 53 -7.35 -0.08 7.55
CA VAL A 53 -8.18 -1.08 8.19
C VAL A 53 -7.62 -2.45 7.90
N ILE A 54 -7.17 -2.69 6.66
CA ILE A 54 -6.68 -3.99 6.26
C ILE A 54 -5.38 -4.30 6.97
N VAL A 55 -4.42 -3.35 6.98
CA VAL A 55 -3.14 -3.60 7.59
C VAL A 55 -3.22 -3.50 9.10
N GLY A 56 -4.09 -2.61 9.64
CA GLY A 56 -4.19 -2.47 11.08
C GLY A 56 -3.28 -1.35 11.52
N ASP A 57 -3.71 -0.58 12.54
CA ASP A 57 -2.93 0.54 13.03
C ASP A 57 -1.64 0.04 13.62
N ASP A 58 -1.70 -1.06 14.41
CA ASP A 58 -0.51 -1.62 15.04
C ASP A 58 0.48 -2.07 13.99
N LEU A 59 0.05 -2.26 12.73
CA LEU A 59 0.96 -2.73 11.72
C LEU A 59 1.50 -1.52 10.98
N LEU A 60 0.71 -0.42 10.95
CA LEU A 60 1.13 0.80 10.29
C LEU A 60 2.38 1.30 10.92
N ARG A 61 2.49 1.15 12.25
CA ARG A 61 3.65 1.62 12.96
C ARG A 61 4.88 0.94 12.41
N SER A 62 4.79 -0.38 12.11
CA SER A 62 5.93 -1.09 11.55
C SER A 62 6.29 -0.48 10.22
N THR A 63 5.28 -0.19 9.37
CA THR A 63 5.54 0.39 8.07
C THR A 63 6.15 1.76 8.25
N ILE A 64 5.58 2.57 9.16
CA ILE A 64 6.08 3.91 9.41
C ILE A 64 7.51 3.82 9.88
N THR A 65 7.79 2.88 10.80
CA THR A 65 9.13 2.73 11.32
C THR A 65 10.06 2.40 10.19
N THR A 66 9.65 1.51 9.26
CA THR A 66 10.50 1.14 8.15
C THR A 66 10.71 2.34 7.27
N LEU A 67 9.64 3.13 7.02
CA LEU A 67 9.76 4.31 6.17
C LEU A 67 10.73 5.28 6.80
N GLN A 68 10.68 5.44 8.15
CA GLN A 68 11.57 6.37 8.81
C GLN A 68 12.99 5.92 8.58
N ASN A 69 13.25 4.60 8.67
CA ASN A 69 14.59 4.10 8.46
C ASN A 69 14.66 3.51 7.08
N GLN A 70 14.22 4.29 6.06
CA GLN A 70 14.25 3.80 4.71
C GLN A 70 15.56 4.22 4.10
N PRO A 71 16.36 3.27 3.68
CA PRO A 71 17.65 3.55 3.08
C PRO A 71 17.53 4.13 1.70
N LYS A 72 18.55 4.93 1.29
CA LYS A 72 18.52 5.53 -0.01
C LYS A 72 19.81 5.20 -0.68
N SER A 73 19.78 5.04 -2.01
CA SER A 73 20.99 4.71 -2.74
C SER A 73 21.84 5.99 -2.85
N THR A 1 11.86 -11.59 -28.27
CA THR A 1 10.85 -12.45 -27.56
C THR A 1 10.84 -12.14 -26.09
N THR A 2 11.77 -11.28 -25.64
CA THR A 2 11.84 -10.93 -24.24
C THR A 2 11.87 -9.42 -24.17
N ARG A 3 13.09 -8.84 -24.25
CA ARG A 3 13.25 -7.40 -24.21
C ARG A 3 12.56 -6.85 -22.98
N PRO A 4 13.08 -7.19 -21.81
CA PRO A 4 12.49 -6.74 -20.56
C PRO A 4 12.69 -5.27 -20.32
N LYS A 5 11.71 -4.62 -19.67
CA LYS A 5 11.82 -3.21 -19.39
C LYS A 5 10.98 -2.96 -18.18
N SER A 6 11.45 -2.06 -17.29
CA SER A 6 10.71 -1.74 -16.09
C SER A 6 10.55 -0.25 -16.04
N PRO A 7 9.53 0.25 -16.71
CA PRO A 7 9.25 1.69 -16.75
C PRO A 7 9.03 2.29 -15.39
N TRP A 8 8.40 1.52 -14.48
CA TRP A 8 8.15 2.01 -13.16
C TRP A 8 8.18 0.82 -12.23
N MET A 9 8.33 1.08 -10.91
CA MET A 9 8.36 0.02 -9.94
C MET A 9 6.96 -0.54 -9.84
N PRO A 10 6.81 -1.83 -10.08
CA PRO A 10 5.50 -2.50 -10.06
C PRO A 10 4.67 -2.30 -8.83
N PHE A 11 5.29 -2.30 -7.63
CA PHE A 11 4.51 -2.13 -6.42
C PHE A 11 5.16 -1.04 -5.62
N PRO A 12 4.36 -0.30 -4.89
CA PRO A 12 4.84 0.78 -4.06
C PRO A 12 5.59 0.33 -2.83
N THR A 13 6.30 1.28 -2.20
CA THR A 13 7.10 0.97 -1.02
C THR A 13 6.18 0.56 0.10
N LEU A 14 4.98 1.16 0.21
CA LEU A 14 4.08 0.80 1.27
C LEU A 14 3.64 -0.63 1.11
N PHE A 15 3.26 -1.02 -0.13
CA PHE A 15 2.82 -2.37 -0.38
C PHE A 15 3.90 -3.35 -0.03
N ALA A 16 5.16 -3.03 -0.38
CA ALA A 16 6.26 -3.94 -0.07
C ALA A 16 6.36 -4.14 1.42
N ALA A 17 6.20 -3.06 2.21
CA ALA A 17 6.30 -3.18 3.65
C ALA A 17 5.16 -4.02 4.18
N ILE A 18 3.94 -3.76 3.69
CA ILE A 18 2.77 -4.47 4.15
C ILE A 18 2.79 -5.90 3.66
N SER A 19 3.27 -6.12 2.42
CA SER A 19 3.29 -7.45 1.82
C SER A 19 4.04 -8.42 2.71
N HIS A 20 5.15 -7.97 3.33
CA HIS A 20 5.92 -8.85 4.17
C HIS A 20 5.11 -9.30 5.35
N LYS A 21 4.27 -8.42 5.92
CA LYS A 21 3.49 -8.77 7.10
C LYS A 21 2.03 -8.87 6.79
N VAL A 22 1.65 -9.39 5.62
CA VAL A 22 0.23 -9.50 5.32
C VAL A 22 0.00 -10.76 4.54
N ALA A 23 -1.22 -11.33 4.66
CA ALA A 23 -1.56 -12.54 3.96
C ALA A 23 -1.80 -12.21 2.51
N GLU A 24 -1.55 -13.21 1.63
CA GLU A 24 -1.72 -13.03 0.20
C GLU A 24 -3.17 -12.76 -0.12
N ASN A 25 -4.12 -13.43 0.57
CA ASN A 25 -5.52 -13.25 0.28
C ASN A 25 -5.91 -11.82 0.59
N ASP A 26 -5.38 -11.28 1.70
CA ASP A 26 -5.68 -9.92 2.09
C ASP A 26 -5.20 -8.97 1.01
N MET A 27 -4.06 -9.28 0.36
CA MET A 27 -3.53 -8.41 -0.66
C MET A 27 -4.44 -8.42 -1.86
N LEU A 28 -5.26 -9.50 -2.04
CA LEU A 28 -6.15 -9.56 -3.17
C LEU A 28 -7.14 -8.42 -3.07
N LEU A 29 -7.64 -8.17 -1.84
CA LEU A 29 -8.60 -7.11 -1.64
C LEU A 29 -7.90 -5.79 -1.84
N ILE A 30 -6.65 -5.69 -1.36
CA ILE A 30 -5.89 -4.47 -1.49
C ILE A 30 -5.67 -4.19 -2.95
N ASN A 31 -5.30 -5.22 -3.73
CA ASN A 31 -5.06 -5.07 -5.14
C ASN A 31 -6.35 -4.66 -5.83
N ALA A 32 -7.49 -5.24 -5.39
CA ALA A 32 -8.77 -4.91 -5.99
C ALA A 32 -9.07 -3.46 -5.73
N ASP A 33 -8.73 -2.97 -4.51
CA ASP A 33 -8.98 -1.59 -4.16
C ASP A 33 -8.12 -0.70 -5.02
N TYR A 34 -6.88 -1.16 -5.30
CA TYR A 34 -5.96 -0.38 -6.12
C TYR A 34 -6.57 -0.16 -7.48
N GLN A 35 -7.28 -1.18 -8.02
CA GLN A 35 -7.90 -1.05 -9.33
C GLN A 35 -8.94 0.03 -9.26
N GLN A 36 -9.65 0.11 -8.10
CA GLN A 36 -10.68 1.13 -7.94
C GLN A 36 -10.04 2.48 -8.05
N LEU A 37 -8.81 2.64 -7.49
CA LEU A 37 -8.12 3.92 -7.55
C LEU A 37 -7.79 4.25 -8.98
N ARG A 38 -7.39 3.24 -9.78
CA ARG A 38 -7.02 3.47 -11.16
C ARG A 38 -8.21 3.96 -11.94
N ASP A 39 -9.40 3.40 -11.65
CA ASP A 39 -10.59 3.80 -12.37
C ASP A 39 -11.19 5.01 -11.69
N LYS A 40 -10.56 5.47 -10.58
CA LYS A 40 -11.06 6.61 -9.84
C LYS A 40 -12.43 6.30 -9.33
N LYS A 41 -12.59 5.06 -8.81
CA LYS A 41 -13.85 4.63 -8.28
C LYS A 41 -13.81 4.75 -6.79
N MET A 42 -12.62 5.08 -6.23
CA MET A 42 -12.50 5.20 -4.80
C MET A 42 -11.59 6.36 -4.52
N THR A 43 -11.90 7.13 -3.45
CA THR A 43 -11.11 8.29 -3.08
C THR A 43 -9.79 7.79 -2.54
N ARG A 44 -8.70 8.58 -2.75
CA ARG A 44 -7.40 8.18 -2.28
C ARG A 44 -7.42 8.13 -0.77
N ALA A 45 -8.11 9.09 -0.12
CA ALA A 45 -8.19 9.12 1.32
C ALA A 45 -8.88 7.87 1.78
N GLU A 46 -9.93 7.45 1.05
CA GLU A 46 -10.66 6.26 1.40
C GLU A 46 -9.75 5.07 1.25
N PHE A 47 -8.87 5.09 0.22
CA PHE A 47 -7.96 3.97 0.01
C PHE A 47 -7.06 3.85 1.20
N VAL A 48 -6.53 4.99 1.69
CA VAL A 48 -5.64 4.97 2.83
C VAL A 48 -6.39 4.40 4.00
N ARG A 49 -7.66 4.81 4.19
CA ARG A 49 -8.46 4.30 5.29
C ARG A 49 -8.59 2.80 5.13
N LYS A 50 -8.90 2.34 3.90
CA LYS A 50 -9.06 0.92 3.65
C LYS A 50 -7.76 0.22 3.93
N LEU A 51 -6.64 0.84 3.51
CA LEU A 51 -5.33 0.26 3.70
C LEU A 51 -5.04 0.14 5.18
N ARG A 52 -5.37 1.20 5.95
CA ARG A 52 -5.11 1.19 7.38
C ARG A 52 -5.95 0.11 8.02
N VAL A 53 -7.21 -0.07 7.56
CA VAL A 53 -8.06 -1.09 8.12
C VAL A 53 -7.50 -2.45 7.81
N ILE A 54 -7.01 -2.65 6.57
CA ILE A 54 -6.50 -3.94 6.15
C ILE A 54 -5.22 -4.27 6.89
N VAL A 55 -4.26 -3.32 6.92
CA VAL A 55 -2.99 -3.59 7.57
C VAL A 55 -3.13 -3.51 9.08
N GLY A 56 -4.03 -2.64 9.59
CA GLY A 56 -4.17 -2.51 11.03
C GLY A 56 -3.27 -1.40 11.48
N ASP A 57 -3.71 -0.61 12.48
CA ASP A 57 -2.89 0.48 12.98
C ASP A 57 -1.64 -0.07 13.60
N ASP A 58 -1.77 -1.18 14.37
CA ASP A 58 -0.64 -1.82 15.02
C ASP A 58 0.40 -2.25 14.02
N LEU A 59 0.02 -2.40 12.74
CA LEU A 59 0.95 -2.86 11.76
C LEU A 59 1.38 -1.67 10.94
N LEU A 60 0.49 -0.66 10.84
CA LEU A 60 0.78 0.55 10.09
C LEU A 60 1.96 1.22 10.75
N ARG A 61 2.00 1.21 12.09
CA ARG A 61 3.08 1.84 12.82
C ARG A 61 4.38 1.22 12.38
N SER A 62 4.41 -0.12 12.21
CA SER A 62 5.62 -0.78 11.78
C SER A 62 6.01 -0.28 10.41
N THR A 63 5.02 -0.12 9.50
CA THR A 63 5.31 0.37 8.16
C THR A 63 5.85 1.77 8.25
N ILE A 64 5.20 2.62 9.07
CA ILE A 64 5.64 4.00 9.22
C ILE A 64 7.03 4.02 9.79
N THR A 65 7.29 3.16 10.79
CA THR A 65 8.60 3.11 11.41
C THR A 65 9.62 2.73 10.36
N THR A 66 9.28 1.75 9.49
CA THR A 66 10.21 1.32 8.47
C THR A 66 10.47 2.46 7.52
N LEU A 67 9.40 3.22 7.16
CA LEU A 67 9.57 4.33 6.24
C LEU A 67 10.47 5.36 6.87
N GLN A 68 10.34 5.61 8.20
CA GLN A 68 11.17 6.59 8.85
C GLN A 68 12.60 6.12 8.82
N ASN A 69 12.83 4.81 9.05
CA ASN A 69 14.18 4.30 9.03
C ASN A 69 14.42 3.65 7.70
N GLN A 70 14.33 4.44 6.61
CA GLN A 70 14.54 3.92 5.29
C GLN A 70 15.62 4.75 4.66
N PRO A 71 16.86 4.31 4.82
CA PRO A 71 18.00 5.02 4.26
C PRO A 71 18.10 4.90 2.76
N LYS A 72 18.65 5.92 2.11
CA LYS A 72 18.80 5.88 0.68
C LYS A 72 20.03 5.08 0.36
N SER A 73 19.95 4.23 -0.69
CA SER A 73 21.08 3.42 -1.05
C SER A 73 22.05 4.29 -1.84
N THR A 1 5.85 10.28 -18.15
CA THR A 1 5.13 10.85 -19.33
C THR A 1 3.81 10.15 -19.53
N THR A 2 3.41 9.31 -18.54
CA THR A 2 2.16 8.59 -18.64
C THR A 2 1.31 8.99 -17.47
N ARG A 3 1.84 8.84 -16.23
CA ARG A 3 1.09 9.20 -15.07
C ARG A 3 1.24 10.70 -14.88
N PRO A 4 0.29 11.29 -14.21
CA PRO A 4 0.32 12.73 -13.94
C PRO A 4 1.31 13.10 -12.90
N LYS A 5 1.73 14.38 -12.90
CA LYS A 5 2.70 14.83 -11.92
C LYS A 5 2.00 14.89 -10.59
N SER A 6 2.72 14.48 -9.52
CA SER A 6 2.16 14.47 -8.19
C SER A 6 0.94 13.57 -8.18
N PRO A 7 1.17 12.29 -8.38
CA PRO A 7 0.09 11.32 -8.41
C PRO A 7 -0.45 11.00 -7.05
N TRP A 8 -1.72 10.55 -7.00
CA TRP A 8 -2.35 10.21 -5.73
C TRP A 8 -2.16 8.75 -5.47
N MET A 9 -1.44 8.04 -6.37
CA MET A 9 -1.22 6.62 -6.18
C MET A 9 -0.27 6.45 -5.03
N PRO A 10 -0.36 5.31 -4.37
CA PRO A 10 0.52 4.99 -3.26
C PRO A 10 1.90 4.62 -3.73
N PHE A 11 2.90 4.80 -2.86
CA PHE A 11 4.25 4.46 -3.25
C PHE A 11 4.41 2.97 -3.09
N PRO A 12 5.19 2.37 -3.97
CA PRO A 12 5.45 0.93 -3.93
C PRO A 12 6.13 0.51 -2.66
N THR A 13 6.81 1.47 -2.01
CA THR A 13 7.51 1.19 -0.77
C THR A 13 6.51 0.75 0.25
N LEU A 14 5.35 1.45 0.35
CA LEU A 14 4.35 1.11 1.33
C LEU A 14 3.83 -0.27 1.02
N PHE A 15 3.49 -0.51 -0.26
CA PHE A 15 2.95 -1.79 -0.69
C PHE A 15 3.91 -2.90 -0.33
N ALA A 16 5.20 -2.72 -0.69
CA ALA A 16 6.19 -3.74 -0.39
C ALA A 16 6.29 -3.95 1.10
N ALA A 17 6.21 -2.86 1.89
CA ALA A 17 6.33 -2.99 3.34
C ALA A 17 5.16 -3.79 3.88
N ILE A 18 3.93 -3.46 3.41
CA ILE A 18 2.74 -4.15 3.87
C ILE A 18 2.72 -5.56 3.35
N SER A 19 3.15 -5.76 2.08
CA SER A 19 3.12 -7.07 1.46
C SER A 19 3.92 -8.06 2.28
N HIS A 20 5.08 -7.62 2.80
CA HIS A 20 5.90 -8.52 3.59
C HIS A 20 5.15 -8.95 4.83
N LYS A 21 4.39 -8.02 5.46
CA LYS A 21 3.70 -8.33 6.69
C LYS A 21 2.21 -8.48 6.47
N VAL A 22 1.77 -9.06 5.34
CA VAL A 22 0.35 -9.21 5.14
C VAL A 22 0.08 -10.50 4.42
N ALA A 23 -1.13 -11.07 4.64
CA ALA A 23 -1.50 -12.31 4.00
C ALA A 23 -1.83 -12.02 2.56
N GLU A 24 -1.65 -13.05 1.70
CA GLU A 24 -1.92 -12.89 0.28
C GLU A 24 -3.39 -12.66 0.06
N ASN A 25 -4.26 -13.32 0.86
CA ASN A 25 -5.69 -13.16 0.67
C ASN A 25 -6.05 -11.74 0.97
N ASP A 26 -5.43 -11.17 2.03
CA ASP A 26 -5.69 -9.80 2.41
C ASP A 26 -5.27 -8.89 1.28
N MET A 27 -4.16 -9.23 0.59
CA MET A 27 -3.68 -8.42 -0.49
C MET A 27 -4.65 -8.45 -1.64
N LEU A 28 -5.47 -9.51 -1.76
CA LEU A 28 -6.41 -9.58 -2.87
C LEU A 28 -7.36 -8.42 -2.78
N LEU A 29 -7.80 -8.11 -1.54
CA LEU A 29 -8.71 -7.03 -1.34
C LEU A 29 -8.00 -5.73 -1.60
N ILE A 30 -6.72 -5.64 -1.19
CA ILE A 30 -5.95 -4.44 -1.39
C ILE A 30 -5.78 -4.20 -2.87
N ASN A 31 -5.45 -5.27 -3.63
CA ASN A 31 -5.26 -5.15 -5.07
C ASN A 31 -6.56 -4.75 -5.72
N ALA A 32 -7.70 -5.28 -5.22
CA ALA A 32 -8.98 -4.94 -5.81
C ALA A 32 -9.23 -3.46 -5.64
N ASP A 33 -8.88 -2.92 -4.44
CA ASP A 33 -9.09 -1.51 -4.17
C ASP A 33 -8.17 -0.71 -5.06
N TYR A 34 -6.97 -1.26 -5.31
CA TYR A 34 -5.98 -0.58 -6.13
C TYR A 34 -6.55 -0.34 -7.51
N GLN A 35 -7.25 -1.34 -8.09
CA GLN A 35 -7.81 -1.19 -9.42
C GLN A 35 -8.88 -0.10 -9.37
N GLN A 36 -9.66 -0.08 -8.27
CA GLN A 36 -10.70 0.91 -8.12
C GLN A 36 -10.07 2.28 -8.04
N LEU A 37 -8.90 2.38 -7.37
CA LEU A 37 -8.22 3.64 -7.24
C LEU A 37 -7.77 4.10 -8.61
N ARG A 38 -7.24 3.16 -9.43
CA ARG A 38 -6.77 3.51 -10.77
C ARG A 38 -7.93 3.97 -11.61
N ASP A 39 -9.11 3.34 -11.43
CA ASP A 39 -10.27 3.70 -12.22
C ASP A 39 -10.87 4.97 -11.68
N LYS A 40 -10.27 5.53 -10.59
CA LYS A 40 -10.76 6.75 -9.99
C LYS A 40 -12.13 6.47 -9.43
N LYS A 41 -12.30 5.25 -8.88
CA LYS A 41 -13.56 4.85 -8.30
C LYS A 41 -13.42 4.86 -6.81
N MET A 42 -12.16 5.01 -6.32
CA MET A 42 -11.93 5.02 -4.90
C MET A 42 -11.32 6.34 -4.54
N THR A 43 -11.83 6.97 -3.46
CA THR A 43 -11.30 8.24 -3.01
C THR A 43 -9.96 7.94 -2.37
N ARG A 44 -9.02 8.90 -2.42
CA ARG A 44 -7.70 8.66 -1.85
C ARG A 44 -7.82 8.40 -0.37
N ALA A 45 -8.65 9.21 0.33
CA ALA A 45 -8.83 9.05 1.76
C ALA A 45 -9.43 7.69 2.04
N GLU A 46 -10.39 7.26 1.21
CA GLU A 46 -11.04 5.98 1.40
C GLU A 46 -10.03 4.88 1.18
N PHE A 47 -9.14 5.06 0.19
CA PHE A 47 -8.14 4.05 -0.11
C PHE A 47 -7.22 3.90 1.08
N VAL A 48 -6.74 5.05 1.61
CA VAL A 48 -5.84 5.03 2.75
C VAL A 48 -6.55 4.41 3.92
N ARG A 49 -7.82 4.80 4.15
CA ARG A 49 -8.58 4.28 5.28
C ARG A 49 -8.67 2.78 5.19
N LYS A 50 -9.05 2.26 4.00
CA LYS A 50 -9.19 0.84 3.82
C LYS A 50 -7.86 0.15 3.96
N LEU A 51 -6.77 0.77 3.46
CA LEU A 51 -5.46 0.15 3.55
C LEU A 51 -5.08 0.04 5.01
N ARG A 52 -5.34 1.11 5.78
CA ARG A 52 -4.99 1.11 7.19
C ARG A 52 -5.79 0.04 7.88
N VAL A 53 -7.07 -0.14 7.51
CA VAL A 53 -7.90 -1.15 8.12
C VAL A 53 -7.36 -2.52 7.78
N ILE A 54 -6.93 -2.71 6.52
CA ILE A 54 -6.44 -4.00 6.09
C ILE A 54 -5.14 -4.35 6.78
N VAL A 55 -4.18 -3.40 6.80
CA VAL A 55 -2.90 -3.68 7.41
C VAL A 55 -3.01 -3.67 8.92
N GLY A 56 -3.93 -2.85 9.48
CA GLY A 56 -4.05 -2.78 10.92
C GLY A 56 -3.13 -1.73 11.43
N ASP A 57 -3.53 -1.06 12.54
CA ASP A 57 -2.69 -0.02 13.11
C ASP A 57 -1.42 -0.61 13.67
N ASP A 58 -1.52 -1.80 14.32
CA ASP A 58 -0.37 -2.44 14.90
C ASP A 58 0.68 -2.77 13.84
N LEU A 59 0.28 -2.84 12.56
CA LEU A 59 1.24 -3.17 11.52
C LEU A 59 1.60 -1.93 10.79
N LEU A 60 0.66 -0.95 10.75
CA LEU A 60 0.91 0.29 10.08
C LEU A 60 2.04 0.97 10.79
N ARG A 61 2.05 0.84 12.14
CA ARG A 61 3.10 1.45 12.93
C ARG A 61 4.44 0.91 12.49
N SER A 62 4.52 -0.43 12.26
CA SER A 62 5.77 -1.02 11.82
C SER A 62 6.15 -0.44 10.48
N THR A 63 5.16 -0.29 9.56
CA THR A 63 5.44 0.27 8.25
C THR A 63 5.95 1.68 8.41
N ILE A 64 5.28 2.49 9.26
CA ILE A 64 5.67 3.87 9.47
C ILE A 64 7.06 3.90 10.07
N THR A 65 7.31 3.02 11.05
CA THR A 65 8.60 2.97 11.71
C THR A 65 9.67 2.67 10.70
N THR A 66 9.40 1.72 9.77
CA THR A 66 10.37 1.37 8.76
C THR A 66 10.62 2.55 7.88
N LEU A 67 9.55 3.29 7.51
CA LEU A 67 9.71 4.44 6.64
C LEU A 67 10.56 5.48 7.33
N GLN A 68 10.37 5.67 8.65
CA GLN A 68 11.15 6.67 9.36
C GLN A 68 12.60 6.26 9.35
N ASN A 69 12.88 4.95 9.56
CA ASN A 69 14.25 4.50 9.57
C ASN A 69 14.49 3.78 8.27
N GLN A 70 14.54 4.52 7.15
CA GLN A 70 14.77 3.92 5.87
C GLN A 70 16.01 4.56 5.29
N PRO A 71 17.15 3.94 5.51
CA PRO A 71 18.41 4.46 4.99
C PRO A 71 18.58 4.23 3.53
N LYS A 72 19.39 5.08 2.87
CA LYS A 72 19.61 4.93 1.45
C LYS A 72 20.67 3.87 1.28
N SER A 73 20.49 3.01 0.26
CA SER A 73 21.45 1.96 0.01
C SER A 73 22.67 2.59 -0.65
N THR A 1 -5.44 9.45 -21.94
CA THR A 1 -4.91 9.39 -23.34
C THR A 1 -3.71 8.51 -23.41
N THR A 2 -3.61 7.54 -22.46
CA THR A 2 -2.50 6.61 -22.41
C THR A 2 -1.32 7.31 -21.79
N ARG A 3 -1.52 8.53 -21.26
CA ARG A 3 -0.44 9.25 -20.65
C ARG A 3 -0.31 8.75 -19.23
N PRO A 4 0.87 8.92 -18.65
CA PRO A 4 1.13 8.49 -17.30
C PRO A 4 0.75 9.52 -16.27
N LYS A 5 -0.58 9.67 -16.02
CA LYS A 5 -1.04 10.63 -15.05
C LYS A 5 -0.55 10.22 -13.69
N SER A 6 -0.57 8.91 -13.40
CA SER A 6 -0.12 8.42 -12.12
C SER A 6 0.75 7.22 -12.38
N PRO A 7 1.67 6.97 -11.49
CA PRO A 7 2.57 5.83 -11.61
C PRO A 7 1.88 4.52 -11.39
N TRP A 8 2.39 3.45 -12.03
CA TRP A 8 1.80 2.14 -11.90
C TRP A 8 1.90 1.69 -10.46
N MET A 9 3.09 1.85 -9.85
CA MET A 9 3.28 1.42 -8.48
C MET A 9 3.66 2.63 -7.66
N PRO A 10 2.71 3.19 -6.96
CA PRO A 10 2.96 4.33 -6.11
C PRO A 10 3.42 3.92 -4.74
N PHE A 11 4.67 4.30 -4.38
CA PHE A 11 5.22 3.97 -3.08
C PHE A 11 5.10 2.48 -2.84
N PRO A 12 5.78 1.69 -3.66
CA PRO A 12 5.75 0.24 -3.53
C PRO A 12 6.49 -0.24 -2.32
N THR A 13 7.31 0.66 -1.74
CA THR A 13 8.08 0.32 -0.58
C THR A 13 7.14 0.12 0.59
N LEU A 14 6.04 0.91 0.64
CA LEU A 14 5.09 0.77 1.71
C LEU A 14 4.42 -0.58 1.59
N PHE A 15 3.92 -0.89 0.38
CA PHE A 15 3.26 -2.16 0.15
C PHE A 15 4.20 -3.30 0.41
N ALA A 16 5.46 -3.16 0.00
CA ALA A 16 6.45 -4.21 0.22
C ALA A 16 6.57 -4.48 1.71
N ALA A 17 6.52 -3.42 2.53
CA ALA A 17 6.65 -3.58 3.97
C ALA A 17 5.48 -4.40 4.48
N ILE A 18 4.26 -4.06 4.00
CA ILE A 18 3.05 -4.73 4.44
C ILE A 18 3.01 -6.13 3.88
N SER A 19 3.48 -6.32 2.63
CA SER A 19 3.45 -7.62 1.99
C SER A 19 4.14 -8.65 2.84
N HIS A 20 5.26 -8.27 3.48
CA HIS A 20 6.00 -9.19 4.31
C HIS A 20 5.14 -9.65 5.47
N LYS A 21 4.32 -8.75 6.05
CA LYS A 21 3.53 -9.10 7.21
C LYS A 21 2.06 -9.14 6.87
N VAL A 22 1.67 -9.63 5.69
CA VAL A 22 0.26 -9.66 5.37
C VAL A 22 -0.02 -10.91 4.57
N ALA A 23 -1.27 -11.42 4.69
CA ALA A 23 -1.66 -12.61 3.98
C ALA A 23 -1.86 -12.25 2.52
N GLU A 24 -1.61 -13.25 1.64
CA GLU A 24 -1.75 -13.05 0.21
C GLU A 24 -3.19 -12.75 -0.13
N ASN A 25 -4.14 -13.42 0.57
CA ASN A 25 -5.55 -13.23 0.28
C ASN A 25 -5.91 -11.79 0.60
N ASP A 26 -5.36 -11.26 1.72
CA ASP A 26 -5.65 -9.91 2.12
C ASP A 26 -5.17 -8.95 1.04
N MET A 27 -4.03 -9.26 0.39
CA MET A 27 -3.50 -8.38 -0.62
C MET A 27 -4.42 -8.39 -1.82
N LEU A 28 -5.20 -9.46 -2.02
CA LEU A 28 -6.10 -9.52 -3.16
C LEU A 28 -7.09 -8.41 -3.05
N LEU A 29 -7.58 -8.16 -1.82
CA LEU A 29 -8.55 -7.11 -1.60
C LEU A 29 -7.88 -5.79 -1.80
N ILE A 30 -6.61 -5.67 -1.34
CA ILE A 30 -5.87 -4.43 -1.46
C ILE A 30 -5.69 -4.13 -2.92
N ASN A 31 -5.31 -5.16 -3.71
CA ASN A 31 -5.10 -4.97 -5.14
C ASN A 31 -6.41 -4.61 -5.80
N ALA A 32 -7.53 -5.22 -5.35
CA ALA A 32 -8.81 -4.95 -5.95
C ALA A 32 -9.18 -3.51 -5.69
N ASP A 33 -8.89 -3.02 -4.46
CA ASP A 33 -9.21 -1.65 -4.10
C ASP A 33 -8.39 -0.73 -4.94
N TYR A 34 -7.12 -1.11 -5.22
CA TYR A 34 -6.24 -0.28 -6.00
C TYR A 34 -6.83 -0.05 -7.37
N GLN A 35 -7.50 -1.07 -7.96
CA GLN A 35 -8.08 -0.90 -9.28
C GLN A 35 -9.15 0.17 -9.21
N GLN A 36 -9.91 0.20 -8.11
CA GLN A 36 -10.96 1.19 -7.94
C GLN A 36 -10.31 2.54 -7.91
N LEU A 37 -9.15 2.64 -7.24
CA LEU A 37 -8.45 3.91 -7.11
C LEU A 37 -7.98 4.36 -8.48
N ARG A 38 -7.44 3.43 -9.30
CA ARG A 38 -6.94 3.79 -10.62
C ARG A 38 -8.07 4.30 -11.49
N ASP A 39 -9.26 3.66 -11.36
CA ASP A 39 -10.39 4.06 -12.18
C ASP A 39 -11.05 5.27 -11.56
N LYS A 40 -10.51 5.74 -10.40
CA LYS A 40 -11.07 6.89 -9.72
C LYS A 40 -12.47 6.57 -9.29
N LYS A 41 -12.68 5.31 -8.85
CA LYS A 41 -13.97 4.88 -8.41
C LYS A 41 -13.98 4.92 -6.91
N MET A 42 -12.80 5.22 -6.30
CA MET A 42 -12.72 5.28 -4.88
C MET A 42 -11.80 6.42 -4.53
N THR A 43 -12.15 7.19 -3.47
CA THR A 43 -11.37 8.34 -3.08
C THR A 43 -10.06 7.86 -2.51
N ARG A 44 -9.01 8.71 -2.60
CA ARG A 44 -7.70 8.35 -2.11
C ARG A 44 -7.78 8.17 -0.60
N ALA A 45 -8.56 9.05 0.08
CA ALA A 45 -8.70 8.96 1.51
C ALA A 45 -9.33 7.63 1.86
N GLU A 46 -10.33 7.22 1.04
CA GLU A 46 -10.99 5.96 1.26
C GLU A 46 -10.03 4.84 1.06
N PHE A 47 -9.10 4.98 0.07
CA PHE A 47 -8.12 3.95 -0.19
C PHE A 47 -7.27 3.79 1.03
N VAL A 48 -6.79 4.92 1.58
CA VAL A 48 -5.95 4.88 2.77
C VAL A 48 -6.72 4.28 3.91
N ARG A 49 -8.01 4.67 4.05
CA ARG A 49 -8.83 4.15 5.13
C ARG A 49 -8.90 2.65 5.03
N LYS A 50 -9.17 2.12 3.82
CA LYS A 50 -9.26 0.69 3.63
C LYS A 50 -7.91 0.08 3.87
N LEU A 51 -6.84 0.77 3.44
CA LEU A 51 -5.50 0.22 3.60
C LEU A 51 -5.20 0.10 5.07
N ARG A 52 -5.55 1.13 5.87
CA ARG A 52 -5.28 1.11 7.29
C ARG A 52 -6.05 -0.02 7.92
N VAL A 53 -7.31 -0.23 7.47
CA VAL A 53 -8.12 -1.28 8.03
C VAL A 53 -7.51 -2.63 7.69
N ILE A 54 -6.98 -2.76 6.46
CA ILE A 54 -6.42 -4.03 6.02
C ILE A 54 -5.13 -4.32 6.74
N VAL A 55 -4.21 -3.34 6.80
CA VAL A 55 -2.93 -3.59 7.42
C VAL A 55 -3.03 -3.51 8.93
N GLY A 56 -3.94 -2.66 9.46
CA GLY A 56 -4.05 -2.53 10.89
C GLY A 56 -3.16 -1.40 11.33
N ASP A 57 -3.59 -0.63 12.34
CA ASP A 57 -2.80 0.49 12.82
C ASP A 57 -1.49 -0.02 13.37
N ASP A 58 -1.53 -1.17 14.08
CA ASP A 58 -0.34 -1.75 14.66
C ASP A 58 0.65 -2.13 13.58
N LEU A 59 0.19 -2.27 12.32
CA LEU A 59 1.10 -2.67 11.26
C LEU A 59 1.49 -1.43 10.52
N LEU A 60 0.55 -0.45 10.43
CA LEU A 60 0.81 0.78 9.73
C LEU A 60 1.89 1.52 10.47
N ARG A 61 1.80 1.57 11.81
CA ARG A 61 2.79 2.27 12.60
C ARG A 61 4.13 1.64 12.39
N SER A 62 4.20 0.29 12.39
CA SER A 62 5.46 -0.39 12.18
C SER A 62 5.98 -0.05 10.80
N THR A 63 5.09 -0.02 9.79
CA THR A 63 5.51 0.28 8.43
C THR A 63 6.04 1.69 8.38
N ILE A 64 5.32 2.65 9.00
CA ILE A 64 5.73 4.04 8.99
C ILE A 64 7.07 4.15 9.68
N THR A 65 7.21 3.49 10.85
CA THR A 65 8.45 3.56 11.60
C THR A 65 9.57 3.00 10.76
N THR A 66 9.33 1.86 10.08
CA THR A 66 10.36 1.25 9.27
C THR A 66 10.75 2.18 8.15
N LEU A 67 9.74 2.79 7.48
CA LEU A 67 10.01 3.68 6.36
C LEU A 67 10.84 4.85 6.83
N GLN A 68 10.58 5.36 8.04
CA GLN A 68 11.33 6.49 8.55
C GLN A 68 12.79 6.12 8.66
N ASN A 69 13.09 4.86 9.02
CA ASN A 69 14.47 4.45 9.18
C ASN A 69 15.04 4.01 7.84
N GLN A 70 14.24 4.03 6.76
CA GLN A 70 14.77 3.62 5.48
C GLN A 70 15.49 4.79 4.86
N PRO A 71 16.63 4.53 4.29
CA PRO A 71 17.43 5.58 3.65
C PRO A 71 16.90 5.95 2.30
N LYS A 72 17.25 7.16 1.82
CA LYS A 72 16.79 7.59 0.53
C LYS A 72 17.81 8.53 -0.02
N SER A 73 17.80 8.72 -1.35
CA SER A 73 18.76 9.61 -1.97
C SER A 73 18.27 11.05 -1.76
N THR A 1 12.06 -1.03 -27.76
CA THR A 1 10.89 -1.26 -26.84
C THR A 1 10.98 -0.38 -25.63
N THR A 2 11.95 0.56 -25.64
CA THR A 2 12.12 1.46 -24.51
C THR A 2 11.15 2.59 -24.68
N ARG A 3 10.89 3.32 -23.56
CA ARG A 3 9.97 4.42 -23.61
C ARG A 3 10.71 5.64 -23.12
N PRO A 4 11.41 6.30 -24.02
CA PRO A 4 12.16 7.49 -23.67
C PRO A 4 11.28 8.69 -23.46
N LYS A 5 11.73 9.63 -22.59
CA LYS A 5 10.99 10.84 -22.31
C LYS A 5 9.73 10.46 -21.58
N SER A 6 9.77 9.33 -20.83
CA SER A 6 8.61 8.90 -20.08
C SER A 6 9.06 8.64 -18.67
N PRO A 7 9.17 9.69 -17.88
CA PRO A 7 9.59 9.59 -16.51
C PRO A 7 8.49 9.19 -15.58
N TRP A 8 8.00 7.94 -15.72
CA TRP A 8 6.93 7.46 -14.88
C TRP A 8 7.45 6.21 -14.23
N MET A 9 7.57 6.23 -12.88
CA MET A 9 8.06 5.07 -12.18
C MET A 9 7.20 4.91 -10.95
N PRO A 10 6.60 3.74 -10.80
CA PRO A 10 5.78 3.47 -9.64
C PRO A 10 6.61 3.21 -8.41
N PHE A 11 6.05 3.51 -7.22
CA PHE A 11 6.79 3.30 -6.01
C PHE A 11 5.93 2.53 -5.05
N PRO A 12 5.92 1.22 -5.21
CA PRO A 12 5.14 0.35 -4.35
C PRO A 12 5.89 -0.04 -3.11
N THR A 13 6.70 0.90 -2.59
CA THR A 13 7.48 0.66 -1.41
C THR A 13 6.56 0.45 -0.24
N LEU A 14 5.49 1.27 -0.14
CA LEU A 14 4.56 1.15 0.95
C LEU A 14 3.91 -0.20 0.89
N PHE A 15 3.39 -0.58 -0.29
CA PHE A 15 2.74 -1.86 -0.45
C PHE A 15 3.69 -2.99 -0.15
N ALA A 16 4.94 -2.89 -0.63
CA ALA A 16 5.91 -3.93 -0.39
C ALA A 16 6.15 -4.09 1.10
N ALA A 17 6.17 -2.98 1.85
CA ALA A 17 6.41 -3.05 3.27
C ALA A 17 5.30 -3.82 3.94
N ILE A 18 4.04 -3.53 3.56
CA ILE A 18 2.90 -4.20 4.15
C ILE A 18 2.81 -5.61 3.65
N SER A 19 3.16 -5.83 2.37
CA SER A 19 3.06 -7.16 1.77
C SER A 19 3.86 -8.16 2.56
N HIS A 20 5.04 -7.76 3.06
CA HIS A 20 5.87 -8.68 3.81
C HIS A 20 5.16 -9.12 5.08
N LYS A 21 4.40 -8.20 5.71
CA LYS A 21 3.74 -8.54 6.96
C LYS A 21 2.25 -8.57 6.82
N VAL A 22 1.73 -9.07 5.68
CA VAL A 22 0.30 -9.11 5.52
C VAL A 22 -0.04 -10.39 4.79
N ALA A 23 -1.29 -10.89 5.01
CA ALA A 23 -1.72 -12.11 4.38
C ALA A 23 -1.93 -11.83 2.91
N GLU A 24 -1.70 -12.87 2.08
CA GLU A 24 -1.86 -12.75 0.65
C GLU A 24 -3.29 -12.47 0.31
N ASN A 25 -4.24 -13.08 1.06
CA ASN A 25 -5.65 -12.87 0.77
C ASN A 25 -5.99 -11.43 1.04
N ASP A 26 -5.41 -10.86 2.11
CA ASP A 26 -5.65 -9.47 2.45
C ASP A 26 -5.15 -8.59 1.34
N MET A 27 -4.01 -8.96 0.72
CA MET A 27 -3.44 -8.17 -0.34
C MET A 27 -4.35 -8.21 -1.55
N LEU A 28 -5.18 -9.26 -1.68
CA LEU A 28 -6.07 -9.36 -2.82
C LEU A 28 -7.03 -8.20 -2.76
N LEU A 29 -7.54 -7.89 -1.55
CA LEU A 29 -8.48 -6.79 -1.38
C LEU A 29 -7.75 -5.49 -1.62
N ILE A 30 -6.49 -5.40 -1.13
CA ILE A 30 -5.72 -4.19 -1.29
C ILE A 30 -5.49 -3.95 -2.77
N ASN A 31 -5.10 -5.03 -3.50
CA ASN A 31 -4.84 -4.92 -4.91
C ASN A 31 -6.11 -4.54 -5.63
N ALA A 32 -7.26 -5.11 -5.21
CA ALA A 32 -8.52 -4.81 -5.86
C ALA A 32 -8.84 -3.35 -5.66
N ASP A 33 -8.57 -2.83 -4.44
CA ASP A 33 -8.87 -1.43 -4.15
C ASP A 33 -7.95 -0.57 -4.97
N TYR A 34 -6.68 -1.02 -5.15
CA TYR A 34 -5.71 -0.25 -5.91
C TYR A 34 -6.22 -0.09 -7.33
N GLN A 35 -6.82 -1.15 -7.92
CA GLN A 35 -7.32 -1.05 -9.27
C GLN A 35 -8.43 -0.04 -9.30
N GLN A 36 -9.27 -0.03 -8.24
CA GLN A 36 -10.37 0.91 -8.16
C GLN A 36 -9.80 2.31 -8.07
N LEU A 37 -8.69 2.46 -7.31
CA LEU A 37 -8.07 3.76 -7.15
C LEU A 37 -7.54 4.23 -8.48
N ARG A 38 -6.88 3.33 -9.25
CA ARG A 38 -6.34 3.72 -10.54
C ARG A 38 -7.45 4.10 -11.47
N ASP A 39 -8.59 3.40 -11.38
CA ASP A 39 -9.72 3.69 -12.24
C ASP A 39 -10.42 4.94 -11.75
N LYS A 40 -9.96 5.49 -10.59
CA LYS A 40 -10.55 6.69 -10.03
C LYS A 40 -11.95 6.35 -9.61
N LYS A 41 -12.11 5.12 -9.08
CA LYS A 41 -13.40 4.66 -8.63
C LYS A 41 -13.36 4.62 -7.13
N MET A 42 -12.17 4.93 -6.54
CA MET A 42 -12.03 4.91 -5.11
C MET A 42 -11.53 6.26 -4.69
N THR A 43 -12.10 6.79 -3.59
CA THR A 43 -11.68 8.08 -3.09
C THR A 43 -10.41 7.84 -2.33
N ARG A 44 -9.49 8.84 -2.30
CA ARG A 44 -8.22 8.66 -1.61
C ARG A 44 -8.47 8.40 -0.15
N ALA A 45 -9.41 9.16 0.47
CA ALA A 45 -9.68 8.99 1.88
C ALA A 45 -10.22 7.60 2.12
N GLU A 46 -11.10 7.11 1.22
CA GLU A 46 -11.67 5.79 1.38
C GLU A 46 -10.58 4.76 1.21
N PHE A 47 -9.63 5.02 0.28
CA PHE A 47 -8.55 4.09 0.03
C PHE A 47 -7.71 3.99 1.27
N VAL A 48 -7.35 5.16 1.85
CA VAL A 48 -6.53 5.18 3.05
C VAL A 48 -7.25 4.48 4.16
N ARG A 49 -8.57 4.77 4.31
CA ARG A 49 -9.35 4.16 5.37
C ARG A 49 -9.32 2.66 5.23
N LYS A 50 -9.58 2.16 4.01
CA LYS A 50 -9.60 0.72 3.79
C LYS A 50 -8.22 0.14 3.99
N LEU A 51 -7.16 0.86 3.55
CA LEU A 51 -5.82 0.34 3.71
C LEU A 51 -5.49 0.25 5.18
N ARG A 52 -5.87 1.29 5.96
CA ARG A 52 -5.59 1.27 7.38
C ARG A 52 -6.30 0.10 8.01
N VAL A 53 -7.55 -0.17 7.57
CA VAL A 53 -8.32 -1.26 8.13
C VAL A 53 -7.64 -2.57 7.79
N ILE A 54 -7.13 -2.68 6.55
CA ILE A 54 -6.50 -3.91 6.10
C ILE A 54 -5.16 -4.08 6.80
N VAL A 55 -4.34 -3.02 6.77
CA VAL A 55 -3.01 -3.09 7.35
C VAL A 55 -3.09 -3.23 8.84
N GLY A 56 -3.95 -2.44 9.51
CA GLY A 56 -4.01 -2.50 10.95
C GLY A 56 -3.04 -1.47 11.45
N ASP A 57 -3.45 -0.65 12.44
CA ASP A 57 -2.57 0.39 12.96
C ASP A 57 -1.34 -0.25 13.56
N ASP A 58 -1.51 -1.38 14.28
CA ASP A 58 -0.38 -2.06 14.90
C ASP A 58 0.63 -2.47 13.88
N LEU A 59 0.23 -2.60 12.59
CA LEU A 59 1.17 -3.03 11.58
C LEU A 59 1.59 -1.82 10.80
N LEU A 60 0.71 -0.82 10.72
CA LEU A 60 1.00 0.39 10.01
C LEU A 60 2.16 1.05 10.68
N ARG A 61 2.19 1.00 12.03
CA ARG A 61 3.25 1.62 12.79
C ARG A 61 4.56 0.98 12.37
N SER A 62 4.58 -0.36 12.23
CA SER A 62 5.78 -1.05 11.82
C SER A 62 6.17 -0.57 10.44
N THR A 63 5.18 -0.45 9.52
CA THR A 63 5.47 -0.01 8.17
C THR A 63 6.05 1.39 8.22
N ILE A 64 5.42 2.28 9.03
CA ILE A 64 5.89 3.65 9.15
C ILE A 64 7.31 3.63 9.67
N THR A 65 7.57 2.77 10.67
CA THR A 65 8.90 2.68 11.24
C THR A 65 9.88 2.30 10.18
N THR A 66 9.52 1.33 9.30
CA THR A 66 10.43 0.92 8.24
C THR A 66 10.64 2.07 7.30
N LEU A 67 9.55 2.82 6.98
CA LEU A 67 9.65 3.95 6.07
C LEU A 67 10.59 4.98 6.65
N GLN A 68 10.53 5.19 7.99
CA GLN A 68 11.40 6.16 8.62
C GLN A 68 12.84 5.76 8.41
N ASN A 69 13.13 4.44 8.48
CA ASN A 69 14.49 3.98 8.30
C ASN A 69 14.68 3.53 6.87
N GLN A 70 13.82 4.01 5.94
CA GLN A 70 13.93 3.63 4.56
C GLN A 70 15.22 4.20 4.01
N PRO A 71 16.08 3.33 3.48
CA PRO A 71 17.36 3.77 2.91
C PRO A 71 17.19 4.73 1.77
N LYS A 72 18.13 5.70 1.65
CA LYS A 72 18.05 6.66 0.58
C LYS A 72 18.64 6.02 -0.64
N SER A 73 18.07 6.33 -1.82
CA SER A 73 18.56 5.77 -3.06
C SER A 73 18.49 4.24 -2.96
N THR A 1 16.51 10.24 -12.46
CA THR A 1 15.55 11.02 -11.62
C THR A 1 15.67 12.49 -11.89
N THR A 2 16.75 12.89 -12.59
CA THR A 2 16.96 14.29 -12.92
C THR A 2 15.91 14.70 -13.91
N ARG A 3 15.63 13.82 -14.91
CA ARG A 3 14.64 14.14 -15.92
C ARG A 3 13.70 12.98 -16.01
N PRO A 4 12.76 12.90 -15.09
CA PRO A 4 11.79 11.82 -15.08
C PRO A 4 10.74 12.01 -16.13
N LYS A 5 10.27 10.90 -16.73
CA LYS A 5 9.26 10.99 -17.75
C LYS A 5 8.26 9.89 -17.51
N SER A 6 7.09 10.27 -16.96
CA SER A 6 6.03 9.30 -16.69
C SER A 6 6.57 8.16 -15.87
N PRO A 7 6.94 8.43 -14.63
CA PRO A 7 7.47 7.39 -13.76
C PRO A 7 6.42 6.43 -13.31
N TRP A 8 6.82 5.14 -13.14
CA TRP A 8 5.88 4.13 -12.73
C TRP A 8 6.48 3.42 -11.55
N MET A 9 5.61 3.01 -10.60
CA MET A 9 6.07 2.30 -9.43
C MET A 9 5.24 1.06 -9.32
N PRO A 10 5.63 0.02 -10.04
CA PRO A 10 4.91 -1.26 -10.03
C PRO A 10 4.79 -1.87 -8.67
N PHE A 11 5.84 -1.72 -7.84
CA PHE A 11 5.82 -2.28 -6.51
C PHE A 11 6.07 -1.15 -5.53
N PRO A 12 4.99 -0.57 -5.03
CA PRO A 12 5.08 0.51 -4.07
C PRO A 12 5.81 0.13 -2.81
N THR A 13 6.49 1.11 -2.19
CA THR A 13 7.25 0.85 -0.98
C THR A 13 6.30 0.41 0.11
N LEU A 14 5.14 1.10 0.24
CA LEU A 14 4.20 0.74 1.28
C LEU A 14 3.71 -0.66 1.04
N PHE A 15 3.34 -0.99 -0.21
CA PHE A 15 2.83 -2.31 -0.52
C PHE A 15 3.85 -3.35 -0.17
N ALA A 16 5.14 -3.11 -0.52
CA ALA A 16 6.17 -4.07 -0.21
C ALA A 16 6.29 -4.27 1.28
N ALA A 17 6.20 -3.18 2.06
CA ALA A 17 6.33 -3.28 3.50
C ALA A 17 5.15 -4.02 4.07
N ILE A 18 3.93 -3.68 3.60
CA ILE A 18 2.73 -4.30 4.09
C ILE A 18 2.65 -5.74 3.64
N SER A 19 3.08 -6.03 2.39
CA SER A 19 2.99 -7.37 1.84
C SER A 19 3.72 -8.34 2.72
N HIS A 20 4.89 -7.95 3.26
CA HIS A 20 5.66 -8.83 4.11
C HIS A 20 4.86 -9.17 5.34
N LYS A 21 4.11 -8.19 5.90
CA LYS A 21 3.35 -8.42 7.11
C LYS A 21 1.88 -8.57 6.82
N VAL A 22 1.50 -9.14 5.67
CA VAL A 22 0.08 -9.29 5.40
C VAL A 22 -0.15 -10.56 4.64
N ALA A 23 -1.37 -11.14 4.78
CA ALA A 23 -1.71 -12.35 4.11
C ALA A 23 -1.96 -12.06 2.66
N GLU A 24 -1.69 -13.06 1.80
CA GLU A 24 -1.87 -12.90 0.37
C GLU A 24 -3.32 -12.67 0.04
N ASN A 25 -4.25 -13.34 0.77
CA ASN A 25 -5.66 -13.18 0.50
C ASN A 25 -6.05 -11.76 0.79
N ASP A 26 -5.50 -11.20 1.88
CA ASP A 26 -5.79 -9.84 2.26
C ASP A 26 -5.31 -8.90 1.17
N MET A 27 -4.15 -9.22 0.54
CA MET A 27 -3.61 -8.38 -0.50
C MET A 27 -4.51 -8.41 -1.70
N LEU A 28 -5.32 -9.47 -1.87
CA LEU A 28 -6.20 -9.55 -3.01
C LEU A 28 -7.18 -8.40 -2.93
N LEU A 29 -7.69 -8.12 -1.71
CA LEU A 29 -8.63 -7.04 -1.52
C LEU A 29 -7.92 -5.73 -1.73
N ILE A 30 -6.65 -5.63 -1.26
CA ILE A 30 -5.90 -4.41 -1.40
C ILE A 30 -5.70 -4.11 -2.87
N ASN A 31 -5.30 -5.15 -3.64
CA ASN A 31 -5.07 -4.95 -5.07
C ASN A 31 -6.36 -4.59 -5.75
N ALA A 32 -7.49 -5.17 -5.31
CA ALA A 32 -8.77 -4.87 -5.92
C ALA A 32 -9.08 -3.41 -5.71
N ASP A 33 -8.78 -2.89 -4.50
CA ASP A 33 -9.06 -1.50 -4.20
C ASP A 33 -8.13 -0.63 -5.01
N TYR A 34 -6.89 -1.11 -5.25
CA TYR A 34 -5.92 -0.37 -6.01
C TYR A 34 -6.47 -0.11 -7.40
N GLN A 35 -7.13 -1.12 -8.00
CA GLN A 35 -7.70 -0.94 -9.33
C GLN A 35 -8.77 0.10 -9.27
N GLN A 36 -9.57 0.10 -8.18
CA GLN A 36 -10.64 1.06 -8.02
C GLN A 36 -10.04 2.44 -7.94
N LEU A 37 -8.89 2.57 -7.23
CA LEU A 37 -8.24 3.85 -7.10
C LEU A 37 -7.78 4.32 -8.46
N ARG A 38 -7.18 3.40 -9.26
CA ARG A 38 -6.69 3.75 -10.58
C ARG A 38 -7.83 4.17 -11.46
N ASP A 39 -8.99 3.49 -11.34
CA ASP A 39 -10.13 3.81 -12.17
C ASP A 39 -10.81 5.04 -11.62
N LYS A 40 -10.29 5.59 -10.49
CA LYS A 40 -10.85 6.77 -9.87
C LYS A 40 -12.24 6.44 -9.41
N LYS A 41 -12.41 5.21 -8.89
CA LYS A 41 -13.68 4.76 -8.42
C LYS A 41 -13.63 4.77 -6.91
N MET A 42 -12.44 5.08 -6.35
CA MET A 42 -12.29 5.09 -4.92
C MET A 42 -11.57 6.36 -4.55
N THR A 43 -12.00 6.98 -3.44
CA THR A 43 -11.38 8.21 -2.96
C THR A 43 -10.03 7.85 -2.40
N ARG A 44 -9.03 8.75 -2.54
CA ARG A 44 -7.70 8.46 -2.06
C ARG A 44 -7.73 8.25 -0.57
N ALA A 45 -8.48 9.11 0.15
CA ALA A 45 -8.57 8.99 1.59
C ALA A 45 -9.21 7.67 1.93
N GLU A 46 -10.22 7.27 1.15
CA GLU A 46 -10.91 6.02 1.38
C GLU A 46 -9.94 4.89 1.18
N PHE A 47 -9.07 5.00 0.15
CA PHE A 47 -8.11 3.96 -0.14
C PHE A 47 -7.17 3.82 1.02
N VAL A 48 -6.66 4.97 1.53
CA VAL A 48 -5.75 4.95 2.65
C VAL A 48 -6.44 4.35 3.85
N ARG A 49 -7.72 4.73 4.08
CA ARG A 49 -8.47 4.22 5.21
C ARG A 49 -8.57 2.71 5.10
N LYS A 50 -8.89 2.21 3.89
CA LYS A 50 -9.02 0.79 3.68
C LYS A 50 -7.71 0.12 3.96
N LEU A 51 -6.58 0.74 3.54
CA LEU A 51 -5.28 0.13 3.78
C LEU A 51 -5.04 0.02 5.26
N ARG A 52 -5.40 1.08 6.03
CA ARG A 52 -5.18 1.07 7.45
C ARG A 52 -5.99 -0.04 8.08
N VAL A 53 -7.23 -0.24 7.61
CA VAL A 53 -8.08 -1.28 8.16
C VAL A 53 -7.49 -2.63 7.84
N ILE A 54 -6.99 -2.80 6.60
CA ILE A 54 -6.45 -4.08 6.17
C ILE A 54 -5.16 -4.39 6.88
N VAL A 55 -4.21 -3.44 6.92
CA VAL A 55 -2.93 -3.68 7.53
C VAL A 55 -3.04 -3.63 9.04
N GLY A 56 -3.94 -2.78 9.58
CA GLY A 56 -4.05 -2.65 11.02
C GLY A 56 -3.12 -1.56 11.45
N ASP A 57 -3.55 -0.71 12.40
CA ASP A 57 -2.73 0.38 12.86
C ASP A 57 -1.49 -0.16 13.53
N ASP A 58 -1.63 -1.25 14.32
CA ASP A 58 -0.51 -1.84 15.01
C ASP A 58 0.54 -2.33 14.04
N LEU A 59 0.17 -2.58 12.77
CA LEU A 59 1.15 -3.08 11.82
C LEU A 59 1.58 -1.92 10.96
N LEU A 60 0.68 -0.93 10.79
CA LEU A 60 0.98 0.24 9.98
C LEU A 60 2.11 0.98 10.64
N ARG A 61 2.08 1.05 11.99
CA ARG A 61 3.11 1.76 12.73
C ARG A 61 4.45 1.16 12.39
N SER A 62 4.52 -0.19 12.25
CA SER A 62 5.78 -0.85 11.91
C SER A 62 6.23 -0.36 10.56
N THR A 63 5.27 -0.26 9.59
CA THR A 63 5.61 0.21 8.26
C THR A 63 6.11 1.63 8.35
N ILE A 64 5.41 2.46 9.17
CA ILE A 64 5.79 3.86 9.34
C ILE A 64 7.19 3.91 9.91
N THR A 65 7.47 3.04 10.90
CA THR A 65 8.78 3.02 11.54
C THR A 65 9.83 2.74 10.50
N THR A 66 9.56 1.78 9.58
CA THR A 66 10.54 1.44 8.57
C THR A 66 10.72 2.61 7.66
N LEU A 67 9.61 3.30 7.28
CA LEU A 67 9.70 4.44 6.39
C LEU A 67 10.50 5.54 7.04
N GLN A 68 10.32 5.74 8.36
CA GLN A 68 11.03 6.79 9.06
C GLN A 68 12.51 6.54 9.02
N ASN A 69 12.95 5.27 9.14
CA ASN A 69 14.36 4.98 9.13
C ASN A 69 14.79 4.59 7.74
N GLN A 70 13.93 4.80 6.73
CA GLN A 70 14.29 4.44 5.37
C GLN A 70 15.37 5.38 4.87
N PRO A 71 15.16 6.69 4.91
CA PRO A 71 16.17 7.62 4.44
C PRO A 71 17.32 7.77 5.39
N LYS A 72 18.51 8.09 4.84
CA LYS A 72 19.67 8.25 5.68
C LYS A 72 20.29 9.56 5.31
N SER A 73 20.93 10.23 6.29
CA SER A 73 21.55 11.50 6.02
C SER A 73 22.63 11.74 7.09
N THR A 1 11.52 -11.96 -12.19
CA THR A 1 11.49 -12.14 -10.70
C THR A 1 12.65 -13.00 -10.25
N THR A 2 13.34 -13.62 -11.22
CA THR A 2 14.47 -14.48 -10.90
C THR A 2 15.72 -13.78 -11.35
N ARG A 3 15.57 -12.61 -12.00
CA ARG A 3 16.71 -11.87 -12.47
C ARG A 3 17.24 -11.07 -11.32
N PRO A 4 18.55 -11.10 -11.12
CA PRO A 4 19.18 -10.36 -10.05
C PRO A 4 19.21 -8.89 -10.32
N LYS A 5 19.27 -8.07 -9.24
CA LYS A 5 19.32 -6.63 -9.37
C LYS A 5 18.07 -6.18 -10.08
N SER A 6 16.90 -6.67 -9.62
CA SER A 6 15.64 -6.28 -10.23
C SER A 6 15.38 -4.85 -9.86
N PRO A 7 14.70 -4.14 -10.75
CA PRO A 7 14.37 -2.74 -10.53
C PRO A 7 13.31 -2.56 -9.49
N TRP A 8 13.25 -1.37 -8.89
CA TRP A 8 12.27 -1.11 -7.87
C TRP A 8 11.90 0.34 -7.96
N MET A 9 10.72 0.69 -7.40
CA MET A 9 10.27 2.06 -7.44
C MET A 9 9.86 2.41 -6.03
N PRO A 10 9.92 3.68 -5.71
CA PRO A 10 9.54 4.15 -4.38
C PRO A 10 8.06 4.20 -4.14
N PHE A 11 7.24 4.17 -5.21
CA PHE A 11 5.81 4.24 -5.04
C PHE A 11 5.28 3.03 -4.29
N PRO A 12 5.59 1.81 -4.72
CA PRO A 12 5.11 0.62 -4.03
C PRO A 12 5.92 0.25 -2.81
N THR A 13 6.62 1.23 -2.20
CA THR A 13 7.41 0.94 -1.01
C THR A 13 6.49 0.52 0.09
N LEU A 14 5.36 1.25 0.25
CA LEU A 14 4.43 0.93 1.31
C LEU A 14 3.84 -0.43 1.05
N PHE A 15 3.40 -0.69 -0.20
CA PHE A 15 2.81 -1.97 -0.54
C PHE A 15 3.78 -3.08 -0.26
N ALA A 16 5.07 -2.90 -0.65
CA ALA A 16 6.05 -3.92 -0.39
C ALA A 16 6.17 -4.16 1.10
N ALA A 17 6.11 -3.08 1.90
CA ALA A 17 6.24 -3.21 3.34
C ALA A 17 5.05 -3.98 3.87
N ILE A 18 3.84 -3.63 3.42
CA ILE A 18 2.63 -4.29 3.88
C ILE A 18 2.57 -5.70 3.36
N SER A 19 2.99 -5.91 2.09
CA SER A 19 2.93 -7.22 1.47
C SER A 19 3.69 -8.24 2.29
N HIS A 20 4.85 -7.85 2.84
CA HIS A 20 5.64 -8.77 3.63
C HIS A 20 4.89 -9.14 4.90
N LYS A 21 4.14 -8.17 5.48
CA LYS A 21 3.45 -8.41 6.72
C LYS A 21 1.96 -8.52 6.52
N VAL A 22 1.51 -9.13 5.41
CA VAL A 22 0.08 -9.23 5.19
C VAL A 22 -0.21 -10.55 4.52
N ALA A 23 -1.42 -11.09 4.77
CA ALA A 23 -1.82 -12.35 4.17
C ALA A 23 -2.04 -12.12 2.71
N GLU A 24 -1.84 -13.18 1.89
CA GLU A 24 -2.01 -13.07 0.47
C GLU A 24 -3.44 -12.73 0.13
N ASN A 25 -4.41 -13.34 0.86
CA ASN A 25 -5.80 -13.09 0.57
C ASN A 25 -6.13 -11.66 0.89
N ASP A 26 -5.56 -11.14 1.99
CA ASP A 26 -5.80 -9.77 2.40
C ASP A 26 -5.26 -8.84 1.34
N MET A 27 -4.10 -9.22 0.76
CA MET A 27 -3.46 -8.41 -0.24
C MET A 27 -4.33 -8.35 -1.47
N LEU A 28 -5.18 -9.39 -1.70
CA LEU A 28 -6.03 -9.40 -2.87
C LEU A 28 -7.00 -8.25 -2.78
N LEU A 29 -7.54 -8.01 -1.56
CA LEU A 29 -8.49 -6.93 -1.37
C LEU A 29 -7.78 -5.63 -1.57
N ILE A 30 -6.53 -5.54 -1.07
CA ILE A 30 -5.76 -4.32 -1.19
C ILE A 30 -5.52 -4.05 -2.65
N ASN A 31 -5.12 -5.09 -3.42
CA ASN A 31 -4.85 -4.93 -4.83
C ASN A 31 -6.12 -4.55 -5.54
N ALA A 32 -7.26 -5.16 -5.16
CA ALA A 32 -8.52 -4.85 -5.80
C ALA A 32 -8.88 -3.41 -5.54
N ASP A 33 -8.63 -2.94 -4.31
CA ASP A 33 -8.94 -1.57 -3.96
C ASP A 33 -8.06 -0.64 -4.75
N TYR A 34 -6.80 -1.06 -4.98
CA TYR A 34 -5.87 -0.24 -5.73
C TYR A 34 -6.40 -0.03 -7.13
N GLN A 35 -7.03 -1.08 -7.73
CA GLN A 35 -7.57 -0.94 -9.06
C GLN A 35 -8.68 0.08 -9.04
N GLN A 36 -9.48 0.08 -7.95
CA GLN A 36 -10.58 1.03 -7.82
C GLN A 36 -9.98 2.42 -7.78
N LEU A 37 -8.84 2.58 -7.08
CA LEU A 37 -8.20 3.87 -6.97
C LEU A 37 -7.71 4.30 -8.34
N ARG A 38 -7.11 3.37 -9.12
CA ARG A 38 -6.59 3.70 -10.43
C ARG A 38 -7.72 4.09 -11.35
N ASP A 39 -8.87 3.39 -11.25
CA ASP A 39 -9.99 3.69 -12.11
C ASP A 39 -10.72 4.89 -11.57
N LYS A 40 -10.29 5.42 -10.40
CA LYS A 40 -10.91 6.58 -9.80
C LYS A 40 -12.32 6.22 -9.41
N LYS A 41 -12.48 4.98 -8.91
CA LYS A 41 -13.76 4.50 -8.48
C LYS A 41 -13.80 4.60 -6.98
N MET A 42 -12.66 5.02 -6.39
CA MET A 42 -12.58 5.12 -4.96
C MET A 42 -11.66 6.28 -4.66
N THR A 43 -11.99 7.05 -3.60
CA THR A 43 -11.18 8.21 -3.24
C THR A 43 -9.92 7.71 -2.60
N ARG A 44 -8.81 8.48 -2.74
CA ARG A 44 -7.54 8.07 -2.17
C ARG A 44 -7.65 8.03 -0.68
N ALA A 45 -8.45 8.94 -0.09
CA ALA A 45 -8.62 8.96 1.35
C ALA A 45 -9.26 7.68 1.77
N GLU A 46 -10.24 7.21 0.96
CA GLU A 46 -10.93 5.98 1.26
C GLU A 46 -9.95 4.84 1.11
N PHE A 47 -9.01 4.94 0.14
CA PHE A 47 -8.04 3.88 -0.07
C PHE A 47 -7.21 3.76 1.17
N VAL A 48 -6.72 4.91 1.70
CA VAL A 48 -5.90 4.90 2.89
C VAL A 48 -6.69 4.31 4.03
N ARG A 49 -7.98 4.69 4.14
CA ARG A 49 -8.81 4.17 5.22
C ARG A 49 -8.87 2.66 5.12
N LYS A 50 -9.12 2.14 3.89
CA LYS A 50 -9.21 0.71 3.71
C LYS A 50 -7.86 0.09 3.96
N LEU A 51 -6.77 0.76 3.54
CA LEU A 51 -5.44 0.23 3.72
C LEU A 51 -5.16 0.10 5.19
N ARG A 52 -5.52 1.14 5.99
CA ARG A 52 -5.28 1.12 7.41
C ARG A 52 -6.08 0.01 8.03
N VAL A 53 -7.33 -0.18 7.58
CA VAL A 53 -8.18 -1.23 8.12
C VAL A 53 -7.60 -2.58 7.80
N ILE A 54 -7.10 -2.75 6.55
CA ILE A 54 -6.57 -4.02 6.13
C ILE A 54 -5.26 -4.33 6.83
N VAL A 55 -4.32 -3.36 6.84
CA VAL A 55 -3.03 -3.61 7.46
C VAL A 55 -3.14 -3.59 8.96
N GLY A 56 -4.02 -2.74 9.53
CA GLY A 56 -4.13 -2.65 10.96
C GLY A 56 -3.17 -1.58 11.43
N ASP A 57 -3.58 -0.78 12.44
CA ASP A 57 -2.73 0.29 12.94
C ASP A 57 -1.48 -0.31 13.54
N ASP A 58 -1.62 -1.44 14.27
CA ASP A 58 -0.48 -2.08 14.91
C ASP A 58 0.54 -2.53 13.87
N LEU A 59 0.13 -2.68 12.59
CA LEU A 59 1.08 -3.13 11.60
C LEU A 59 1.49 -1.93 10.80
N LEU A 60 0.59 -0.92 10.72
CA LEU A 60 0.88 0.30 9.99
C LEU A 60 2.03 0.98 10.65
N ARG A 61 2.06 0.94 12.00
CA ARG A 61 3.12 1.58 12.75
C ARG A 61 4.44 1.00 12.32
N SER A 62 4.52 -0.34 12.13
CA SER A 62 5.75 -0.95 11.70
C SER A 62 6.12 -0.44 10.33
N THR A 63 5.12 -0.30 9.43
CA THR A 63 5.39 0.20 8.09
C THR A 63 5.90 1.61 8.18
N ILE A 64 5.23 2.45 9.00
CA ILE A 64 5.63 3.84 9.16
C ILE A 64 7.03 3.89 9.72
N THR A 65 7.32 3.03 10.72
CA THR A 65 8.63 3.01 11.34
C THR A 65 9.65 2.65 10.29
N THR A 66 9.32 1.67 9.40
CA THR A 66 10.25 1.27 8.38
C THR A 66 10.47 2.41 7.43
N LEU A 67 9.38 3.14 7.07
CA LEU A 67 9.51 4.26 6.14
C LEU A 67 10.40 5.32 6.74
N GLN A 68 10.27 5.56 8.06
CA GLN A 68 11.09 6.56 8.70
C GLN A 68 12.53 6.14 8.61
N ASN A 69 12.82 4.83 8.80
CA ASN A 69 14.18 4.36 8.73
C ASN A 69 14.40 3.82 7.34
N GLN A 70 14.17 4.66 6.31
CA GLN A 70 14.37 4.22 4.94
C GLN A 70 14.93 5.38 4.17
N PRO A 71 16.22 5.62 4.32
CA PRO A 71 16.87 6.71 3.61
C PRO A 71 16.96 6.48 2.13
N LYS A 72 17.01 5.18 1.72
CA LYS A 72 17.09 4.86 0.32
C LYS A 72 15.80 5.26 -0.32
N SER A 73 14.66 5.02 0.38
CA SER A 73 13.37 5.38 -0.15
C SER A 73 12.86 6.57 0.66
N THR A 1 8.31 7.45 -30.54
CA THR A 1 7.86 6.02 -30.45
C THR A 1 8.61 5.30 -29.36
N THR A 2 9.39 6.04 -28.56
CA THR A 2 10.14 5.43 -27.49
C THR A 2 9.20 5.20 -26.34
N ARG A 3 9.58 4.28 -25.43
CA ARG A 3 8.75 3.99 -24.29
C ARG A 3 9.64 4.03 -23.07
N PRO A 4 9.37 4.95 -22.17
CA PRO A 4 10.15 5.09 -20.96
C PRO A 4 9.84 4.01 -19.95
N LYS A 5 10.71 3.88 -18.92
CA LYS A 5 10.49 2.87 -17.91
C LYS A 5 9.28 3.26 -17.13
N SER A 6 8.42 2.26 -16.82
CA SER A 6 7.21 2.52 -16.08
C SER A 6 7.53 2.42 -14.61
N PRO A 7 7.22 3.46 -13.86
CA PRO A 7 7.46 3.46 -12.42
C PRO A 7 6.73 2.36 -11.72
N TRP A 8 7.27 1.90 -10.57
CA TRP A 8 6.66 0.81 -9.84
C TRP A 8 5.48 1.35 -9.06
N MET A 9 4.46 1.86 -9.79
CA MET A 9 3.27 2.36 -9.15
C MET A 9 2.46 1.22 -8.56
N PRO A 10 2.25 0.13 -9.31
CA PRO A 10 1.49 -1.01 -8.81
C PRO A 10 2.06 -1.65 -7.57
N PHE A 11 3.38 -1.49 -7.35
CA PHE A 11 4.01 -2.08 -6.19
C PHE A 11 4.73 -0.99 -5.45
N PRO A 12 3.98 -0.23 -4.67
CA PRO A 12 4.53 0.86 -3.89
C PRO A 12 5.31 0.39 -2.69
N THR A 13 6.03 1.34 -2.06
CA THR A 13 6.85 1.03 -0.90
C THR A 13 5.96 0.60 0.23
N LEU A 14 4.75 1.18 0.35
CA LEU A 14 3.87 0.82 1.44
C LEU A 14 3.46 -0.63 1.27
N PHE A 15 3.06 -1.02 0.05
CA PHE A 15 2.62 -2.39 -0.20
C PHE A 15 3.75 -3.34 0.08
N ALA A 16 4.99 -2.98 -0.30
CA ALA A 16 6.11 -3.85 -0.06
C ALA A 16 6.29 -4.09 1.41
N ALA A 17 6.13 -3.04 2.23
CA ALA A 17 6.32 -3.18 3.67
C ALA A 17 5.24 -4.08 4.24
N ILE A 18 4.00 -3.86 3.77
CA ILE A 18 2.86 -4.60 4.27
C ILE A 18 2.87 -6.02 3.76
N SER A 19 3.32 -6.24 2.51
CA SER A 19 3.31 -7.57 1.92
C SER A 19 4.09 -8.56 2.76
N HIS A 20 5.12 -8.10 3.50
CA HIS A 20 5.89 -9.03 4.30
C HIS A 20 5.07 -9.51 5.48
N LYS A 21 4.20 -8.65 6.04
CA LYS A 21 3.44 -9.03 7.22
C LYS A 21 1.97 -9.11 6.90
N VAL A 22 1.59 -9.57 5.71
CA VAL A 22 0.17 -9.64 5.40
C VAL A 22 -0.08 -10.89 4.61
N ALA A 23 -1.33 -11.42 4.73
CA ALA A 23 -1.69 -12.62 4.02
C ALA A 23 -1.86 -12.29 2.56
N GLU A 24 -1.58 -13.28 1.69
CA GLU A 24 -1.70 -13.09 0.26
C GLU A 24 -3.13 -12.82 -0.11
N ASN A 25 -4.09 -13.50 0.55
CA ASN A 25 -5.50 -13.32 0.22
C ASN A 25 -5.89 -11.90 0.55
N ASP A 26 -5.36 -11.38 1.68
CA ASP A 26 -5.68 -10.03 2.10
C ASP A 26 -5.21 -9.05 1.05
N MET A 27 -4.06 -9.34 0.41
CA MET A 27 -3.52 -8.44 -0.59
C MET A 27 -4.43 -8.44 -1.81
N LEU A 28 -5.22 -9.52 -2.02
CA LEU A 28 -6.10 -9.56 -3.16
C LEU A 28 -7.10 -8.45 -3.06
N LEU A 29 -7.63 -8.22 -1.83
CA LEU A 29 -8.60 -7.16 -1.63
C LEU A 29 -7.92 -5.84 -1.79
N ILE A 30 -6.67 -5.73 -1.28
CA ILE A 30 -5.92 -4.49 -1.37
C ILE A 30 -5.68 -4.18 -2.83
N ASN A 31 -5.25 -5.21 -3.61
CA ASN A 31 -4.97 -5.02 -5.02
C ASN A 31 -6.24 -4.61 -5.72
N ALA A 32 -7.39 -5.23 -5.36
CA ALA A 32 -8.64 -4.90 -6.00
C ALA A 32 -8.98 -3.46 -5.73
N ASP A 33 -8.72 -2.99 -4.49
CA ASP A 33 -9.03 -1.61 -4.13
C ASP A 33 -8.12 -0.71 -4.93
N TYR A 34 -6.86 -1.14 -5.14
CA TYR A 34 -5.91 -0.34 -5.89
C TYR A 34 -6.41 -0.14 -7.29
N GLN A 35 -7.03 -1.18 -7.90
CA GLN A 35 -7.53 -1.06 -9.25
C GLN A 35 -8.62 -0.01 -9.25
N GLN A 36 -9.45 -0.03 -8.18
CA GLN A 36 -10.52 0.94 -8.06
C GLN A 36 -9.92 2.31 -7.92
N LEU A 37 -8.80 2.42 -7.18
CA LEU A 37 -8.15 3.69 -6.98
C LEU A 37 -7.65 4.22 -8.31
N ARG A 38 -7.02 3.36 -9.14
CA ARG A 38 -6.50 3.79 -10.43
C ARG A 38 -7.65 4.21 -11.31
N ASP A 39 -8.79 3.49 -11.22
CA ASP A 39 -9.94 3.81 -12.04
C ASP A 39 -10.62 5.03 -11.48
N LYS A 40 -10.14 5.53 -10.33
CA LYS A 40 -10.71 6.70 -9.69
C LYS A 40 -12.10 6.36 -9.25
N LYS A 41 -12.27 5.10 -8.77
CA LYS A 41 -13.55 4.64 -8.28
C LYS A 41 -13.46 4.62 -6.78
N MET A 42 -12.24 4.91 -6.24
CA MET A 42 -12.05 4.90 -4.82
C MET A 42 -11.44 6.23 -4.45
N THR A 43 -11.94 6.85 -3.37
CA THR A 43 -11.42 8.13 -2.92
C THR A 43 -10.06 7.83 -2.33
N ARG A 44 -9.09 8.76 -2.46
CA ARG A 44 -7.76 8.50 -1.95
C ARG A 44 -7.82 8.36 -0.45
N ALA A 45 -8.61 9.23 0.22
CA ALA A 45 -8.73 9.18 1.66
C ALA A 45 -9.35 7.86 2.04
N GLU A 46 -10.36 7.42 1.26
CA GLU A 46 -11.04 6.18 1.55
C GLU A 46 -10.07 5.04 1.34
N PHE A 47 -9.21 5.15 0.30
CA PHE A 47 -8.25 4.11 0.01
C PHE A 47 -7.32 3.95 1.20
N VAL A 48 -6.79 5.09 1.70
CA VAL A 48 -5.89 5.05 2.83
C VAL A 48 -6.61 4.48 4.02
N ARG A 49 -7.89 4.90 4.23
CA ARG A 49 -8.65 4.41 5.35
C ARG A 49 -8.79 2.91 5.24
N LYS A 50 -9.13 2.42 4.03
CA LYS A 50 -9.29 0.99 3.81
C LYS A 50 -7.96 0.30 4.04
N LEU A 51 -6.86 0.94 3.58
CA LEU A 51 -5.55 0.36 3.72
C LEU A 51 -5.22 0.25 5.19
N ARG A 52 -5.50 1.30 5.98
CA ARG A 52 -5.20 1.29 7.39
C ARG A 52 -6.01 0.21 8.06
N VAL A 53 -7.29 0.04 7.65
CA VAL A 53 -8.13 -0.97 8.24
C VAL A 53 -7.57 -2.35 7.92
N ILE A 54 -7.11 -2.54 6.67
CA ILE A 54 -6.59 -3.83 6.25
C ILE A 54 -5.33 -4.17 6.98
N VAL A 55 -4.36 -3.23 7.01
CA VAL A 55 -3.09 -3.50 7.66
C VAL A 55 -3.22 -3.43 9.16
N GLY A 56 -4.11 -2.57 9.69
CA GLY A 56 -4.24 -2.44 11.12
C GLY A 56 -3.28 -1.38 11.58
N ASP A 57 -3.64 -0.67 12.66
CA ASP A 57 -2.79 0.38 13.19
C ASP A 57 -1.49 -0.23 13.66
N ASP A 58 -1.55 -1.40 14.33
CA ASP A 58 -0.36 -2.05 14.83
C ASP A 58 0.58 -2.43 13.70
N LEU A 59 0.07 -2.50 12.46
CA LEU A 59 0.95 -2.88 11.36
C LEU A 59 1.35 -1.61 10.65
N LEU A 60 0.45 -0.60 10.69
CA LEU A 60 0.72 0.66 10.05
C LEU A 60 1.91 1.29 10.71
N ARG A 61 1.98 1.15 12.06
CA ARG A 61 3.09 1.72 12.80
C ARG A 61 4.38 1.11 12.31
N SER A 62 4.38 -0.23 12.09
CA SER A 62 5.59 -0.88 11.61
C SER A 62 5.95 -0.34 10.25
N THR A 63 4.94 -0.12 9.37
CA THR A 63 5.21 0.39 8.04
C THR A 63 5.77 1.79 8.17
N ILE A 64 5.15 2.62 9.02
CA ILE A 64 5.61 3.99 9.21
C ILE A 64 7.02 3.97 9.74
N THR A 65 7.29 3.08 10.71
CA THR A 65 8.62 2.99 11.30
C THR A 65 9.59 2.62 10.23
N THR A 66 9.23 1.67 9.34
CA THR A 66 10.12 1.24 8.28
C THR A 66 10.38 2.40 7.36
N LEU A 67 9.33 3.18 7.03
CA LEU A 67 9.48 4.31 6.13
C LEU A 67 10.41 5.32 6.76
N GLN A 68 10.31 5.53 8.09
CA GLN A 68 11.16 6.50 8.75
C GLN A 68 12.59 6.04 8.62
N ASN A 69 12.85 4.73 8.80
CA ASN A 69 14.20 4.23 8.70
C ASN A 69 14.40 3.65 7.32
N GLN A 70 14.17 4.48 6.27
CA GLN A 70 14.35 4.01 4.92
C GLN A 70 15.72 4.44 4.45
N PRO A 71 16.00 5.73 4.41
CA PRO A 71 17.31 6.20 3.98
C PRO A 71 18.38 5.98 4.99
N LYS A 72 19.63 5.82 4.52
CA LYS A 72 20.74 5.59 5.42
C LYS A 72 21.51 6.87 5.50
N SER A 73 21.68 7.40 6.73
CA SER A 73 22.42 8.63 6.89
C SER A 73 22.91 8.70 8.34
#